data_7KUA
# 
_entry.id   7KUA 
# 
_audit_conform.dict_name       mmcif_pdbx.dic 
_audit_conform.dict_version    5.380 
_audit_conform.dict_location   http://mmcif.pdb.org/dictionaries/ascii/mmcif_pdbx.dic 
# 
loop_
_database_2.database_id 
_database_2.database_code 
_database_2.pdbx_database_accession 
_database_2.pdbx_DOI 
PDB   7KUA         pdb_00007kua 10.2210/pdb7kua/pdb 
WWPDB D_1000253168 ?            ?                   
# 
_pdbx_database_status.status_code                     REL 
_pdbx_database_status.status_code_sf                  REL 
_pdbx_database_status.status_code_mr                  ? 
_pdbx_database_status.entry_id                        7KUA 
_pdbx_database_status.recvd_initial_deposition_date   2020-11-24 
_pdbx_database_status.SG_entry                        N 
_pdbx_database_status.deposit_site                    RCSB 
_pdbx_database_status.process_site                    RCSB 
_pdbx_database_status.status_code_cs                  ? 
_pdbx_database_status.status_code_nmr_data            ? 
_pdbx_database_status.methods_development_category    ? 
_pdbx_database_status.pdb_format_compatible           Y 
# 
loop_
_audit_author.name 
_audit_author.pdbx_ordinal 
_audit_author.identifier_ORCID 
'Walton, W.G.'  1 0000-0001-6745-534X 
'Lietzan, A.D.' 2 0000-0001-6388-2491 
'Redinbo, M.R.' 3 0000-0003-0814-5346 
'Dangl, J.L.'   4 0000-0003-3199-8654 
# 
_citation.abstract                  ? 
_citation.abstract_id_CAS           ? 
_citation.book_id_ISBN              ? 
_citation.book_publisher            ? 
_citation.book_publisher_city       ? 
_citation.book_title                ? 
_citation.coordinate_linkage        ? 
_citation.country                   UK 
_citation.database_id_Medline       ? 
_citation.details                   ? 
_citation.id                        primary 
_citation.journal_abbrev            'Nat Microbiol' 
_citation.journal_id_ASTM           ? 
_citation.journal_id_CSD            ? 
_citation.journal_id_ISSN           2058-5276 
_citation.journal_full              ? 
_citation.journal_issue             ? 
_citation.journal_volume            7 
_citation.language                  ? 
_citation.page_first                1817 
_citation.page_last                 1833 
_citation.title                     'Diverse MarR bacterial regulators of auxin catabolism in the plant microbiome.' 
_citation.year                      2022 
_citation.database_id_CSD           ? 
_citation.pdbx_database_id_DOI      10.1038/s41564-022-01244-3 
_citation.pdbx_database_id_PubMed   36266335 
_citation.unpublished_flag          ? 
# 
loop_
_citation_author.citation_id 
_citation_author.name 
_citation_author.ordinal 
_citation_author.identifier_ORCID 
primary 'Conway, J.M.'       1  0000-0002-2715-2149 
primary 'Walton, W.G.'       2  ?                   
primary 'Salas-Gonzalez, I.' 3  0000-0002-0347-5058 
primary 'Law, T.F.'          4  ?                   
primary 'Lindberg, C.A.'     5  ?                   
primary 'Crook, L.E.'        6  ?                   
primary 'Kosina, S.M.'       7  0000-0003-2885-1248 
primary 'Fitzpatrick, C.R.'  8  ?                   
primary 'Lietzan, A.D.'      9  0000-0001-6388-2491 
primary 'Northen, T.R.'      10 0000-0001-8404-3259 
primary 'Jones, C.D.'        11 ?                   
primary 'Finkel, O.M.'       12 0000-0003-4770-0402 
primary 'Redinbo, M.R.'      13 0000-0003-0814-5346 
primary 'Dangl, J.L.'        14 0000-0003-3199-8654 
# 
_cell.angle_alpha                  90.000 
_cell.angle_alpha_esd              ? 
_cell.angle_beta                   90.000 
_cell.angle_beta_esd               ? 
_cell.angle_gamma                  120.000 
_cell.angle_gamma_esd              ? 
_cell.entry_id                     7KUA 
_cell.details                      ? 
_cell.formula_units_Z              ? 
_cell.length_a                     57.557 
_cell.length_a_esd                 ? 
_cell.length_b                     57.557 
_cell.length_b_esd                 ? 
_cell.length_c                     91.384 
_cell.length_c_esd                 ? 
_cell.volume                       262178.512 
_cell.volume_esd                   ? 
_cell.Z_PDB                        6 
_cell.reciprocal_angle_alpha       ? 
_cell.reciprocal_angle_beta        ? 
_cell.reciprocal_angle_gamma       ? 
_cell.reciprocal_angle_alpha_esd   ? 
_cell.reciprocal_angle_beta_esd    ? 
_cell.reciprocal_angle_gamma_esd   ? 
_cell.reciprocal_length_a          ? 
_cell.reciprocal_length_b          ? 
_cell.reciprocal_length_c          ? 
_cell.reciprocal_length_a_esd      ? 
_cell.reciprocal_length_b_esd      ? 
_cell.reciprocal_length_c_esd      ? 
_cell.pdbx_unique_axis             ? 
# 
_symmetry.entry_id                         7KUA 
_symmetry.cell_setting                     ? 
_symmetry.Int_Tables_number                152 
_symmetry.space_group_name_Hall            
;P 31 2"
;
_symmetry.space_group_name_H-M             'P 31 2 1' 
_symmetry.pdbx_full_space_group_name_H-M   ? 
# 
loop_
_entity.id 
_entity.type 
_entity.src_method 
_entity.pdbx_description 
_entity.formula_weight 
_entity.pdbx_number_of_molecules 
_entity.pdbx_ec 
_entity.pdbx_mutation 
_entity.pdbx_fragment 
_entity.details 
1 polymer     man 'Transcriptional regulator, MarR family' 22120.930 1  ? ? ? ? 
2 non-polymer syn '1H-INDOL-3-YLACETIC ACID'               175.184   1  ? ? ? ? 
3 water       nat water                                    18.015    58 ? ? ? ? 
# 
_entity_name_com.entity_id   1 
_entity_name_com.name        'IacR protein' 
# 
_entity_poly.entity_id                      1 
_entity_poly.type                           'polypeptide(L)' 
_entity_poly.nstd_linkage                   no 
_entity_poly.nstd_monomer                   no 
_entity_poly.pdbx_seq_one_letter_code       
;MHHHHHHSSGVDLGTENLYFQSNAMSNAKNTSAASPARKGHSHHDPASDEFRKEDFPFYWLARVHGRYTQNMERLLKKID
LDVPRWRVLWILNENGESSISEISTHAIAKLSTITKIVYRMKEDGLVDTAPSPEDGRVTQVRITEVGLQNIERMQEVTRE
LFQRSFKGLTEAQVQRLNRMLEVVFHNLETL
;
_entity_poly.pdbx_seq_one_letter_code_can   
;MHHHHHHSSGVDLGTENLYFQSNAMSNAKNTSAASPARKGHSHHDPASDEFRKEDFPFYWLARVHGRYTQNMERLLKKID
LDVPRWRVLWILNENGESSISEISTHAIAKLSTITKIVYRMKEDGLVDTAPSPEDGRVTQVRITEVGLQNIERMQEVTRE
LFQRSFKGLTEAQVQRLNRMLEVVFHNLETL
;
_entity_poly.pdbx_strand_id                 A 
_entity_poly.pdbx_target_identifier         ? 
# 
loop_
_entity_poly_seq.entity_id 
_entity_poly_seq.num 
_entity_poly_seq.mon_id 
_entity_poly_seq.hetero 
1 1   MET n 
1 2   HIS n 
1 3   HIS n 
1 4   HIS n 
1 5   HIS n 
1 6   HIS n 
1 7   HIS n 
1 8   SER n 
1 9   SER n 
1 10  GLY n 
1 11  VAL n 
1 12  ASP n 
1 13  LEU n 
1 14  GLY n 
1 15  THR n 
1 16  GLU n 
1 17  ASN n 
1 18  LEU n 
1 19  TYR n 
1 20  PHE n 
1 21  GLN n 
1 22  SER n 
1 23  ASN n 
1 24  ALA n 
1 25  MET n 
1 26  SER n 
1 27  ASN n 
1 28  ALA n 
1 29  LYS n 
1 30  ASN n 
1 31  THR n 
1 32  SER n 
1 33  ALA n 
1 34  ALA n 
1 35  SER n 
1 36  PRO n 
1 37  ALA n 
1 38  ARG n 
1 39  LYS n 
1 40  GLY n 
1 41  HIS n 
1 42  SER n 
1 43  HIS n 
1 44  HIS n 
1 45  ASP n 
1 46  PRO n 
1 47  ALA n 
1 48  SER n 
1 49  ASP n 
1 50  GLU n 
1 51  PHE n 
1 52  ARG n 
1 53  LYS n 
1 54  GLU n 
1 55  ASP n 
1 56  PHE n 
1 57  PRO n 
1 58  PHE n 
1 59  TYR n 
1 60  TRP n 
1 61  LEU n 
1 62  ALA n 
1 63  ARG n 
1 64  VAL n 
1 65  HIS n 
1 66  GLY n 
1 67  ARG n 
1 68  TYR n 
1 69  THR n 
1 70  GLN n 
1 71  ASN n 
1 72  MET n 
1 73  GLU n 
1 74  ARG n 
1 75  LEU n 
1 76  LEU n 
1 77  LYS n 
1 78  LYS n 
1 79  ILE n 
1 80  ASP n 
1 81  LEU n 
1 82  ASP n 
1 83  VAL n 
1 84  PRO n 
1 85  ARG n 
1 86  TRP n 
1 87  ARG n 
1 88  VAL n 
1 89  LEU n 
1 90  TRP n 
1 91  ILE n 
1 92  LEU n 
1 93  ASN n 
1 94  GLU n 
1 95  ASN n 
1 96  GLY n 
1 97  GLU n 
1 98  SER n 
1 99  SER n 
1 100 ILE n 
1 101 SER n 
1 102 GLU n 
1 103 ILE n 
1 104 SER n 
1 105 THR n 
1 106 HIS n 
1 107 ALA n 
1 108 ILE n 
1 109 ALA n 
1 110 LYS n 
1 111 LEU n 
1 112 SER n 
1 113 THR n 
1 114 ILE n 
1 115 THR n 
1 116 LYS n 
1 117 ILE n 
1 118 VAL n 
1 119 TYR n 
1 120 ARG n 
1 121 MET n 
1 122 LYS n 
1 123 GLU n 
1 124 ASP n 
1 125 GLY n 
1 126 LEU n 
1 127 VAL n 
1 128 ASP n 
1 129 THR n 
1 130 ALA n 
1 131 PRO n 
1 132 SER n 
1 133 PRO n 
1 134 GLU n 
1 135 ASP n 
1 136 GLY n 
1 137 ARG n 
1 138 VAL n 
1 139 THR n 
1 140 GLN n 
1 141 VAL n 
1 142 ARG n 
1 143 ILE n 
1 144 THR n 
1 145 GLU n 
1 146 VAL n 
1 147 GLY n 
1 148 LEU n 
1 149 GLN n 
1 150 ASN n 
1 151 ILE n 
1 152 GLU n 
1 153 ARG n 
1 154 MET n 
1 155 GLN n 
1 156 GLU n 
1 157 VAL n 
1 158 THR n 
1 159 ARG n 
1 160 GLU n 
1 161 LEU n 
1 162 PHE n 
1 163 GLN n 
1 164 ARG n 
1 165 SER n 
1 166 PHE n 
1 167 LYS n 
1 168 GLY n 
1 169 LEU n 
1 170 THR n 
1 171 GLU n 
1 172 ALA n 
1 173 GLN n 
1 174 VAL n 
1 175 GLN n 
1 176 ARG n 
1 177 LEU n 
1 178 ASN n 
1 179 ARG n 
1 180 MET n 
1 181 LEU n 
1 182 GLU n 
1 183 VAL n 
1 184 VAL n 
1 185 PHE n 
1 186 HIS n 
1 187 ASN n 
1 188 LEU n 
1 189 GLU n 
1 190 THR n 
1 191 LEU n 
# 
_entity_src_gen.entity_id                          1 
_entity_src_gen.pdbx_src_id                        1 
_entity_src_gen.pdbx_alt_source_flag               sample 
_entity_src_gen.pdbx_seq_type                      'Biological sequence' 
_entity_src_gen.pdbx_beg_seq_num                   1 
_entity_src_gen.pdbx_end_seq_num                   191 
_entity_src_gen.gene_src_common_name               ? 
_entity_src_gen.gene_src_genus                     ? 
_entity_src_gen.pdbx_gene_src_gene                 'iacR, E6B08_12615' 
_entity_src_gen.gene_src_species                   ? 
_entity_src_gen.gene_src_strain                    ? 
_entity_src_gen.gene_src_tissue                    ? 
_entity_src_gen.gene_src_tissue_fraction           ? 
_entity_src_gen.gene_src_details                   ? 
_entity_src_gen.pdbx_gene_src_fragment             ? 
_entity_src_gen.pdbx_gene_src_scientific_name      'Pseudomonas putida' 
_entity_src_gen.pdbx_gene_src_ncbi_taxonomy_id     303 
_entity_src_gen.pdbx_gene_src_variant              ? 
_entity_src_gen.pdbx_gene_src_cell_line            ? 
_entity_src_gen.pdbx_gene_src_atcc                 ? 
_entity_src_gen.pdbx_gene_src_organ                ? 
_entity_src_gen.pdbx_gene_src_organelle            ? 
_entity_src_gen.pdbx_gene_src_cell                 ? 
_entity_src_gen.pdbx_gene_src_cellular_location    ? 
_entity_src_gen.host_org_common_name               ? 
_entity_src_gen.pdbx_host_org_scientific_name      'Escherichia coli' 
_entity_src_gen.pdbx_host_org_ncbi_taxonomy_id     562 
_entity_src_gen.host_org_genus                     ? 
_entity_src_gen.pdbx_host_org_gene                 ? 
_entity_src_gen.pdbx_host_org_organ                ? 
_entity_src_gen.host_org_species                   ? 
_entity_src_gen.pdbx_host_org_tissue               ? 
_entity_src_gen.pdbx_host_org_tissue_fraction      ? 
_entity_src_gen.pdbx_host_org_strain               ? 
_entity_src_gen.pdbx_host_org_variant              ? 
_entity_src_gen.pdbx_host_org_cell_line            ? 
_entity_src_gen.pdbx_host_org_atcc                 ? 
_entity_src_gen.pdbx_host_org_culture_collection   ? 
_entity_src_gen.pdbx_host_org_cell                 ? 
_entity_src_gen.pdbx_host_org_organelle            ? 
_entity_src_gen.pdbx_host_org_cellular_location    ? 
_entity_src_gen.pdbx_host_org_vector_type          ? 
_entity_src_gen.pdbx_host_org_vector               ? 
_entity_src_gen.host_org_details                   ? 
_entity_src_gen.expression_system_id               ? 
_entity_src_gen.plasmid_name                       ? 
_entity_src_gen.plasmid_details                    ? 
_entity_src_gen.pdbx_description                   ? 
# 
_struct_ref.id                         1 
_struct_ref.db_name                    UNP 
_struct_ref.db_code                    B0FXI7_PSEPU 
_struct_ref.pdbx_db_accession          B0FXI7 
_struct_ref.pdbx_db_isoform            ? 
_struct_ref.entity_id                  1 
_struct_ref.pdbx_seq_one_letter_code   
;MSNAKNTSAASPARKGHSHHDPASDEFRKEDFPFYWLARVHGRYTQNMERLLKKIDLDVPRWRVLWILNENGESSISEIS
THAIAKLSTITKIVYRMKEDGLVDTAPSPEDGRVTQVRITEVGLQNIERMQEVTRELFQRSFKGLTEAQVQRLNRMLEVV
FHNLETL
;
_struct_ref.pdbx_align_begin           1 
# 
_struct_ref_seq.align_id                      1 
_struct_ref_seq.ref_id                        1 
_struct_ref_seq.pdbx_PDB_id_code              7KUA 
_struct_ref_seq.pdbx_strand_id                A 
_struct_ref_seq.seq_align_beg                 25 
_struct_ref_seq.pdbx_seq_align_beg_ins_code   ? 
_struct_ref_seq.seq_align_end                 191 
_struct_ref_seq.pdbx_seq_align_end_ins_code   ? 
_struct_ref_seq.pdbx_db_accession             B0FXI7 
_struct_ref_seq.db_align_beg                  1 
_struct_ref_seq.pdbx_db_align_beg_ins_code    ? 
_struct_ref_seq.db_align_end                  167 
_struct_ref_seq.pdbx_db_align_end_ins_code    ? 
_struct_ref_seq.pdbx_auth_seq_align_beg       1 
_struct_ref_seq.pdbx_auth_seq_align_end       167 
# 
loop_
_struct_ref_seq_dif.align_id 
_struct_ref_seq_dif.pdbx_pdb_id_code 
_struct_ref_seq_dif.mon_id 
_struct_ref_seq_dif.pdbx_pdb_strand_id 
_struct_ref_seq_dif.seq_num 
_struct_ref_seq_dif.pdbx_pdb_ins_code 
_struct_ref_seq_dif.pdbx_seq_db_name 
_struct_ref_seq_dif.pdbx_seq_db_accession_code 
_struct_ref_seq_dif.db_mon_id 
_struct_ref_seq_dif.pdbx_seq_db_seq_num 
_struct_ref_seq_dif.details 
_struct_ref_seq_dif.pdbx_auth_seq_num 
_struct_ref_seq_dif.pdbx_ordinal 
1 7KUA MET A 1  ? UNP B0FXI7 ? ? 'initiating methionine' -23 1  
1 7KUA HIS A 2  ? UNP B0FXI7 ? ? 'expression tag'        -22 2  
1 7KUA HIS A 3  ? UNP B0FXI7 ? ? 'expression tag'        -21 3  
1 7KUA HIS A 4  ? UNP B0FXI7 ? ? 'expression tag'        -20 4  
1 7KUA HIS A 5  ? UNP B0FXI7 ? ? 'expression tag'        -19 5  
1 7KUA HIS A 6  ? UNP B0FXI7 ? ? 'expression tag'        -18 6  
1 7KUA HIS A 7  ? UNP B0FXI7 ? ? 'expression tag'        -17 7  
1 7KUA SER A 8  ? UNP B0FXI7 ? ? 'expression tag'        -16 8  
1 7KUA SER A 9  ? UNP B0FXI7 ? ? 'expression tag'        -15 9  
1 7KUA GLY A 10 ? UNP B0FXI7 ? ? 'expression tag'        -14 10 
1 7KUA VAL A 11 ? UNP B0FXI7 ? ? 'expression tag'        -13 11 
1 7KUA ASP A 12 ? UNP B0FXI7 ? ? 'expression tag'        -12 12 
1 7KUA LEU A 13 ? UNP B0FXI7 ? ? 'expression tag'        -11 13 
1 7KUA GLY A 14 ? UNP B0FXI7 ? ? 'expression tag'        -10 14 
1 7KUA THR A 15 ? UNP B0FXI7 ? ? 'expression tag'        -9  15 
1 7KUA GLU A 16 ? UNP B0FXI7 ? ? 'expression tag'        -8  16 
1 7KUA ASN A 17 ? UNP B0FXI7 ? ? 'expression tag'        -7  17 
1 7KUA LEU A 18 ? UNP B0FXI7 ? ? 'expression tag'        -6  18 
1 7KUA TYR A 19 ? UNP B0FXI7 ? ? 'expression tag'        -5  19 
1 7KUA PHE A 20 ? UNP B0FXI7 ? ? 'expression tag'        -4  20 
1 7KUA GLN A 21 ? UNP B0FXI7 ? ? 'expression tag'        -3  21 
1 7KUA SER A 22 ? UNP B0FXI7 ? ? 'expression tag'        -2  22 
1 7KUA ASN A 23 ? UNP B0FXI7 ? ? 'expression tag'        -1  23 
1 7KUA ALA A 24 ? UNP B0FXI7 ? ? 'expression tag'        0   24 
# 
loop_
_chem_comp.id 
_chem_comp.type 
_chem_comp.mon_nstd_flag 
_chem_comp.name 
_chem_comp.pdbx_synonyms 
_chem_comp.formula 
_chem_comp.formula_weight 
ALA 'L-peptide linking' y ALANINE                    ?                    'C3 H7 N O2'     89.093  
ARG 'L-peptide linking' y ARGININE                   ?                    'C6 H15 N4 O2 1' 175.209 
ASN 'L-peptide linking' y ASPARAGINE                 ?                    'C4 H8 N2 O3'    132.118 
ASP 'L-peptide linking' y 'ASPARTIC ACID'            ?                    'C4 H7 N O4'     133.103 
GLN 'L-peptide linking' y GLUTAMINE                  ?                    'C5 H10 N2 O3'   146.144 
GLU 'L-peptide linking' y 'GLUTAMIC ACID'            ?                    'C5 H9 N O4'     147.129 
GLY 'peptide linking'   y GLYCINE                    ?                    'C2 H5 N O2'     75.067  
HIS 'L-peptide linking' y HISTIDINE                  ?                    'C6 H10 N3 O2 1' 156.162 
HOH non-polymer         . WATER                      ?                    'H2 O'           18.015  
IAC non-polymer         . '1H-INDOL-3-YLACETIC ACID' 'INDOLE ACETIC ACID' 'C10 H9 N O2'    175.184 
ILE 'L-peptide linking' y ISOLEUCINE                 ?                    'C6 H13 N O2'    131.173 
LEU 'L-peptide linking' y LEUCINE                    ?                    'C6 H13 N O2'    131.173 
LYS 'L-peptide linking' y LYSINE                     ?                    'C6 H15 N2 O2 1' 147.195 
MET 'L-peptide linking' y METHIONINE                 ?                    'C5 H11 N O2 S'  149.211 
PHE 'L-peptide linking' y PHENYLALANINE              ?                    'C9 H11 N O2'    165.189 
PRO 'L-peptide linking' y PROLINE                    ?                    'C5 H9 N O2'     115.130 
SER 'L-peptide linking' y SERINE                     ?                    'C3 H7 N O3'     105.093 
THR 'L-peptide linking' y THREONINE                  ?                    'C4 H9 N O3'     119.119 
TRP 'L-peptide linking' y TRYPTOPHAN                 ?                    'C11 H12 N2 O2'  204.225 
TYR 'L-peptide linking' y TYROSINE                   ?                    'C9 H11 N O3'    181.189 
VAL 'L-peptide linking' y VALINE                     ?                    'C5 H11 N O2'    117.146 
# 
_exptl.absorpt_coefficient_mu     ? 
_exptl.absorpt_correction_T_max   ? 
_exptl.absorpt_correction_T_min   ? 
_exptl.absorpt_correction_type    ? 
_exptl.absorpt_process_details    ? 
_exptl.entry_id                   7KUA 
_exptl.crystals_number            1 
_exptl.details                    ? 
_exptl.method                     'X-RAY DIFFRACTION' 
_exptl.method_details             ? 
# 
_exptl_crystal.colour                      ? 
_exptl_crystal.density_diffrn              ? 
_exptl_crystal.density_Matthews            1.98 
_exptl_crystal.density_method              ? 
_exptl_crystal.density_percent_sol         37.73 
_exptl_crystal.description                 ? 
_exptl_crystal.F_000                       ? 
_exptl_crystal.id                          1 
_exptl_crystal.preparation                 ? 
_exptl_crystal.size_max                    ? 
_exptl_crystal.size_mid                    ? 
_exptl_crystal.size_min                    ? 
_exptl_crystal.size_rad                    ? 
_exptl_crystal.colour_lustre               ? 
_exptl_crystal.colour_modifier             ? 
_exptl_crystal.colour_primary              ? 
_exptl_crystal.density_meas                ? 
_exptl_crystal.density_meas_esd            ? 
_exptl_crystal.density_meas_gt             ? 
_exptl_crystal.density_meas_lt             ? 
_exptl_crystal.density_meas_temp           ? 
_exptl_crystal.density_meas_temp_esd       ? 
_exptl_crystal.density_meas_temp_gt        ? 
_exptl_crystal.density_meas_temp_lt        ? 
_exptl_crystal.pdbx_crystal_image_url      ? 
_exptl_crystal.pdbx_crystal_image_format   ? 
_exptl_crystal.pdbx_mosaicity              ? 
_exptl_crystal.pdbx_mosaicity_esd          ? 
# 
_exptl_crystal_grow.apparatus       ? 
_exptl_crystal_grow.atmosphere      ? 
_exptl_crystal_grow.crystal_id      1 
_exptl_crystal_grow.details         ? 
_exptl_crystal_grow.method          'VAPOR DIFFUSION, SITTING DROP' 
_exptl_crystal_grow.method_ref      ? 
_exptl_crystal_grow.pH              ? 
_exptl_crystal_grow.pressure        ? 
_exptl_crystal_grow.pressure_esd    ? 
_exptl_crystal_grow.seeding         ? 
_exptl_crystal_grow.seeding_ref     ? 
_exptl_crystal_grow.temp            293 
_exptl_crystal_grow.temp_details    ? 
_exptl_crystal_grow.temp_esd        ? 
_exptl_crystal_grow.time            ? 
_exptl_crystal_grow.pdbx_details    
;Anatrace MCSG2 screen 35 % (v/v) Microlytic Mix(1), pH 7.0, which consists of: 1.8305 M Malonic acid, 0.25 M Ammonium citrate tribasic, 0.12 M Succinic acid, 0.3 M DL-Malic acid, 0.4 M Sodium acetate trihydrate, 0.5 M Sodium formate, 0.16 M Ammonium tartrate dibasic, the mixture titrated to pH 7.0 using sodium hydroxide
;
_exptl_crystal_grow.pdbx_pH_range   ? 
# 
_diffrn.ambient_environment              ? 
_diffrn.ambient_temp                     100 
_diffrn.ambient_temp_details             ? 
_diffrn.ambient_temp_esd                 ? 
_diffrn.crystal_id                       1 
_diffrn.crystal_support                  ? 
_diffrn.crystal_treatment                ? 
_diffrn.details                          ? 
_diffrn.id                               1 
_diffrn.ambient_pressure                 ? 
_diffrn.ambient_pressure_esd             ? 
_diffrn.ambient_pressure_gt              ? 
_diffrn.ambient_pressure_lt              ? 
_diffrn.ambient_temp_gt                  ? 
_diffrn.ambient_temp_lt                  ? 
_diffrn.pdbx_serial_crystal_experiment   N 
# 
_diffrn_detector.details                      ? 
_diffrn_detector.detector                     PIXEL 
_diffrn_detector.diffrn_id                    1 
_diffrn_detector.type                         'DECTRIS PILATUS3 6M' 
_diffrn_detector.area_resol_mean              ? 
_diffrn_detector.dtime                        ? 
_diffrn_detector.pdbx_frames_total            ? 
_diffrn_detector.pdbx_collection_time_total   ? 
_diffrn_detector.pdbx_collection_date         2020-11-15 
_diffrn_detector.pdbx_frequency               ? 
# 
_diffrn_radiation.collimation                      ? 
_diffrn_radiation.diffrn_id                        1 
_diffrn_radiation.filter_edge                      ? 
_diffrn_radiation.inhomogeneity                    ? 
_diffrn_radiation.monochromator                    ? 
_diffrn_radiation.polarisn_norm                    ? 
_diffrn_radiation.polarisn_ratio                   ? 
_diffrn_radiation.probe                            ? 
_diffrn_radiation.type                             ? 
_diffrn_radiation.xray_symbol                      ? 
_diffrn_radiation.wavelength_id                    1 
_diffrn_radiation.pdbx_monochromatic_or_laue_m_l   M 
_diffrn_radiation.pdbx_wavelength_list             ? 
_diffrn_radiation.pdbx_wavelength                  ? 
_diffrn_radiation.pdbx_diffrn_protocol             'SINGLE WAVELENGTH' 
_diffrn_radiation.pdbx_analyzer                    ? 
_diffrn_radiation.pdbx_scattering_type             x-ray 
# 
_diffrn_radiation_wavelength.id           1 
_diffrn_radiation_wavelength.wavelength   1.03322 
_diffrn_radiation_wavelength.wt           1.0 
# 
_diffrn_source.current                     ? 
_diffrn_source.details                     ? 
_diffrn_source.diffrn_id                   1 
_diffrn_source.power                       ? 
_diffrn_source.size                        ? 
_diffrn_source.source                      SYNCHROTRON 
_diffrn_source.target                      ? 
_diffrn_source.type                        'APS BEAMLINE 23-ID-D' 
_diffrn_source.voltage                     ? 
_diffrn_source.take-off_angle              ? 
_diffrn_source.pdbx_wavelength_list        1.03322 
_diffrn_source.pdbx_wavelength             ? 
_diffrn_source.pdbx_synchrotron_beamline   23-ID-D 
_diffrn_source.pdbx_synchrotron_site       APS 
# 
_reflns.B_iso_Wilson_estimate            29.48 
_reflns.entry_id                         7KUA 
_reflns.data_reduction_details           ? 
_reflns.data_reduction_method            ? 
_reflns.d_resolution_high                1.88 
_reflns.d_resolution_low                 50 
_reflns.details                          ? 
_reflns.limit_h_max                      ? 
_reflns.limit_h_min                      ? 
_reflns.limit_k_max                      ? 
_reflns.limit_k_min                      ? 
_reflns.limit_l_max                      ? 
_reflns.limit_l_min                      ? 
_reflns.number_all                       ? 
_reflns.number_obs                       14591 
_reflns.observed_criterion               ? 
_reflns.observed_criterion_F_max         ? 
_reflns.observed_criterion_F_min         ? 
_reflns.observed_criterion_I_max         ? 
_reflns.observed_criterion_I_min         ? 
_reflns.observed_criterion_sigma_F       ? 
_reflns.observed_criterion_sigma_I       ? 
_reflns.percent_possible_obs             99.9 
_reflns.R_free_details                   ? 
_reflns.Rmerge_F_all                     ? 
_reflns.Rmerge_F_obs                     ? 
_reflns.Friedel_coverage                 ? 
_reflns.number_gt                        ? 
_reflns.threshold_expression             ? 
_reflns.pdbx_redundancy                  8.3 
_reflns.pdbx_Rmerge_I_obs                ? 
_reflns.pdbx_Rmerge_I_all                ? 
_reflns.pdbx_Rsym_value                  ? 
_reflns.pdbx_netI_over_av_sigmaI         ? 
_reflns.pdbx_netI_over_sigmaI            33.4 
_reflns.pdbx_res_netI_over_av_sigmaI_2   ? 
_reflns.pdbx_res_netI_over_sigmaI_2      ? 
_reflns.pdbx_chi_squared                 ? 
_reflns.pdbx_scaling_rejects             ? 
_reflns.pdbx_d_res_high_opt              ? 
_reflns.pdbx_d_res_low_opt               ? 
_reflns.pdbx_d_res_opt_method            ? 
_reflns.phase_calculation_details        ? 
_reflns.pdbx_Rrim_I_all                  ? 
_reflns.pdbx_Rpim_I_all                  ? 
_reflns.pdbx_d_opt                       ? 
_reflns.pdbx_number_measured_all         ? 
_reflns.pdbx_diffrn_id                   1 
_reflns.pdbx_ordinal                     1 
_reflns.pdbx_CC_half                     1.000 
_reflns.pdbx_CC_star                     ? 
_reflns.pdbx_R_split                     ? 
# 
_reflns_shell.d_res_high                  1.88 
_reflns_shell.d_res_low                   1.91 
_reflns_shell.meanI_over_sigI_all         ? 
_reflns_shell.meanI_over_sigI_obs         ? 
_reflns_shell.number_measured_all         ? 
_reflns_shell.number_measured_obs         ? 
_reflns_shell.number_possible             ? 
_reflns_shell.number_unique_all           ? 
_reflns_shell.number_unique_obs           715 
_reflns_shell.percent_possible_all        ? 
_reflns_shell.percent_possible_obs        ? 
_reflns_shell.Rmerge_F_all                ? 
_reflns_shell.Rmerge_F_obs                ? 
_reflns_shell.Rmerge_I_all                ? 
_reflns_shell.Rmerge_I_obs                ? 
_reflns_shell.meanI_over_sigI_gt          ? 
_reflns_shell.meanI_over_uI_all           ? 
_reflns_shell.meanI_over_uI_gt            ? 
_reflns_shell.number_measured_gt          ? 
_reflns_shell.number_unique_gt            ? 
_reflns_shell.percent_possible_gt         ? 
_reflns_shell.Rmerge_F_gt                 ? 
_reflns_shell.Rmerge_I_gt                 ? 
_reflns_shell.pdbx_redundancy             ? 
_reflns_shell.pdbx_Rsym_value             ? 
_reflns_shell.pdbx_chi_squared            ? 
_reflns_shell.pdbx_netI_over_sigmaI_all   ? 
_reflns_shell.pdbx_netI_over_sigmaI_obs   ? 
_reflns_shell.pdbx_Rrim_I_all             ? 
_reflns_shell.pdbx_Rpim_I_all             ? 
_reflns_shell.pdbx_rejects                ? 
_reflns_shell.pdbx_ordinal                1 
_reflns_shell.pdbx_diffrn_id              1 
_reflns_shell.pdbx_CC_half                0.957 
_reflns_shell.pdbx_CC_star                ? 
_reflns_shell.pdbx_R_split                ? 
# 
_refine.aniso_B[1][1]                            ? 
_refine.aniso_B[1][2]                            ? 
_refine.aniso_B[1][3]                            ? 
_refine.aniso_B[2][2]                            ? 
_refine.aniso_B[2][3]                            ? 
_refine.aniso_B[3][3]                            ? 
_refine.B_iso_max                                ? 
_refine.B_iso_mean                               39.08 
_refine.B_iso_min                                ? 
_refine.correlation_coeff_Fo_to_Fc               ? 
_refine.correlation_coeff_Fo_to_Fc_free          ? 
_refine.details                                  ? 
_refine.diff_density_max                         ? 
_refine.diff_density_max_esd                     ? 
_refine.diff_density_min                         ? 
_refine.diff_density_min_esd                     ? 
_refine.diff_density_rms                         ? 
_refine.diff_density_rms_esd                     ? 
_refine.entry_id                                 7KUA 
_refine.pdbx_refine_id                           'X-RAY DIFFRACTION' 
_refine.ls_abs_structure_details                 ? 
_refine.ls_abs_structure_Flack                   ? 
_refine.ls_abs_structure_Flack_esd               ? 
_refine.ls_abs_structure_Rogers                  ? 
_refine.ls_abs_structure_Rogers_esd              ? 
_refine.ls_d_res_high                            1.89 
_refine.ls_d_res_low                             25.99 
_refine.ls_extinction_coef                       ? 
_refine.ls_extinction_coef_esd                   ? 
_refine.ls_extinction_expression                 ? 
_refine.ls_extinction_method                     ? 
_refine.ls_goodness_of_fit_all                   ? 
_refine.ls_goodness_of_fit_all_esd               ? 
_refine.ls_goodness_of_fit_obs                   ? 
_refine.ls_goodness_of_fit_obs_esd               ? 
_refine.ls_hydrogen_treatment                    ? 
_refine.ls_matrix_type                           ? 
_refine.ls_number_constraints                    ? 
_refine.ls_number_parameters                     ? 
_refine.ls_number_reflns_all                     ? 
_refine.ls_number_reflns_obs                     14518 
_refine.ls_number_reflns_R_free                  1460 
_refine.ls_number_reflns_R_work                  13058 
_refine.ls_number_restraints                     ? 
_refine.ls_percent_reflns_obs                    99.15 
_refine.ls_percent_reflns_R_free                 10.06 
_refine.ls_R_factor_all                          ? 
_refine.ls_R_factor_obs                          0.1823 
_refine.ls_R_factor_R_free                       0.2158 
_refine.ls_R_factor_R_free_error                 ? 
_refine.ls_R_factor_R_free_error_details         ? 
_refine.ls_R_factor_R_work                       0.1785 
_refine.ls_R_Fsqd_factor_obs                     ? 
_refine.ls_R_I_factor_obs                        ? 
_refine.ls_redundancy_reflns_all                 ? 
_refine.ls_redundancy_reflns_obs                 ? 
_refine.ls_restrained_S_all                      ? 
_refine.ls_restrained_S_obs                      ? 
_refine.ls_shift_over_esd_max                    ? 
_refine.ls_shift_over_esd_mean                   ? 
_refine.ls_structure_factor_coef                 ? 
_refine.ls_weighting_details                     ? 
_refine.ls_weighting_scheme                      ? 
_refine.ls_wR_factor_all                         ? 
_refine.ls_wR_factor_obs                         ? 
_refine.ls_wR_factor_R_free                      ? 
_refine.ls_wR_factor_R_work                      ? 
_refine.occupancy_max                            ? 
_refine.occupancy_min                            ? 
_refine.solvent_model_details                    'FLAT BULK SOLVENT MODEL' 
_refine.solvent_model_param_bsol                 ? 
_refine.solvent_model_param_ksol                 ? 
_refine.pdbx_R_complete                          ? 
_refine.ls_R_factor_gt                           ? 
_refine.ls_goodness_of_fit_gt                    ? 
_refine.ls_goodness_of_fit_ref                   ? 
_refine.ls_shift_over_su_max                     ? 
_refine.ls_shift_over_su_max_lt                  ? 
_refine.ls_shift_over_su_mean                    ? 
_refine.ls_shift_over_su_mean_lt                 ? 
_refine.pdbx_ls_sigma_I                          ? 
_refine.pdbx_ls_sigma_F                          1.38 
_refine.pdbx_ls_sigma_Fsqd                       ? 
_refine.pdbx_data_cutoff_high_absF               ? 
_refine.pdbx_data_cutoff_high_rms_absF           ? 
_refine.pdbx_data_cutoff_low_absF                ? 
_refine.pdbx_isotropic_thermal_model             ? 
_refine.pdbx_ls_cross_valid_method               'FREE R-VALUE' 
_refine.pdbx_method_to_determine_struct          'MOLECULAR REPLACEMENT' 
_refine.pdbx_starting_model                      3CJN 
_refine.pdbx_stereochemistry_target_values       'GeoStd + Monomer Library + CDL v1.2' 
_refine.pdbx_R_Free_selection_details            ? 
_refine.pdbx_stereochem_target_val_spec_case     ? 
_refine.pdbx_overall_ESU_R                       ? 
_refine.pdbx_overall_ESU_R_Free                  ? 
_refine.pdbx_solvent_vdw_probe_radii             1.1100 
_refine.pdbx_solvent_ion_probe_radii             ? 
_refine.pdbx_solvent_shrinkage_radii             0.9000 
_refine.pdbx_real_space_R                        ? 
_refine.pdbx_density_correlation                 ? 
_refine.pdbx_pd_number_of_powder_patterns        ? 
_refine.pdbx_pd_number_of_points                 ? 
_refine.pdbx_pd_meas_number_of_points            ? 
_refine.pdbx_pd_proc_ls_prof_R_factor            ? 
_refine.pdbx_pd_proc_ls_prof_wR_factor           ? 
_refine.pdbx_pd_Marquardt_correlation_coeff      ? 
_refine.pdbx_pd_Fsqrd_R_factor                   ? 
_refine.pdbx_pd_ls_matrix_band_width             ? 
_refine.pdbx_overall_phase_error                 26.0325 
_refine.pdbx_overall_SU_R_free_Cruickshank_DPI   ? 
_refine.pdbx_overall_SU_R_free_Blow_DPI          ? 
_refine.pdbx_overall_SU_R_Blow_DPI               ? 
_refine.pdbx_TLS_residual_ADP_flag               ? 
_refine.pdbx_diffrn_id                           1 
_refine.overall_SU_B                             ? 
_refine.overall_SU_ML                            0.2014 
_refine.overall_SU_R_Cruickshank_DPI             ? 
_refine.overall_SU_R_free                        ? 
_refine.overall_FOM_free_R_set                   ? 
_refine.overall_FOM_work_R_set                   ? 
_refine.pdbx_average_fsc_overall                 ? 
_refine.pdbx_average_fsc_work                    ? 
_refine.pdbx_average_fsc_free                    ? 
# 
_refine_hist.pdbx_refine_id                   'X-RAY DIFFRACTION' 
_refine_hist.cycle_id                         LAST 
_refine_hist.details                          ? 
_refine_hist.d_res_high                       1.89 
_refine_hist.d_res_low                        25.99 
_refine_hist.number_atoms_solvent             58 
_refine_hist.number_atoms_total               1308 
_refine_hist.number_reflns_all                ? 
_refine_hist.number_reflns_obs                ? 
_refine_hist.number_reflns_R_free             ? 
_refine_hist.number_reflns_R_work             ? 
_refine_hist.R_factor_all                     ? 
_refine_hist.R_factor_obs                     ? 
_refine_hist.R_factor_R_free                  ? 
_refine_hist.R_factor_R_work                  ? 
_refine_hist.pdbx_number_residues_total       ? 
_refine_hist.pdbx_B_iso_mean_ligand           ? 
_refine_hist.pdbx_B_iso_mean_solvent          ? 
_refine_hist.pdbx_number_atoms_protein        1237 
_refine_hist.pdbx_number_atoms_nucleic_acid   0 
_refine_hist.pdbx_number_atoms_ligand         13 
_refine_hist.pdbx_number_atoms_lipid          ? 
_refine_hist.pdbx_number_atoms_carb           ? 
_refine_hist.pdbx_pseudo_atom_details         ? 
# 
loop_
_refine_ls_restr.pdbx_refine_id 
_refine_ls_restr.criterion 
_refine_ls_restr.dev_ideal 
_refine_ls_restr.dev_ideal_target 
_refine_ls_restr.number 
_refine_ls_restr.rejects 
_refine_ls_restr.type 
_refine_ls_restr.weight 
_refine_ls_restr.pdbx_restraint_function 
'X-RAY DIFFRACTION' ? 0.0096  ? 1312 ? f_bond_d           ? ? 
'X-RAY DIFFRACTION' ? 0.9179  ? 1778 ? f_angle_d          ? ? 
'X-RAY DIFFRACTION' ? 0.3684  ? 193  ? f_chiral_restr     ? ? 
'X-RAY DIFFRACTION' ? 0.0052  ? 233  ? f_plane_restr      ? ? 
'X-RAY DIFFRACTION' ? 23.1363 ? 504  ? f_dihedral_angle_d ? ? 
# 
loop_
_refine_ls_shell.pdbx_refine_id 
_refine_ls_shell.d_res_high 
_refine_ls_shell.d_res_low 
_refine_ls_shell.number_reflns_all 
_refine_ls_shell.number_reflns_obs 
_refine_ls_shell.number_reflns_R_free 
_refine_ls_shell.number_reflns_R_work 
_refine_ls_shell.percent_reflns_obs 
_refine_ls_shell.percent_reflns_R_free 
_refine_ls_shell.R_factor_all 
_refine_ls_shell.R_factor_obs 
_refine_ls_shell.R_factor_R_free 
_refine_ls_shell.R_factor_R_free_error 
_refine_ls_shell.R_factor_R_work 
_refine_ls_shell.redundancy_reflns_all 
_refine_ls_shell.redundancy_reflns_obs 
_refine_ls_shell.wR_factor_all 
_refine_ls_shell.wR_factor_obs 
_refine_ls_shell.wR_factor_R_free 
_refine_ls_shell.wR_factor_R_work 
_refine_ls_shell.pdbx_R_complete 
_refine_ls_shell.pdbx_total_number_of_bins_used 
_refine_ls_shell.pdbx_phase_error 
_refine_ls_shell.pdbx_fsc_work 
_refine_ls_shell.pdbx_fsc_free 
'X-RAY DIFFRACTION' 1.89 1.95  . . 134 1211 93.08 . . . 0.3369 . 0.2829 . . . . . . . . . . . 
'X-RAY DIFFRACTION' 1.95 2.03  . . 145 1282 99.72 . . . 0.2675 . 0.2235 . . . . . . . . . . . 
'X-RAY DIFFRACTION' 2.03 2.12  . . 140 1306 99.59 . . . 0.2570 . 0.2027 . . . . . . . . . . . 
'X-RAY DIFFRACTION' 2.12 2.24  . . 144 1273 99.72 . . . 0.2623 . 0.1860 . . . . . . . . . . . 
'X-RAY DIFFRACTION' 2.24 2.38  . . 147 1307 99.86 . . . 0.2237 . 0.1904 . . . . . . . . . . . 
'X-RAY DIFFRACTION' 2.38 2.56  . . 145 1296 99.86 . . . 0.2139 . 0.1837 . . . . . . . . . . . 
'X-RAY DIFFRACTION' 2.56 2.82  . . 146 1316 99.93 . . . 0.2510 . 0.1884 . . . . . . . . . . . 
'X-RAY DIFFRACTION' 2.82 3.22  . . 147 1320 99.93 . . . 0.2338 . 0.1839 . . . . . . . . . . . 
'X-RAY DIFFRACTION' 3.22 4.06  . . 152 1335 99.93 . . . 0.1689 . 0.1626 . . . . . . . . . . . 
'X-RAY DIFFRACTION' 4.06 25.99 . . 160 1412 99.87 . . . 0.2020 . 0.1614 . . . . . . . . . . . 
# 
_struct.entry_id                     7KUA 
_struct.title                        
'Crystal structure of the MarR family transcriptional regulator from Pseudomonas putida bound to Indole 3 acetic acid' 
_struct.pdbx_model_details           ? 
_struct.pdbx_formula_weight          ? 
_struct.pdbx_formula_weight_method   ? 
_struct.pdbx_model_type_details      ? 
_struct.pdbx_CASP_flag               N 
# 
_struct_keywords.entry_id        7KUA 
_struct_keywords.text            'Transcriptional Regulator, Ligand Binding, DNA BINDING PROTEIN' 
_struct_keywords.pdbx_keywords   'DNA BINDING PROTEIN' 
# 
loop_
_struct_asym.id 
_struct_asym.pdbx_blank_PDB_chainid_flag 
_struct_asym.pdbx_modified 
_struct_asym.entity_id 
_struct_asym.details 
A N N 1 ? 
B N N 2 ? 
C N N 3 ? 
# 
loop_
_struct_conf.conf_type_id 
_struct_conf.id 
_struct_conf.pdbx_PDB_helix_id 
_struct_conf.beg_label_comp_id 
_struct_conf.beg_label_asym_id 
_struct_conf.beg_label_seq_id 
_struct_conf.pdbx_beg_PDB_ins_code 
_struct_conf.end_label_comp_id 
_struct_conf.end_label_asym_id 
_struct_conf.end_label_seq_id 
_struct_conf.pdbx_end_PDB_ins_code 
_struct_conf.beg_auth_comp_id 
_struct_conf.beg_auth_asym_id 
_struct_conf.beg_auth_seq_id 
_struct_conf.end_auth_comp_id 
_struct_conf.end_auth_asym_id 
_struct_conf.end_auth_seq_id 
_struct_conf.pdbx_PDB_helix_class 
_struct_conf.details 
_struct_conf.pdbx_PDB_helix_length 
HELX_P HELX_P1 AA1 ARG A 52  ? ASP A 55  ? ARG A 28  ASP A 31  5 ? 4  
HELX_P HELX_P2 AA2 PHE A 56  ? LYS A 78  ? PHE A 32  LYS A 54  1 ? 23 
HELX_P HELX_P3 AA3 ASP A 82  ? GLY A 96  ? ASP A 58  GLY A 72  1 ? 15 
HELX_P HELX_P4 AA4 ILE A 100 ? ILE A 108 ? ILE A 76  ILE A 84  1 ? 9  
HELX_P HELX_P5 AA5 LYS A 110 ? ASP A 124 ? LYS A 86  ASP A 100 1 ? 15 
HELX_P HELX_P6 AA6 THR A 144 ? THR A 158 ? THR A 120 THR A 134 1 ? 15 
HELX_P HELX_P7 AA7 THR A 158 ? PHE A 166 ? THR A 134 PHE A 142 1 ? 9  
HELX_P HELX_P8 AA8 THR A 170 ? GLU A 189 ? THR A 146 GLU A 165 1 ? 20 
# 
_struct_conf_type.id          HELX_P 
_struct_conf_type.criteria    ? 
_struct_conf_type.reference   ? 
# 
_struct_sheet.id               AA1 
_struct_sheet.type             ? 
_struct_sheet.number_strands   3 
_struct_sheet.details          ? 
# 
loop_
_struct_sheet_order.sheet_id 
_struct_sheet_order.range_id_1 
_struct_sheet_order.range_id_2 
_struct_sheet_order.offset 
_struct_sheet_order.sense 
AA1 1 2 ? anti-parallel 
AA1 2 3 ? anti-parallel 
# 
loop_
_struct_sheet_range.sheet_id 
_struct_sheet_range.id 
_struct_sheet_range.beg_label_comp_id 
_struct_sheet_range.beg_label_asym_id 
_struct_sheet_range.beg_label_seq_id 
_struct_sheet_range.pdbx_beg_PDB_ins_code 
_struct_sheet_range.end_label_comp_id 
_struct_sheet_range.end_label_asym_id 
_struct_sheet_range.end_label_seq_id 
_struct_sheet_range.pdbx_end_PDB_ins_code 
_struct_sheet_range.beg_auth_comp_id 
_struct_sheet_range.beg_auth_asym_id 
_struct_sheet_range.beg_auth_seq_id 
_struct_sheet_range.end_auth_comp_id 
_struct_sheet_range.end_auth_asym_id 
_struct_sheet_range.end_auth_seq_id 
AA1 1 SER A 98  ? SER A 99  ? SER A 74  SER A 75  
AA1 2 THR A 139 ? ILE A 143 ? THR A 115 ILE A 119 
AA1 3 VAL A 127 ? PRO A 131 ? VAL A 103 PRO A 107 
# 
loop_
_pdbx_struct_sheet_hbond.sheet_id 
_pdbx_struct_sheet_hbond.range_id_1 
_pdbx_struct_sheet_hbond.range_id_2 
_pdbx_struct_sheet_hbond.range_1_label_atom_id 
_pdbx_struct_sheet_hbond.range_1_label_comp_id 
_pdbx_struct_sheet_hbond.range_1_label_asym_id 
_pdbx_struct_sheet_hbond.range_1_label_seq_id 
_pdbx_struct_sheet_hbond.range_1_PDB_ins_code 
_pdbx_struct_sheet_hbond.range_1_auth_atom_id 
_pdbx_struct_sheet_hbond.range_1_auth_comp_id 
_pdbx_struct_sheet_hbond.range_1_auth_asym_id 
_pdbx_struct_sheet_hbond.range_1_auth_seq_id 
_pdbx_struct_sheet_hbond.range_2_label_atom_id 
_pdbx_struct_sheet_hbond.range_2_label_comp_id 
_pdbx_struct_sheet_hbond.range_2_label_asym_id 
_pdbx_struct_sheet_hbond.range_2_label_seq_id 
_pdbx_struct_sheet_hbond.range_2_PDB_ins_code 
_pdbx_struct_sheet_hbond.range_2_auth_atom_id 
_pdbx_struct_sheet_hbond.range_2_auth_comp_id 
_pdbx_struct_sheet_hbond.range_2_auth_asym_id 
_pdbx_struct_sheet_hbond.range_2_auth_seq_id 
AA1 1 2 N SER A 98  ? N SER A 74  O VAL A 141 ? O VAL A 117 
AA1 2 3 O GLN A 140 ? O GLN A 116 N ALA A 130 ? N ALA A 106 
# 
_struct_site.id                   AC1 
_struct_site.pdbx_evidence_code   Software 
_struct_site.pdbx_auth_asym_id    A 
_struct_site.pdbx_auth_comp_id    IAC 
_struct_site.pdbx_auth_seq_id     201 
_struct_site.pdbx_auth_ins_code   ? 
_struct_site.pdbx_num_residues    9 
_struct_site.details              'binding site for residue IAC A 201' 
# 
loop_
_struct_site_gen.id 
_struct_site_gen.site_id 
_struct_site_gen.pdbx_num_res 
_struct_site_gen.label_comp_id 
_struct_site_gen.label_asym_id 
_struct_site_gen.label_seq_id 
_struct_site_gen.pdbx_auth_ins_code 
_struct_site_gen.auth_comp_id 
_struct_site_gen.auth_asym_id 
_struct_site_gen.auth_seq_id 
_struct_site_gen.label_atom_id 
_struct_site_gen.label_alt_id 
_struct_site_gen.symmetry 
_struct_site_gen.details 
1 AC1 9 PHE A 56  ? PHE A 32 . ? 4_555 ? 
2 AC1 9 PHE A 58  ? PHE A 34 . ? 4_555 ? 
3 AC1 9 TYR A 59  ? TYR A 35 . ? 4_555 ? 
4 AC1 9 TYR A 68  ? TYR A 44 . ? 1_555 ? 
5 AC1 9 TRP A 86  ? TRP A 62 . ? 1_555 ? 
6 AC1 9 ARG A 87  ? ARG A 63 . ? 1_555 ? 
7 AC1 9 TRP A 90  ? TRP A 66 . ? 1_555 ? 
8 AC1 9 HIS A 106 ? HIS A 82 . ? 1_555 ? 
9 AC1 9 ILE A 108 ? ILE A 84 . ? 1_555 ? 
# 
_atom_sites.entry_id                    7KUA 
_atom_sites.Cartn_transf_matrix[1][1]   ? 
_atom_sites.Cartn_transf_matrix[1][2]   ? 
_atom_sites.Cartn_transf_matrix[1][3]   ? 
_atom_sites.Cartn_transf_matrix[2][1]   ? 
_atom_sites.Cartn_transf_matrix[2][2]   ? 
_atom_sites.Cartn_transf_matrix[2][3]   ? 
_atom_sites.Cartn_transf_matrix[3][1]   ? 
_atom_sites.Cartn_transf_matrix[3][2]   ? 
_atom_sites.Cartn_transf_matrix[3][3]   ? 
_atom_sites.Cartn_transf_vector[1]      ? 
_atom_sites.Cartn_transf_vector[2]      ? 
_atom_sites.Cartn_transf_vector[3]      ? 
_atom_sites.fract_transf_matrix[1][1]   -0.00072535 
_atom_sites.fract_transf_matrix[1][2]   -0.00638486 
_atom_sites.fract_transf_matrix[1][3]   -0.01900485 
_atom_sites.fract_transf_matrix[2][1]   -0.00545786 
_atom_sites.fract_transf_matrix[2][2]   -0.01887822 
_atom_sites.fract_transf_matrix[2][3]   -0.00403835 
_atom_sites.fract_transf_matrix[3][1]   -0.01045438 
_atom_sites.fract_transf_matrix[3][2]   0.00316452 
_atom_sites.fract_transf_matrix[3][3]   -0.00066414 
_atom_sites.fract_transf_vector[1]      -0.488948 
_atom_sites.fract_transf_vector[2]      -0.329658 
_atom_sites.fract_transf_vector[3]      0.070591 
_atom_sites.solution_primary            ? 
_atom_sites.solution_secondary          ? 
_atom_sites.solution_hydrogens          ? 
_atom_sites.special_details             ? 
# 
loop_
_atom_type.symbol 
_atom_type.scat_dispersion_real 
_atom_type.scat_dispersion_imag 
_atom_type.scat_Cromer_Mann_a1 
_atom_type.scat_Cromer_Mann_a2 
_atom_type.scat_Cromer_Mann_a3 
_atom_type.scat_Cromer_Mann_a4 
_atom_type.scat_Cromer_Mann_b1 
_atom_type.scat_Cromer_Mann_b2 
_atom_type.scat_Cromer_Mann_b3 
_atom_type.scat_Cromer_Mann_b4 
_atom_type.scat_Cromer_Mann_c 
_atom_type.scat_source 
_atom_type.scat_dispersion_source 
C ? ? 3.54356 2.42580 ? ? 25.62398 1.50364  ? ? 0.0 
;2-Gaussian fit: Grosse-Kunstleve RW, Sauter NK, Adams PD: Newsletter of the IUCr Commission on Crystallographic Computing 2004, 3, 22-31.
;
? 
H ? ? 0.51345 0.48472 ? ? 24.73122 6.32584  ? ? 0.0 
;2-Gaussian fit: Grosse-Kunstleve RW, Sauter NK, Adams PD: Newsletter of the IUCr Commission on Crystallographic Computing 2004, 3, 22-31.
;
? 
N ? ? 4.01032 2.96436 ? ? 19.97189 1.75589  ? ? 0.0 
;2-Gaussian fit: Grosse-Kunstleve RW, Sauter NK, Adams PD: Newsletter of the IUCr Commission on Crystallographic Computing 2004, 3, 22-31.
;
? 
O ? ? 4.49882 3.47563 ? ? 15.80542 1.70748  ? ? 0.0 
;2-Gaussian fit: Grosse-Kunstleve RW, Sauter NK, Adams PD: Newsletter of the IUCr Commission on Crystallographic Computing 2004, 3, 22-31.
;
? 
S ? ? 9.55732 6.39887 ? ? 1.23737  29.19336 ? ? 0.0 
;2-Gaussian fit: Grosse-Kunstleve RW, Sauter NK, Adams PD: Newsletter of the IUCr Commission on Crystallographic Computing 2004, 3, 22-31.
;
? 
# 
loop_
_atom_site.group_PDB 
_atom_site.id 
_atom_site.type_symbol 
_atom_site.label_atom_id 
_atom_site.label_alt_id 
_atom_site.label_comp_id 
_atom_site.label_asym_id 
_atom_site.label_entity_id 
_atom_site.label_seq_id 
_atom_site.pdbx_PDB_ins_code 
_atom_site.Cartn_x 
_atom_site.Cartn_y 
_atom_site.Cartn_z 
_atom_site.occupancy 
_atom_site.B_iso_or_equiv 
_atom_site.pdbx_formal_charge 
_atom_site.auth_seq_id 
_atom_site.auth_comp_id 
_atom_site.auth_asym_id 
_atom_site.auth_atom_id 
_atom_site.pdbx_PDB_model_num 
ATOM   1    N N    . HIS A 1 43  ? 20.65333  -4.65429  -22.43016 1.000 45.65051 ? 19  HIS A N    1 
ATOM   2    C CA   . HIS A 1 43  ? 19.98384  -3.35567  -22.44439 1.000 38.99439 ? 19  HIS A CA   1 
ATOM   3    C C    . HIS A 1 43  ? 19.44609  -2.98878  -21.06303 1.000 38.30426 ? 19  HIS A C    1 
ATOM   4    O O    . HIS A 1 43  ? 19.36239  -1.81432  -20.70727 1.000 31.80839 ? 19  HIS A O    1 
ATOM   5    C CB   . HIS A 1 43  ? 18.84306  -3.35102  -23.46289 1.000 48.93869 ? 19  HIS A CB   1 
ATOM   6    C CG   . HIS A 1 43  ? 19.28262  -3.00712  -24.85486 1.000 58.35088 ? 19  HIS A CG   1 
ATOM   7    N ND1  . HIS A 1 43  ? 20.55118  -3.27827  -25.32167 1.000 61.97836 ? 19  HIS A ND1  1 
ATOM   8    C CD2  . HIS A 1 43  ? 18.61951  -2.42564  -25.88207 1.000 57.95080 ? 19  HIS A CD2  1 
ATOM   9    C CE1  . HIS A 1 43  ? 20.65152  -2.87442  -26.57512 1.000 61.03416 ? 19  HIS A CE1  1 
ATOM   10   N NE2  . HIS A 1 43  ? 19.49427  -2.35461  -26.93933 1.000 58.14616 ? 19  HIS A NE2  1 
ATOM   11   N N    . HIS A 1 44  ? 19.07629  -3.99961  -20.28908 1.000 33.36681 ? 20  HIS A N    1 
ATOM   12   C CA   . HIS A 1 44  ? 18.55274  -3.79495  -18.94851 1.000 39.96439 ? 20  HIS A CA   1 
ATOM   13   C C    . HIS A 1 44  ? 19.59692  -4.03281  -17.86673 1.000 45.89523 ? 20  HIS A C    1 
ATOM   14   O O    . HIS A 1 44  ? 19.24684  -4.06591  -16.68245 1.000 36.08482 ? 20  HIS A O    1 
ATOM   15   C CB   . HIS A 1 44  ? 17.34321  -4.69950  -18.71888 1.000 42.55633 ? 20  HIS A CB   1 
ATOM   16   C CG   . HIS A 1 44  ? 17.66585  -6.15523  -18.78813 1.000 47.44331 ? 20  HIS A CG   1 
ATOM   17   N ND1  . HIS A 1 44  ? 18.18835  -6.85036  -17.72020 1.000 45.80076 ? 20  HIS A ND1  1 
ATOM   18   C CD2  . HIS A 1 44  ? 17.55449  -7.04679  -19.80032 1.000 58.40462 ? 20  HIS A CD2  1 
ATOM   19   C CE1  . HIS A 1 44  ? 18.37755  -8.11024  -18.06763 1.000 51.39973 ? 20  HIS A CE1  1 
ATOM   20   N NE2  . HIS A 1 44  ? 18.00539  -8.25521  -19.32616 1.000 56.18177 ? 20  HIS A NE2  1 
ATOM   21   N N    . ASP A 1 45  ? 20.87067  -4.19293  -18.24852 1.000 32.99093 ? 21  ASP A N    1 
ATOM   22   C CA   . ASP A 1 45  ? 21.94670  -4.45497  -17.30542 1.000 35.84498 ? 21  ASP A CA   1 
ATOM   23   C C    . ASP A 1 45  ? 22.74113  -3.17743  -17.08326 1.000 38.37952 ? 21  ASP A C    1 
ATOM   24   O O    . ASP A 1 45  ? 23.44129  -2.72514  -18.00767 1.000 36.90414 ? 21  ASP A O    1 
ATOM   25   C CB   . ASP A 1 45  ? 22.85524  -5.56304  -17.83937 1.000 37.28387 ? 21  ASP A CB   1 
ATOM   26   C CG   . ASP A 1 45  ? 23.99607  -5.90798  -16.89433 1.000 48.57323 ? 21  ASP A CG   1 
ATOM   27   O OD1  . ASP A 1 45  ? 24.16114  -5.25730  -15.83217 1.000 42.08049 ? 21  ASP A OD1  1 
ATOM   28   O OD2  . ASP A 1 45  ? 24.74782  -6.84149  -17.24253 1.000 47.64496 ? 21  ASP A OD2  1 
ATOM   29   N N    . PRO A 1 46  ? 22.68197  -2.56994  -15.89370 1.000 29.86861 ? 22  PRO A N    1 
ATOM   30   C CA   . PRO A 1 46  ? 23.44111  -1.32867  -15.66790 1.000 27.08704 ? 22  PRO A CA   1 
ATOM   31   C C    . PRO A 1 46  ? 24.95541  -1.49500  -15.82911 1.000 25.54255 ? 22  PRO A C    1 
ATOM   32   O O    . PRO A 1 46  ? 25.63941  -0.50223  -16.09874 1.000 28.30218 ? 22  PRO A O    1 
ATOM   33   C CB   . PRO A 1 46  ? 23.06460  -0.93956  -14.23079 1.000 34.17596 ? 22  PRO A CB   1 
ATOM   34   C CG   . PRO A 1 46  ? 21.68855  -1.63921  -13.97884 1.000 32.18358 ? 22  PRO A CG   1 
ATOM   35   C CD   . PRO A 1 46  ? 21.83914  -2.94398  -14.73986 1.000 33.81632 ? 22  PRO A CD   1 
ATOM   36   N N    . ALA A 1 47  ? 25.49850  -2.70053  -15.67189 1.000 32.80243 ? 23  ALA A N    1 
ATOM   37   C CA   . ALA A 1 47  ? 26.93537  -2.87905  -15.87512 1.000 34.28299 ? 23  ALA A CA   1 
ATOM   38   C C    . ALA A 1 47  ? 27.32163  -2.99063  -17.34607 1.000 39.04010 ? 23  ALA A C    1 
ATOM   39   O O    . ALA A 1 47  ? 28.52113  -3.00803  -17.65879 1.000 37.81421 ? 23  ALA A O    1 
ATOM   40   C CB   . ALA A 1 47  ? 27.43794  -4.11804  -15.12419 1.000 35.40160 ? 23  ALA A CB   1 
ATOM   41   N N    . SER A 1 48  ? 26.35321  -3.06624  -18.24718 1.000 34.50779 ? 24  SER A N    1 
ATOM   42   C CA   . SER A 1 48  ? 26.61805  -3.20593  -19.67102 1.000 39.71571 ? 24  SER A CA   1 
ATOM   43   C C    . SER A 1 48  ? 26.78881  -1.84421  -20.33580 1.000 52.60126 ? 24  SER A C    1 
ATOM   44   O O    . SER A 1 48  ? 26.24058  -0.83170  -19.88188 1.000 46.83883 ? 24  SER A O    1 
ATOM   45   C CB   . SER A 1 48  ? 25.47659  -3.97452  -20.34278 1.000 46.92538 ? 24  SER A CB   1 
ATOM   46   O OG   . SER A 1 48  ? 25.57838  -3.91746  -21.75559 1.000 54.73665 ? 24  SER A OG   1 
ATOM   47   N N    . ASP A 1 49  ? 27.54941  -1.82754  -21.43677 1.000 41.20979 ? 25  ASP A N    1 
ATOM   48   C CA   . ASP A 1 49  ? 27.64473  -0.61834  -22.25039 1.000 37.84217 ? 25  ASP A CA   1 
ATOM   49   C C    . ASP A 1 49  ? 26.34768  -0.32420  -23.00513 1.000 44.47938 ? 25  ASP A C    1 
ATOM   50   O O    . ASP A 1 49  ? 26.15813  0.80716   -23.46232 1.000 41.42329 ? 25  ASP A O    1 
ATOM   51   C CB   . ASP A 1 49  ? 28.80764  -0.72967  -23.24202 1.000 50.96171 ? 25  ASP A CB   1 
ATOM   52   C CG   . ASP A 1 49  ? 30.17284  -0.56795  -22.57423 1.000 64.32708 ? 25  ASP A CG   1 
ATOM   53   O OD1  . ASP A 1 49  ? 30.26002  0.11272   -21.52711 1.000 55.69692 ? 25  ASP A OD1  1 
ATOM   54   O OD2  . ASP A 1 49  ? 31.16318  -1.12136  -23.10415 1.000 69.38564 ? 25  ASP A OD2  1 
ATOM   55   N N    . GLU A 1 50  ? 25.45875  -1.30854  -23.14378 1.000 39.42454 ? 26  GLU A N    1 
ATOM   56   C CA   . GLU A 1 50  ? 24.20159  -1.15881  -23.86352 1.000 46.84402 ? 26  GLU A CA   1 
ATOM   57   C C    . GLU A 1 50  ? 23.05418  -0.70186  -22.96851 1.000 42.89045 ? 26  GLU A C    1 
ATOM   58   O O    . GLU A 1 50  ? 21.90354  -0.68365  -23.42111 1.000 45.65164 ? 26  GLU A O    1 
ATOM   59   C CB   . GLU A 1 50  ? 23.79869  -2.47772  -24.53075 1.000 46.79414 ? 26  GLU A CB   1 
ATOM   60   C CG   . GLU A 1 50  ? 24.91601  -3.28431  -25.15157 1.000 55.95530 ? 26  GLU A CG   1 
ATOM   61   C CD   . GLU A 1 50  ? 24.51035  -4.73407  -25.37726 1.000 73.53274 ? 26  GLU A CD   1 
ATOM   62   O OE1  . GLU A 1 50  ? 23.45621  -5.15469  -24.84282 1.000 64.09457 ? 26  GLU A OE1  1 
ATOM   63   O OE2  . GLU A 1 50  ? 25.24118  -5.45091  -26.09401 1.000 81.71807 ? 26  GLU A OE2  1 
ATOM   64   N N    . PHE A 1 51  ? 23.33912  -0.35182  -21.71612 1.000 36.91956 ? 27  PHE A N    1 
ATOM   65   C CA   . PHE A 1 51  ? 22.28421  -0.06872  -20.74940 1.000 32.37760 ? 27  PHE A CA   1 
ATOM   66   C C    . PHE A 1 51  ? 21.42345  1.10189   -21.21324 1.000 33.17465 ? 27  PHE A C    1 
ATOM   67   O O    . PHE A 1 51  ? 21.93558  2.16538   -21.57123 1.000 34.56124 ? 27  PHE A O    1 
ATOM   68   C CB   . PHE A 1 51  ? 22.91050  0.22949   -19.38321 1.000 36.31158 ? 27  PHE A CB   1 
ATOM   69   C CG   . PHE A 1 51  ? 21.90909  0.59442   -18.32489 1.000 29.93897 ? 27  PHE A CG   1 
ATOM   70   C CD1  . PHE A 1 51  ? 20.95167  -0.32372  -17.91044 1.000 32.38088 ? 27  PHE A CD1  1 
ATOM   71   C CD2  . PHE A 1 51  ? 21.92796  1.84778   -17.74134 1.000 34.58527 ? 27  PHE A CD2  1 
ATOM   72   C CE1  . PHE A 1 51  ? 20.00537  0.01274   -16.93256 1.000 30.58354 ? 27  PHE A CE1  1 
ATOM   73   C CE2  . PHE A 1 51  ? 20.98184  2.19116   -16.76629 1.000 38.84527 ? 27  PHE A CE2  1 
ATOM   74   C CZ   . PHE A 1 51  ? 20.02982  1.26429   -16.36300 1.000 31.32612 ? 27  PHE A CZ   1 
ATOM   75   N N    . ARG A 1 52  ? 20.10350  0.91190   -21.17910 1.000 35.29313 ? 28  ARG A N    1 
ATOM   76   C CA   . ARG A 1 52  ? 19.14306  1.96345   -21.49813 1.000 37.09636 ? 28  ARG A CA   1 
ATOM   77   C C    . ARG A 1 52  ? 18.05465  1.94917   -20.43233 1.000 33.07305 ? 28  ARG A C    1 
ATOM   78   O O    . ARG A 1 52  ? 17.43809  0.90917   -20.19700 1.000 29.05914 ? 28  ARG A O    1 
ATOM   79   C CB   . ARG A 1 52  ? 18.53717  1.75222   -22.88616 1.000 36.31275 ? 28  ARG A CB   1 
ATOM   80   C CG   . ARG A 1 52  ? 19.48867  1.98041   -24.05647 1.000 44.04293 ? 28  ARG A CG   1 
ATOM   81   C CD   . ARG A 1 52  ? 19.04470  1.15801   -25.27038 1.000 54.41485 ? 28  ARG A CD   1 
ATOM   82   N NE   . ARG A 1 52  ? 19.61054  1.64572   -26.53157 1.000 62.18695 ? 28  ARG A NE   1 
ATOM   83   C CZ   . ARG A 1 52  ? 20.83525  1.36389   -26.96865 1.000 62.38574 ? 28  ARG A CZ   1 
ATOM   84   N NH1  . ARG A 1 52  ? 21.64409  0.59489   -26.24540 1.000 59.99969 ? 28  ARG A NH1  1 
ATOM   85   N NH2  . ARG A 1 52  ? 21.25595  1.85250   -28.13225 1.000 58.70746 ? 28  ARG A NH2  1 
ATOM   86   N N    . LYS A 1 53  ? 17.83754  3.08325   -19.76714 1.000 34.91833 ? 29  LYS A N    1 
ATOM   87   C CA   . LYS A 1 53  ? 16.83173  3.10182   -18.70819 1.000 31.26238 ? 29  LYS A CA   1 
ATOM   88   C C    . LYS A 1 53  ? 15.46786  2.65891   -19.22079 1.000 34.77841 ? 29  LYS A C    1 
ATOM   89   O O    . LYS A 1 53  ? 14.70077  2.04226   -18.47090 1.000 32.11218 ? 29  LYS A O    1 
ATOM   90   C CB   . LYS A 1 53  ? 16.74226  4.48615   -18.06886 1.000 28.98351 ? 29  LYS A CB   1 
ATOM   91   C CG   . LYS A 1 53  ? 16.25034  5.59960   -18.99250 1.000 39.95144 ? 29  LYS A CG   1 
ATOM   92   C CD   . LYS A 1 53  ? 16.31282  6.94682   -18.28566 1.000 38.56391 ? 29  LYS A CD   1 
ATOM   93   C CE   . LYS A 1 53  ? 15.54127  8.02460   -19.04719 1.000 37.41337 ? 29  LYS A CE   1 
ATOM   94   N NZ   . LYS A 1 53  ? 16.09654  8.16993   -20.42235 1.000 53.23113 ? 29  LYS A NZ   1 
ATOM   95   N N    . GLU A 1 54  ? 15.14704  2.93714   -20.49025 1.000 35.60277 ? 30  GLU A N    1 
ATOM   96   C CA   . GLU A 1 54  ? 13.83849  2.53488   -21.00436 1.000 36.79056 ? 30  GLU A CA   1 
ATOM   97   C C    . GLU A 1 54  ? 13.70057  1.03099   -21.15501 1.000 32.97961 ? 30  GLU A C    1 
ATOM   98   O O    . GLU A 1 54  ? 12.57801  0.54633   -21.33161 1.000 33.67251 ? 30  GLU A O    1 
ATOM   99   C CB   . GLU A 1 54  ? 13.53401  3.20116   -22.34634 1.000 44.18571 ? 30  GLU A CB   1 
ATOM   100  C CG   . GLU A 1 54  ? 13.27757  4.69022   -22.25408 1.000 40.63841 ? 30  GLU A CG   1 
ATOM   101  C CD   . GLU A 1 54  ? 14.56375  5.48343   -22.16124 1.000 54.62334 ? 30  GLU A CD   1 
ATOM   102  O OE1  . GLU A 1 54  ? 15.66587  4.86828   -22.19095 1.000 50.83382 ? 30  GLU A OE1  1 
ATOM   103  O OE2  . GLU A 1 54  ? 14.47465  6.72246   -22.05534 1.000 54.98667 ? 30  GLU A OE2  1 
ATOM   104  N N    . ASP A 1 55  ? 14.79738  0.27933   -21.07590 1.000 33.68276 ? 31  ASP A N    1 
ATOM   105  C CA   . ASP A 1 55  ? 14.73717  -1.17270  -21.08224 1.000 31.47944 ? 31  ASP A CA   1 
ATOM   106  C C    . ASP A 1 55  ? 14.95715  -1.74836  -19.69199 1.000 31.18866 ? 31  ASP A C    1 
ATOM   107  O O    . ASP A 1 55  ? 15.05723  -2.96889  -19.53654 1.000 37.67324 ? 31  ASP A O    1 
ATOM   108  C CB   . ASP A 1 55  ? 15.76860  -1.72863  -22.07317 1.000 42.66457 ? 31  ASP A CB   1 
ATOM   109  C CG   . ASP A 1 55  ? 15.50386  -1.26379  -23.50090 1.000 46.32215 ? 31  ASP A CG   1 
ATOM   110  O OD1  . ASP A 1 55  ? 14.35969  -1.42466  -23.96960 1.000 47.25907 ? 31  ASP A OD1  1 
ATOM   111  O OD2  . ASP A 1 55  ? 16.42397  -0.72127  -24.14583 1.000 48.19433 ? 31  ASP A OD2  1 
ATOM   112  N N    . PHE A 1 56  ? 15.02885  -0.88822  -18.68297 1.000 29.34595 ? 32  PHE A N    1 
ATOM   113  C CA   . PHE A 1 56  ? 15.39848  -1.24506  -17.32062 1.000 29.01577 ? 32  PHE A CA   1 
ATOM   114  C C    . PHE A 1 56  ? 14.13735  -1.37425  -16.47282 1.000 33.59431 ? 32  PHE A C    1 
ATOM   115  O O    . PHE A 1 56  ? 13.49319  -0.35488  -16.18957 1.000 30.99438 ? 32  PHE A O    1 
ATOM   116  C CB   . PHE A 1 56  ? 16.31955  -0.15485  -16.77148 1.000 33.91484 ? 32  PHE A CB   1 
ATOM   117  C CG   . PHE A 1 56  ? 16.90371  -0.43550  -15.42434 1.000 27.74040 ? 32  PHE A CG   1 
ATOM   118  C CD1  . PHE A 1 56  ? 17.39698  -1.68720  -15.09821 1.000 28.70993 ? 32  PHE A CD1  1 
ATOM   119  C CD2  . PHE A 1 56  ? 16.99058  0.58866   -14.48222 1.000 24.61907 ? 32  PHE A CD2  1 
ATOM   120  C CE1  . PHE A 1 56  ? 17.95980  -1.92494  -13.85327 1.000 28.24174 ? 32  PHE A CE1  1 
ATOM   121  C CE2  . PHE A 1 56  ? 17.54909  0.36182   -13.23276 1.000 26.46678 ? 32  PHE A CE2  1 
ATOM   122  C CZ   . PHE A 1 56  ? 18.04385  -0.89704  -12.91490 1.000 28.01465 ? 32  PHE A CZ   1 
ATOM   123  N N    . PRO A 1 57  ? 13.73253  -2.58460  -16.06516 1.000 34.93659 ? 33  PRO A N    1 
ATOM   124  C CA   . PRO A 1 57  ? 12.47288  -2.72068  -15.30639 1.000 34.47594 ? 33  PRO A CA   1 
ATOM   125  C C    . PRO A 1 57  ? 12.34061  -1.78068  -14.11681 1.000 33.94123 ? 33  PRO A C    1 
ATOM   126  O O    . PRO A 1 57  ? 11.23356  -1.31571  -13.83544 1.000 26.98568 ? 33  PRO A O    1 
ATOM   127  C CB   . PRO A 1 57  ? 12.50116  -4.18555  -14.85557 1.000 34.87000 ? 33  PRO A CB   1 
ATOM   128  C CG   . PRO A 1 57  ? 13.27134  -4.88863  -15.92832 1.000 33.22846 ? 33  PRO A CG   1 
ATOM   129  C CD   . PRO A 1 57  ? 14.31726  -3.89645  -16.41108 1.000 34.06470 ? 33  PRO A CD   1 
ATOM   130  N N    . PHE A 1 58  ? 13.42388  -1.50804  -13.39277 1.000 31.08506 ? 34  PHE A N    1 
ATOM   131  C CA   . PHE A 1 58  ? 13.31734  -0.68320  -12.20143 1.000 26.50008 ? 34  PHE A CA   1 
ATOM   132  C C    . PHE A 1 58  ? 13.06498  0.77547   -12.54887 1.000 29.55757 ? 34  PHE A C    1 
ATOM   133  O O    . PHE A 1 58  ? 12.47629  1.49446   -11.73620 1.000 26.15089 ? 34  PHE A O    1 
ATOM   134  C CB   . PHE A 1 58  ? 14.57572  -0.83501  -11.32951 1.000 28.72872 ? 34  PHE A CB   1 
ATOM   135  C CG   . PHE A 1 58  ? 14.69104  -2.19154  -10.67812 1.000 30.25326 ? 34  PHE A CG   1 
ATOM   136  C CD1  . PHE A 1 58  ? 13.81483  -2.56228  -9.65855  1.000 30.87710 ? 34  PHE A CD1  1 
ATOM   137  C CD2  . PHE A 1 58  ? 15.64723  -3.11403  -11.11069 1.000 27.19205 ? 34  PHE A CD2  1 
ATOM   138  C CE1  . PHE A 1 58  ? 13.89137  -3.81681  -9.06398  1.000 27.33064 ? 34  PHE A CE1  1 
ATOM   139  C CE2  . PHE A 1 58  ? 15.72620  -4.38218  -10.52032 1.000 25.79093 ? 34  PHE A CE2  1 
ATOM   140  C CZ   . PHE A 1 58  ? 14.86353  -4.72695  -9.49142  1.000 25.29394 ? 34  PHE A CZ   1 
ATOM   141  N N    . TYR A 1 59  ? 13.44573  1.21329   -13.75393 1.000 23.80903 ? 35  TYR A N    1 
ATOM   142  C CA   . TYR A 1 59  ? 13.09739  2.56174   -14.18672 1.000 25.55916 ? 35  TYR A CA   1 
ATOM   143  C C    . TYR A 1 59  ? 11.58404  2.70241   -14.34403 1.000 29.28962 ? 35  TYR A C    1 
ATOM   144  O O    . TYR A 1 59  ? 10.96529  3.61922   -13.77960 1.000 26.28859 ? 35  TYR A O    1 
ATOM   145  C CB   . TYR A 1 59  ? 13.80037  2.90281   -15.50414 1.000 25.55025 ? 35  TYR A CB   1 
ATOM   146  C CG   . TYR A 1 59  ? 13.27084  4.17485   -16.13469 1.000 26.98425 ? 35  TYR A CG   1 
ATOM   147  C CD1  . TYR A 1 59  ? 13.64606  5.42228   -15.65234 1.000 25.34584 ? 35  TYR A CD1  1 
ATOM   148  C CD2  . TYR A 1 59  ? 12.36448  4.12526   -17.19666 1.000 28.40007 ? 35  TYR A CD2  1 
ATOM   149  C CE1  . TYR A 1 59  ? 13.15235  6.59688   -16.22356 1.000 29.76909 ? 35  TYR A CE1  1 
ATOM   150  C CE2  . TYR A 1 59  ? 11.86911  5.28646   -17.77252 1.000 31.37625 ? 35  TYR A CE2  1 
ATOM   151  C CZ   . TYR A 1 59  ? 12.26617  6.51374   -17.28509 1.000 30.33986 ? 35  TYR A CZ   1 
ATOM   152  O OH   . TYR A 1 59  ? 11.76324  7.66182   -17.85398 1.000 33.60404 ? 35  TYR A OH   1 
ATOM   153  N N    . TRP A 1 60  ? 10.96807  1.81063   -15.12530 1.000 27.83710 ? 36  TRP A N    1 
ATOM   154  C CA   . TRP A 1 60  ? 9.51915   1.91681   -15.30780 1.000 29.96002 ? 36  TRP A CA   1 
ATOM   155  C C    . TRP A 1 60  ? 8.78353   1.61873   -14.01310 1.000 26.45451 ? 36  TRP A C    1 
ATOM   156  O O    . TRP A 1 60  ? 7.72858   2.19413   -13.76199 1.000 29.93823 ? 36  TRP A O    1 
ATOM   157  C CB   . TRP A 1 60  ? 9.03549   0.98164   -16.41778 1.000 27.17806 ? 36  TRP A CB   1 
ATOM   158  C CG   . TRP A 1 60  ? 9.43889   1.45471   -17.77851 1.000 30.80642 ? 36  TRP A CG   1 
ATOM   159  C CD1  . TRP A 1 60  ? 10.23955  0.79728   -18.66865 1.000 36.74904 ? 36  TRP A CD1  1 
ATOM   160  C CD2  . TRP A 1 60  ? 9.09791   2.70285   -18.39316 1.000 34.77827 ? 36  TRP A CD2  1 
ATOM   161  N NE1  . TRP A 1 60  ? 10.40605  1.55188   -19.80315 1.000 38.26686 ? 36  TRP A NE1  1 
ATOM   162  C CE2  . TRP A 1 60  ? 9.71592   2.72471   -19.66344 1.000 39.99362 ? 36  TRP A CE2  1 
ATOM   163  C CE3  . TRP A 1 60  ? 8.32493   3.80007   -18.00166 1.000 31.68046 ? 36  TRP A CE3  1 
ATOM   164  C CZ2  . TRP A 1 60  ? 9.58322   3.79997   -20.54134 1.000 41.12346 ? 36  TRP A CZ2  1 
ATOM   165  C CZ3  . TRP A 1 60  ? 8.19936   4.86945   -18.87160 1.000 37.27577 ? 36  TRP A CZ3  1 
ATOM   166  C CH2  . TRP A 1 60  ? 8.82160   4.85963   -20.12866 1.000 35.12147 ? 36  TRP A CH2  1 
ATOM   167  N N    . LEU A 1 61  ? 9.32809   0.73269   -13.18045 1.000 26.23918 ? 37  LEU A N    1 
ATOM   168  C CA   . LEU A 1 61  ? 8.74668   0.48091   -11.86843 1.000 28.71646 ? 37  LEU A CA   1 
ATOM   169  C C    . LEU A 1 61  ? 8.68186   1.76041   -11.04559 1.000 29.17918 ? 37  LEU A C    1 
ATOM   170  O O    . LEU A 1 61  ? 7.64639   2.06411   -10.43496 1.000 26.02025 ? 37  LEU A O    1 
ATOM   171  C CB   . LEU A 1 61  ? 9.56557   -0.59664  -11.14219 1.000 30.11282 ? 37  LEU A CB   1 
ATOM   172  C CG   . LEU A 1 61  ? 8.88380   -1.26651  -9.94583  1.000 37.79451 ? 37  LEU A CG   1 
ATOM   173  C CD1  . LEU A 1 61  ? 9.20039   -2.75523  -9.91228  1.000 36.76857 ? 37  LEU A CD1  1 
ATOM   174  C CD2  . LEU A 1 61  ? 9.33288   -0.59953  -8.66312  1.000 36.16547 ? 37  LEU A CD2  1 
ATOM   175  N N    . ALA A 1 62  ? 9.78740   2.52291   -11.00719 1.000 27.80663 ? 38  ALA A N    1 
ATOM   176  C CA   . ALA A 1 62  ? 9.79684   3.77978   -10.25842 1.000 30.56715 ? 38  ALA A CA   1 
ATOM   177  C C    . ALA A 1 62  ? 8.87823   4.83159   -10.88853 1.000 27.58823 ? 38  ALA A C    1 
ATOM   178  O O    . ALA A 1 62  ? 8.17363   5.56282   -10.17019 1.000 26.57076 ? 38  ALA A O    1 
ATOM   179  C CB   . ALA A 1 62  ? 11.23889  4.29809   -10.13934 1.000 23.78229 ? 38  ALA A CB   1 
ATOM   180  N N    . ARG A 1 63  ? 8.87536   4.94339   -12.22202 1.000 27.74209 ? 39  ARG A N    1 
ATOM   181  C CA   . ARG A 1 63  ? 7.94846   5.87734   -12.87123 1.000 29.25067 ? 39  ARG A CA   1 
ATOM   182  C C    . ARG A 1 63  ? 6.49907   5.52619   -12.53970 1.000 31.75993 ? 39  ARG A C    1 
ATOM   183  O O    . ARG A 1 63  ? 5.66874   6.41459   -12.25696 1.000 29.02195 ? 39  ARG A O    1 
ATOM   184  C CB   . ARG A 1 63  ? 8.14230   5.86913   -14.39641 1.000 29.54834 ? 39  ARG A CB   1 
ATOM   185  C CG   . ARG A 1 63  ? 9.48576   6.37756   -14.94742 1.000 29.46194 ? 39  ARG A CG   1 
ATOM   186  C CD   . ARG A 1 63  ? 9.89706   7.77185   -14.46510 1.000 31.55052 ? 39  ARG A CD   1 
ATOM   187  N NE   . ARG A 1 63  ? 8.86205   8.81359   -14.61263 1.000 43.25846 ? 39  ARG A NE   1 
ATOM   188  C CZ   . ARG A 1 63  ? 8.59336   9.46208   -15.74594 1.000 36.31663 ? 39  ARG A CZ   1 
ATOM   189  N NH1  . ARG A 1 63  ? 9.24667   9.16685   -16.85836 1.000 36.30097 ? 39  ARG A NH1  1 
ATOM   190  N NH2  . ARG A 1 63  ? 7.66656   10.40894  -15.77502 1.000 38.60227 ? 39  ARG A NH2  1 
ATOM   191  N N    . VAL A 1 64  ? 6.16420   4.23147   -12.59721 1.000 26.76359 ? 40  VAL A N    1 
ATOM   192  C CA   . VAL A 1 64  ? 4.80259   3.80280   -12.27028 1.000 28.19049 ? 40  VAL A CA   1 
ATOM   193  C C    . VAL A 1 64  ? 4.49847   4.11028   -10.81272 1.000 32.33470 ? 40  VAL A C    1 
ATOM   194  O O    . VAL A 1 64  ? 3.43131   4.62804   -10.47931 1.000 29.75088 ? 40  VAL A O    1 
ATOM   195  C CB   . VAL A 1 64  ? 4.61423   2.30271   -12.56428 1.000 30.26063 ? 40  VAL A CB   1 
ATOM   196  C CG1  . VAL A 1 64  ? 3.25931   1.80720   -12.01844 1.000 29.32694 ? 40  VAL A CG1  1 
ATOM   197  C CG2  . VAL A 1 64  ? 4.76421   2.02045   -14.04571 1.000 31.42606 ? 40  VAL A CG2  1 
ATOM   198  N N    . HIS A 1 65  ? 5.42419   3.77082   -9.91559  1.000 25.89920 ? 41  HIS A N    1 
ATOM   199  C CA   . HIS A 1 65  ? 5.19154   4.03584   -8.50019  1.000 29.66941 ? 41  HIS A CA   1 
ATOM   200  C C    . HIS A 1 65  ? 4.92638   5.51742   -8.25688  1.000 29.59993 ? 41  HIS A C    1 
ATOM   201  O O    . HIS A 1 65  ? 3.98878   5.88122   -7.53287  1.000 30.44209 ? 41  HIS A O    1 
ATOM   202  C CB   . HIS A 1 65  ? 6.38672   3.56166   -7.67528  1.000 27.26193 ? 41  HIS A CB   1 
ATOM   203  C CG   . HIS A 1 65  ? 6.20892   3.78317   -6.21010  1.000 28.91940 ? 41  HIS A CG   1 
ATOM   204  N ND1  . HIS A 1 65  ? 6.71289   4.88948   -5.55997  1.000 35.71007 ? 41  HIS A ND1  1 
ATOM   205  C CD2  . HIS A 1 65  ? 5.54485   3.06464   -5.27714  1.000 36.37842 ? 41  HIS A CD2  1 
ATOM   206  C CE1  . HIS A 1 65  ? 6.38418   4.82908   -4.28193  1.000 37.04549 ? 41  HIS A CE1  1 
ATOM   207  N NE2  . HIS A 1 65  ? 5.67987   3.72998   -4.08394  1.000 37.20882 ? 41  HIS A NE2  1 
ATOM   208  N N    . GLY A 1 66  ? 5.66634   6.38942   -8.91189  1.000 27.55719 ? 42  GLY A N    1 
ATOM   209  C CA   . GLY A 1 66  ? 5.49604   7.82877   -8.69874  1.000 26.72933 ? 42  GLY A CA   1 
ATOM   210  C C    . GLY A 1 66  ? 4.18775   8.35554   -9.23909  1.000 30.46345 ? 42  GLY A C    1 
ATOM   211  O O    . GLY A 1 66  ? 3.55579   9.06588   -8.56093  1.000 25.15011 ? 42  GLY A O    1 
ATOM   212  N N    . ARG A 1 67  ? 3.83354   7.97539   -10.45084 1.000 28.52814 ? 43  ARG A N    1 
ATOM   213  C CA   . ARG A 1 67  ? 2.59212   8.45980   -11.09218 1.000 27.50044 ? 43  ARG A CA   1 
ATOM   214  C C    . ARG A 1 67  ? 1.38678   7.87655   -10.35320 1.000 32.76063 ? 43  ARG A C    1 
ATOM   215  O O    . ARG A 1 67  ? 0.44159   8.57232   -10.15240 1.000 31.60930 ? 43  ARG A O    1 
ATOM   216  C CB   . ARG A 1 67  ? 2.62455   8.09075   -12.57036 1.000 33.43228 ? 43  ARG A CB   1 
ATOM   217  C CG   . ARG A 1 67  ? 1.49796   8.68204   -13.38964 1.000 42.81089 ? 43  ARG A CG   1 
ATOM   218  C CD   . ARG A 1 67  ? 1.32196   10.14058  -13.04483 1.000 63.35630 ? 43  ARG A CD   1 
ATOM   219  N NE   . ARG A 1 67  ? 1.45463   11.05711  -14.16034 1.000 73.72775 ? 43  ARG A NE   1 
ATOM   220  C CZ   . ARG A 1 67  ? 0.43685   11.60855  -14.80621 1.000 70.60564 ? 43  ARG A CZ   1 
ATOM   221  N NH1  . ARG A 1 67  ? -0.81632  11.34410  -14.46458 1.000 61.99004 ? 43  ARG A NH1  1 
ATOM   222  N NH2  . ARG A 1 67  ? 0.68938   12.41057  -15.81668 1.000 66.43664 ? 43  ARG A NH2  1 
ATOM   223  N N    . TYR A 1 68  ? 1.43433   6.59784   -10.04359 1.000 25.15605 ? 44  TYR A N    1 
ATOM   224  C CA   . TYR A 1 68  ? 0.34989   5.98262   -9.28382  1.000 28.82915 ? 44  TYR A CA   1 
ATOM   225  C C    . TYR A 1 68  ? 0.15359   6.68604   -7.94998  1.000 30.43914 ? 44  TYR A C    1 
ATOM   226  O O    . TYR A 1 68  ? -0.97915  7.01187   -7.56472  1.000 25.12919 ? 44  TYR A O    1 
ATOM   227  C CB   . TYR A 1 68  ? 0.64406   4.49403   -9.06161  1.000 25.00553 ? 44  TYR A CB   1 
ATOM   228  C CG   . TYR A 1 68  ? -0.33213  3.74990   -8.14859  1.000 26.99032 ? 44  TYR A CG   1 
ATOM   229  C CD1  . TYR A 1 68  ? -1.64067  3.45672   -8.57149  1.000 26.39211 ? 44  TYR A CD1  1 
ATOM   230  C CD2  . TYR A 1 68  ? 0.06063   3.32267   -6.87596  1.000 23.43968 ? 44  TYR A CD2  1 
ATOM   231  C CE1  . TYR A 1 68  ? -2.52506  2.76280   -7.74396  1.000 24.76700 ? 44  TYR A CE1  1 
ATOM   232  C CE2  . TYR A 1 68  ? -0.81396  2.62064   -6.04363  1.000 26.15048 ? 44  TYR A CE2  1 
ATOM   233  C CZ   . TYR A 1 68  ? -2.10128  2.34204   -6.48390  1.000 25.95347 ? 44  TYR A CZ   1 
ATOM   234  O OH   . TYR A 1 68  ? -2.95478  1.64984   -5.65652  1.000 30.34533 ? 44  TYR A OH   1 
ATOM   235  N N    . THR A 1 69  ? 1.24520   6.91612   -7.24694  1.000 23.82683 ? 45  THR A N    1 
ATOM   236  C CA   . THR A 1 69  ? 1.20047   7.58775   -5.92958  1.000 25.56331 ? 45  THR A CA   1 
ATOM   237  C C    . THR A 1 69  ? 0.58956   8.98813   -6.05158  1.000 30.21456 ? 45  THR A C    1 
ATOM   238  O O    . THR A 1 69  ? -0.27164  9.30304   -5.29666  1.000 27.81043 ? 45  THR A O    1 
ATOM   239  C CB   . THR A 1 69  ? 2.58997   7.59728   -5.29857  1.000 29.21028 ? 45  THR A CB   1 
ATOM   240  O OG1  . THR A 1 69  ? 2.82760   6.25766   -4.92634  1.000 35.31226 ? 45  THR A OG1  1 
ATOM   241  C CG2  . THR A 1 69  ? 2.62703   8.41333   -4.03663  1.000 34.13463 ? 45  THR A CG2  1 
ATOM   242  N N    . GLN A 1 70  ? 1.05805   9.77634   -7.00122  1.000 28.04380 ? 46  GLN A N    1 
ATOM   243  C CA   . GLN A 1 70  ? 0.52205   11.13407  -7.20388  1.000 30.86566 ? 46  GLN A CA   1 
ATOM   244  C C    . GLN A 1 70  ? -0.97049  11.07217  -7.50051  1.000 29.40158 ? 46  GLN A C    1 
ATOM   245  O O    . GLN A 1 70  ? -1.67154  11.80983  -6.90640  1.000 30.25081 ? 46  GLN A O    1 
ATOM   246  C CB   . GLN A 1 70  ? 1.15150   11.76786  -8.42415  1.000 27.97284 ? 46  GLN A CB   1 
ATOM   247  C CG   . GLN A 1 70  ? 2.62755   11.99695  -8.29067  1.000 56.43293 ? 46  GLN A CG   1 
ATOM   248  C CD   . GLN A 1 70  ? 3.04903   12.96012  -9.36373  1.000 60.39646 ? 46  GLN A CD   1 
ATOM   249  O OE1  . GLN A 1 70  ? 3.08668   12.62843  -10.53181 1.000 66.74285 ? 46  GLN A OE1  1 
ATOM   250  N NE2  . GLN A 1 70  ? 3.35399   14.16835  -8.95094  1.000 57.11998 ? 46  GLN A NE2  1 
ATOM   251  N N    . ASN A 1 71  ? -1.39056  10.21229  -8.41250  1.000 28.71814 ? 47  ASN A N    1 
ATOM   252  C CA   . ASN A 1 71  ? -2.81672  10.16805  -8.74722  1.000 30.88832 ? 47  ASN A CA   1 
ATOM   253  C C    . ASN A 1 71  ? -3.66486  9.69876   -7.56818  1.000 29.16998 ? 47  ASN A C    1 
ATOM   254  O O    . ASN A 1 71  ? -4.77823  10.20775  -7.33999  1.000 26.72681 ? 47  ASN A O    1 
ATOM   255  C CB   . ASN A 1 71  ? -3.02112  9.24963   -9.95525  1.000 29.42750 ? 47  ASN A CB   1 
ATOM   256  C CG   . ASN A 1 71  ? -2.88160  9.98913   -11.28078 1.000 44.23562 ? 47  ASN A CG   1 
ATOM   257  O OD1  . ASN A 1 71  ? -3.78076  10.73358  -11.68770 1.000 45.04538 ? 47  ASN A OD1  1 
ATOM   258  N ND2  . ASN A 1 71  ? -1.77011  9.78025   -11.96052 1.000 32.70372 ? 47  ASN A ND2  1 
ATOM   259  N N    . MET A 1 72  ? -3.16404  8.70557   -6.82133  1.000 26.35657 ? 48  MET A N    1 
ATOM   260  C CA   . MET A 1 72  ? -3.87489  8.19996   -5.65307  1.000 30.19976 ? 48  MET A CA   1 
ATOM   261  C C    . MET A 1 72  ? -3.95305  9.25345   -4.56047  1.000 31.09896 ? 48  MET A C    1 
ATOM   262  O O    . MET A 1 72  ? -4.98907  9.39500   -3.90644  1.000 32.18905 ? 48  MET A O    1 
ATOM   263  C CB   . MET A 1 72  ? -3.18914  6.93189   -5.12306  1.000 24.53045 ? 48  MET A CB   1 
ATOM   264  C CG   . MET A 1 72  ? -3.41661  5.69280   -6.01301  1.000 26.63559 ? 48  MET A CG   1 
ATOM   265  S SD   . MET A 1 72  ? -5.15336  5.09933   -6.00341  1.000 28.25163 ? 48  MET A SD   1 
ATOM   266  C CE   . MET A 1 72  ? -5.21166  4.36748   -4.37131  1.000 25.38771 ? 48  MET A CE   1 
ATOM   267  N N    . GLU A 1 73  ? -2.86128  9.97855   -4.31869  1.000 26.48186 ? 49  GLU A N    1 
ATOM   268  C CA   . GLU A 1 73  ? -2.91582  11.07507  -3.35979  1.000 29.51151 ? 49  GLU A CA   1 
ATOM   269  C C    . GLU A 1 73  ? -3.97518  12.08575  -3.76637  1.000 29.02129 ? 49  GLU A C    1 
ATOM   270  O O    . GLU A 1 73  ? -4.76953  12.54491  -2.93160  1.000 29.90547 ? 49  GLU A O    1 
ATOM   271  C CB   . GLU A 1 73  ? -1.54805  11.74911  -3.25727  1.000 25.96734 ? 49  GLU A CB   1 
ATOM   272  C CG   . GLU A 1 73  ? -0.52572  10.94401  -2.42531  1.000 39.51127 ? 49  GLU A CG   1 
ATOM   273  C CD   . GLU A 1 73  ? -0.89077  10.94153  -0.94169  1.000 52.22754 ? 49  GLU A CD   1 
ATOM   274  O OE1  . GLU A 1 73  ? -1.58323  11.89293  -0.51884  1.000 55.36298 ? 49  GLU A OE1  1 
ATOM   275  O OE2  . GLU A 1 73  ? -0.49656  10.00951  -0.20255  1.000 46.27725 ? 49  GLU A OE2  1 
ATOM   276  N N    A ARG A 1 74  ? -4.00229  12.44922  -5.05132  0.531 26.18644 ? 50  ARG A N    1 
ATOM   277  N N    B ARG A 1 74  ? -4.00600  12.45056  -5.05254  0.469 26.15036 ? 50  ARG A N    1 
ATOM   278  C CA   A ARG A 1 74  ? -4.99476  13.41217  -5.51894  0.531 28.04021 ? 50  ARG A CA   1 
ATOM   279  C CA   B ARG A 1 74  ? -5.00177  13.41914  -5.50726  0.469 28.05812 ? 50  ARG A CA   1 
ATOM   280  C C    A ARG A 1 74  ? -6.40920  12.91915  -5.22720  0.531 29.57981 ? 50  ARG A C    1 
ATOM   281  C C    B ARG A 1 74  ? -6.41287  12.91879  -5.22054  0.469 29.57484 ? 50  ARG A C    1 
ATOM   282  O O    A ARG A 1 74  ? -7.24158  13.65581  -4.67945  0.531 30.74732 ? 50  ARG A O    1 
ATOM   283  O O    B ARG A 1 74  ? -7.25132  13.65177  -4.67723  0.469 30.73786 ? 50  ARG A O    1 
ATOM   284  C CB   A ARG A 1 74  ? -4.79964  13.66648  -7.01620  0.531 26.24756 ? 50  ARG A CB   1 
ATOM   285  C CB   B ARG A 1 74  ? -4.82689  13.70742  -7.00182  0.469 26.10952 ? 50  ARG A CB   1 
ATOM   286  C CG   A ARG A 1 74  ? -5.92336  14.44072  -7.70099  0.531 32.91577 ? 50  ARG A CG   1 
ATOM   287  C CG   B ARG A 1 74  ? -5.90872  14.63027  -7.58846  0.469 32.78598 ? 50  ARG A CG   1 
ATOM   288  C CD   A ARG A 1 74  ? -5.58921  14.67748  -9.17989  0.531 31.78381 ? 50  ARG A CD   1 
ATOM   289  C CD   B ARG A 1 74  ? -5.80301  14.74890  -9.11555  0.469 32.02206 ? 50  ARG A CD   1 
ATOM   290  N NE   A ARG A 1 74  ? -4.27475  15.28789  -9.34877  0.531 31.56309 ? 50  ARG A NE   1 
ATOM   291  N NE   B ARG A 1 74  ? -5.49738  13.46881  -9.74439  0.469 33.70790 ? 50  ARG A NE   1 
ATOM   292  C CZ   A ARG A 1 74  ? -3.22066  14.68232  -9.89487  0.531 32.87159 ? 50  ARG A CZ   1 
ATOM   293  C CZ   B ARG A 1 74  ? -6.40625  12.59540  -10.16105 0.469 32.83823 ? 50  ARG A CZ   1 
ATOM   294  N NH1  A ARG A 1 74  ? -3.31002  13.43763  -10.34914 0.531 29.59399 ? 50  ARG A NH1  1 
ATOM   295  N NH1  B ARG A 1 74  ? -7.70590  12.85540  -10.03235 0.469 33.09659 ? 50  ARG A NH1  1 
ATOM   296  N NH2  A ARG A 1 74  ? -2.07342  15.32915  -9.99306  0.531 29.84795 ? 50  ARG A NH2  1 
ATOM   297  N NH2  B ARG A 1 74  ? -6.01075  11.45379  -10.70428 0.469 27.61723 ? 50  ARG A NH2  1 
ATOM   298  N N    . LEU A 1 75  ? -6.69532  11.66660  -5.58744  1.000 28.16260 ? 51  LEU A N    1 
ATOM   299  C CA   . LEU A 1 75  ? -8.04284  11.12762  -5.41473  1.000 27.43707 ? 51  LEU A CA   1 
ATOM   300  C C    . LEU A 1 75  ? -8.41811  10.99613  -3.94016  1.000 30.92556 ? 51  LEU A C    1 
ATOM   301  O O    . LEU A 1 75  ? -9.51343  11.39862  -3.53159  1.000 31.34329 ? 51  LEU A O    1 
ATOM   302  C CB   . LEU A 1 75  ? -8.13684  9.78278   -6.12486  1.000 26.22393 ? 51  LEU A CB   1 
ATOM   303  C CG   . LEU A 1 75  ? -8.13742  9.90322   -7.65086  1.000 26.73645 ? 51  LEU A CG   1 
ATOM   304  C CD1  . LEU A 1 75  ? -7.87143  8.56304   -8.28802  1.000 30.34639 ? 51  LEU A CD1  1 
ATOM   305  C CD2  . LEU A 1 75  ? -9.48479  10.45778  -8.11922  1.000 26.81243 ? 51  LEU A CD2  1 
ATOM   306  N N    . LEU A 1 76  ? -7.51913  10.44496  -3.12005  1.000 29.46166 ? 52  LEU A N    1 
ATOM   307  C CA   . LEU A 1 76  ? -7.84473  10.18151  -1.72166  1.000 25.39547 ? 52  LEU A CA   1 
ATOM   308  C C    . LEU A 1 76  ? -7.99514  11.47292  -0.92825  1.000 33.76692 ? 52  LEU A C    1 
ATOM   309  O O    . LEU A 1 76  ? -8.80799  11.53343  0.01166   1.000 29.13845 ? 52  LEU A O    1 
ATOM   310  C CB   . LEU A 1 76  ? -6.77391  9.27578   -1.11074  1.000 26.12520 ? 52  LEU A CB   1 
ATOM   311  C CG   . LEU A 1 76  ? -6.75704  7.88019   -1.74838  1.000 29.40725 ? 52  LEU A CG   1 
ATOM   312  C CD1  . LEU A 1 76  ? -5.45634  7.12752   -1.42344  1.000 26.63480 ? 52  LEU A CD1  1 
ATOM   313  C CD2  . LEU A 1 76  ? -7.98298  7.05896   -1.32466  1.000 30.03170 ? 52  LEU A CD2  1 
ATOM   314  N N    . LYS A 1 77  ? -7.26664  12.52527  -1.31795  1.000 28.40502 ? 53  LYS A N    1 
ATOM   315  C CA   . LYS A 1 77  ? -7.42689  13.82625  -0.67025  1.000 32.41449 ? 53  LYS A CA   1 
ATOM   316  C C    . LYS A 1 77  ? -8.87855  14.28842  -0.69496  1.000 33.55483 ? 53  LYS A C    1 
ATOM   317  O O    . LYS A 1 77  ? -9.35145  14.93272  0.24580   1.000 30.94825 ? 53  LYS A O    1 
ATOM   318  C CB   . LYS A 1 77  ? -6.52942  14.85103  -1.36309  1.000 33.47611 ? 53  LYS A CB   1 
ATOM   319  C CG   . LYS A 1 77  ? -6.25225  16.12161  -0.57822  1.000 44.80743 ? 53  LYS A CG   1 
ATOM   320  C CD   . LYS A 1 77  ? -5.12724  16.91456  -1.24499  1.000 45.45568 ? 53  LYS A CD   1 
ATOM   321  C CE   . LYS A 1 77  ? -5.27416  18.42587  -1.05705  1.000 46.56412 ? 53  LYS A CE   1 
ATOM   322  N NZ   . LYS A 1 77  ? -4.23297  19.17861  -1.86471  1.000 36.21531 ? 53  LYS A NZ   1 
ATOM   323  N N    . LYS A 1 78  ? -9.59784  13.99464  -1.76241  1.000 28.97672 ? 54  LYS A N    1 
ATOM   324  C CA   . LYS A 1 78  ? -11.01741 14.40225  -1.89339  1.000 32.85904 ? 54  LYS A CA   1 
ATOM   325  C C    . LYS A 1 78  ? -11.87970 13.81487  -0.77407  1.000 34.87453 ? 54  LYS A C    1 
ATOM   326  O O    . LYS A 1 78  ? -12.89595 14.37771  -0.51656  1.000 32.96228 ? 54  LYS A O    1 
ATOM   327  C CB   . LYS A 1 78  ? -11.60653 13.93131  -3.21772  1.000 36.48304 ? 54  LYS A CB   1 
ATOM   328  C CG   . LYS A 1 78  ? -11.20866 14.73774  -4.43528  1.000 43.74866 ? 54  LYS A CG   1 
ATOM   329  C CD   . LYS A 1 78  ? -11.48627 14.00309  -5.70789  1.000 45.97927 ? 54  LYS A CD   1 
ATOM   330  C CE   . LYS A 1 78  ? -11.18695 14.82421  -6.93546  1.000 54.09433 ? 54  LYS A CE   1 
ATOM   331  N NZ   . LYS A 1 78  ? -11.63943 16.21850  -6.74630  1.000 62.74504 ? 54  LYS A NZ   1 
ATOM   332  N N    . ILE A 1 79  ? -11.47273 12.71173  -0.16137  1.000 29.02648 ? 55  ILE A N    1 
ATOM   333  C CA   . ILE A 1 79  ? -12.25898 12.12983  0.92392   1.000 27.84366 ? 55  ILE A CA   1 
ATOM   334  C C    . ILE A 1 79  ? -11.45212 12.11228  2.21064   1.000 29.65954 ? 55  ILE A C    1 
ATOM   335  O O    . ILE A 1 79  ? -11.67042 11.26242  3.08051   1.000 32.37428 ? 55  ILE A O    1 
ATOM   336  C CB   . ILE A 1 79  ? -12.75833 10.71734  0.57114   1.000 31.66816 ? 55  ILE A CB   1 
ATOM   337  C CG1  . ILE A 1 79  ? -11.57291 9.78599   0.27756   1.000 30.82922 ? 55  ILE A CG1  1 
ATOM   338  C CG2  . ILE A 1 79  ? -13.76465 10.78260  -0.59449  1.000 25.40629 ? 55  ILE A CG2  1 
ATOM   339  C CD1  . ILE A 1 79  ? -11.95714 8.32102   0.00462   1.000 26.41024 ? 55  ILE A CD1  1 
ATOM   340  N N    . ASP A 1 80  ? -10.50969 13.04629  2.33837   1.000 27.83176 ? 56  ASP A N    1 
ATOM   341  C CA   . ASP A 1 80  ? -9.76141  13.23995  3.57638   1.000 32.36990 ? 56  ASP A CA   1 
ATOM   342  C C    . ASP A 1 80  ? -8.90889  12.02009  3.91891   1.000 35.55178 ? 56  ASP A C    1 
ATOM   343  O O    . ASP A 1 80  ? -8.74403  11.66137  5.08492   1.000 33.40045 ? 56  ASP A O    1 
ATOM   344  C CB   . ASP A 1 80  ? -10.69780 13.58483  4.73492   1.000 36.66601 ? 56  ASP A CB   1 
ATOM   345  C CG   . ASP A 1 80  ? -11.26100 14.98222  4.62210   1.000 38.44621 ? 56  ASP A CG   1 
ATOM   346  O OD1  . ASP A 1 80  ? -10.87550 15.69517  3.66449   1.000 36.77387 ? 56  ASP A OD1  1 
ATOM   347  O OD2  . ASP A 1 80  ? -12.07963 15.36701  5.48462   1.000 48.01881 ? 56  ASP A OD2  1 
ATOM   348  N N    . LEU A 1 81  ? -8.37831  11.35984  2.90025   1.000 29.69838 ? 57  LEU A N    1 
ATOM   349  C CA   . LEU A 1 81  ? -7.44480  10.26515  3.12448   1.000 27.58181 ? 57  LEU A CA   1 
ATOM   350  C C    . LEU A 1 81  ? -6.17010  10.51941  2.32941   1.000 30.37734 ? 57  LEU A C    1 
ATOM   351  O O    . LEU A 1 81  ? -6.02448  11.55310  1.66711   1.000 26.32547 ? 57  LEU A O    1 
ATOM   352  C CB   . LEU A 1 81  ? -8.07317  8.91718   2.75376   1.000 29.11824 ? 57  LEU A CB   1 
ATOM   353  C CG   . LEU A 1 81  ? -9.22339  8.40759   3.63524   1.000 33.44052 ? 57  LEU A CG   1 
ATOM   354  C CD1  . LEU A 1 81  ? -9.90531  7.24617   2.93682   1.000 30.00161 ? 57  LEU A CD1  1 
ATOM   355  C CD2  . LEU A 1 81  ? -8.72504  7.99734   5.02362   1.000 34.04694 ? 57  LEU A CD2  1 
ATOM   356  N N    . ASP A 1 82  ? -5.24224  9.55863   2.40725   1.000 29.59040 ? 58  ASP A N    1 
ATOM   357  C CA   . ASP A 1 82  ? -3.98377  9.58231   1.65881   1.000 33.27367 ? 58  ASP A CA   1 
ATOM   358  C C    . ASP A 1 82  ? -3.49710  8.14143   1.46736   1.000 29.30269 ? 58  ASP A C    1 
ATOM   359  O O    . ASP A 1 82  ? -4.10838  7.18155   1.95195   1.000 25.59007 ? 58  ASP A O    1 
ATOM   360  C CB   . ASP A 1 82  ? -2.93366  10.45065  2.36535   1.000 30.41875 ? 58  ASP A CB   1 
ATOM   361  C CG   . ASP A 1 82  ? -2.73121  10.06922  3.82016   1.000 36.30597 ? 58  ASP A CG   1 
ATOM   362  O OD1  . ASP A 1 82  ? -2.91439  8.88311   4.18262   1.000 33.23993 ? 58  ASP A OD1  1 
ATOM   363  O OD2  . ASP A 1 82  ? -2.39189  10.96938  4.61326   1.000 44.82763 ? 58  ASP A OD2  1 
ATOM   364  N N    . VAL A 1 83  ? -2.38167  7.98897   0.74709   1.000 31.39915 ? 59  VAL A N    1 
ATOM   365  C CA   . VAL A 1 83  ? -1.89943  6.64325   0.41981   1.000 29.66012 ? 59  VAL A CA   1 
ATOM   366  C C    . VAL A 1 83  ? -1.56658  5.83938   1.68107   1.000 27.13943 ? 59  VAL A C    1 
ATOM   367  O O    . VAL A 1 83  ? -1.98375  4.67019   1.75406   1.000 25.66423 ? 59  VAL A O    1 
ATOM   368  C CB   . VAL A 1 83  ? -0.71297  6.72594   -0.56177  1.000 30.43003 ? 59  VAL A CB   1 
ATOM   369  C CG1  . VAL A 1 83  ? -0.07374  5.34263   -0.72181  1.000 25.50042 ? 59  VAL A CG1  1 
ATOM   370  C CG2  . VAL A 1 83  ? -1.18797  7.24190   -1.92941  1.000 27.06360 ? 59  VAL A CG2  1 
ATOM   371  N N    . PRO A 1 84  ? -0.85006  6.37666   2.66719   1.000 27.85417 ? 60  PRO A N    1 
ATOM   372  C CA   . PRO A 1 84  ? -0.56077  5.55585   3.85787   1.000 24.92676 ? 60  PRO A CA   1 
ATOM   373  C C    . PRO A 1 84  ? -1.81939  5.09271   4.57432   1.000 31.02645 ? 60  PRO A C    1 
ATOM   374  O O    . PRO A 1 84  ? -1.87836  3.94553   5.02902   1.000 28.50674 ? 60  PRO A O    1 
ATOM   375  C CB   . PRO A 1 84  ? 0.29862   6.48946   4.73061   1.000 29.60685 ? 60  PRO A CB   1 
ATOM   376  C CG   . PRO A 1 84  ? 0.93181   7.45738   3.74168   1.000 33.34555 ? 60  PRO A CG   1 
ATOM   377  C CD   . PRO A 1 84  ? -0.13991  7.66978   2.69196   1.000 34.46412 ? 60  PRO A CD   1 
ATOM   378  N N    . ARG A 1 85  ? -2.83824  5.94755   4.68252   1.000 24.72267 ? 61  ARG A N    1 
ATOM   379  C CA   . ARG A 1 85  ? -4.06461  5.51898   5.35274   1.000 24.92813 ? 61  ARG A CA   1 
ATOM   380  C C    . ARG A 1 85  ? -4.85813  4.53647   4.49535   1.000 21.52429 ? 61  ARG A C    1 
ATOM   381  O O    . ARG A 1 85  ? -5.46449  3.59920   5.02653   1.000 25.80228 ? 61  ARG A O    1 
ATOM   382  C CB   . ARG A 1 85  ? -4.89703  6.73566   5.73313   1.000 27.90444 ? 61  ARG A CB   1 
ATOM   383  C CG   . ARG A 1 85  ? -4.47359  7.32637   7.08911   1.000 26.35235 ? 61  ARG A CG   1 
ATOM   384  C CD   . ARG A 1 85  ? -5.31619  8.56227   7.40834   1.000 30.33624 ? 61  ARG A CD   1 
ATOM   385  N NE   . ARG A 1 85  ? -4.91816  9.69603   6.57799   1.000 36.53185 ? 61  ARG A NE   1 
ATOM   386  C CZ   . ARG A 1 85  ? -5.52152  10.88422  6.57830   1.000 43.31518 ? 61  ARG A CZ   1 
ATOM   387  N NH1  . ARG A 1 85  ? -6.56846  11.10101  7.36731   1.000 37.82067 ? 61  ARG A NH1  1 
ATOM   388  N NH2  . ARG A 1 85  ? -5.08026  11.85678  5.78236   1.000 38.57844 ? 61  ARG A NH2  1 
ATOM   389  N N    . TRP A 1 86  ? -4.79199  4.66910   3.17989   1.000 23.15122 ? 62  TRP A N    1 
ATOM   390  C CA   . TRP A 1 86  ? -5.39856  3.67999   2.26460   1.000 24.10176 ? 62  TRP A CA   1 
ATOM   391  C C    . TRP A 1 86  ? -4.74061  2.32553   2.54054   1.000 25.05823 ? 62  TRP A C    1 
ATOM   392  O O    . TRP A 1 86  ? -5.42038  1.36751   2.71155   1.000 21.87015 ? 62  TRP A O    1 
ATOM   393  C CB   . TRP A 1 86  ? -5.21963  4.14667   0.81487   1.000 21.75384 ? 62  TRP A CB   1 
ATOM   394  C CG   . TRP A 1 86  ? -5.09540  3.11936   -0.26861  1.000 23.58454 ? 62  TRP A CG   1 
ATOM   395  C CD1  . TRP A 1 86  ? -3.96691  2.45370   -0.62445  1.000 26.15036 ? 62  TRP A CD1  1 
ATOM   396  C CD2  . TRP A 1 86  ? -6.09092  2.73350   -1.23280  1.000 23.28102 ? 62  TRP A CD2  1 
ATOM   397  N NE1  . TRP A 1 86  ? -4.20428  1.65241   -1.69460  1.000 25.02585 ? 62  TRP A NE1  1 
ATOM   398  C CE2  . TRP A 1 86  ? -5.49306  1.79648   -2.09178  1.000 25.33899 ? 62  TRP A CE2  1 
ATOM   399  C CE3  . TRP A 1 86  ? -7.43576  3.04725   -1.43833  1.000 23.05379 ? 62  TRP A CE3  1 
ATOM   400  C CZ2  . TRP A 1 86  ? -6.18359  1.17642   -3.12347  1.000 29.09442 ? 62  TRP A CZ2  1 
ATOM   401  C CZ3  . TRP A 1 86  ? -8.11124  2.44829   -2.47468  1.000 25.95641 ? 62  TRP A CZ3  1 
ATOM   402  C CH2  . TRP A 1 86  ? -7.49474  1.52000   -3.30534  1.000 30.60022 ? 62  TRP A CH2  1 
ATOM   403  N N    . ARG A 1 87  ? -3.42324  2.29520   2.65058   1.000 23.94936 ? 63  ARG A N    1 
ATOM   404  C CA   . ARG A 1 87  ? -2.77951  1.01539   2.87996   1.000 23.22533 ? 63  ARG A CA   1 
ATOM   405  C C    . ARG A 1 87  ? -3.15931  0.45505   4.24415   1.000 25.21850 ? 63  ARG A C    1 
ATOM   406  O O    . ARG A 1 87  ? -3.45604  -0.73944  4.37692   1.000 26.61662 ? 63  ARG A O    1 
ATOM   407  C CB   . ARG A 1 87  ? -1.25424  1.16508   2.76664   1.000 22.66813 ? 63  ARG A CB   1 
ATOM   408  C CG   . ARG A 1 87  ? -0.77299  1.44637   1.34276   1.000 21.92063 ? 63  ARG A CG   1 
ATOM   409  C CD   . ARG A 1 87  ? 0.73406   1.73573   1.34139   1.000 22.94089 ? 63  ARG A CD   1 
ATOM   410  N NE   . ARG A 1 87  ? 1.16484   2.09861   -0.00319  1.000 28.91255 ? 63  ARG A NE   1 
ATOM   411  C CZ   . ARG A 1 87  ? 2.41588   2.41950   -0.32265  1.000 31.58237 ? 63  ARG A CZ   1 
ATOM   412  N NH1  . ARG A 1 87  ? 3.35657   2.44223   0.61478   1.000 28.36894 ? 63  ARG A NH1  1 
ATOM   413  N NH2  . ARG A 1 87  ? 2.72241   2.72370   -1.57277  1.000 26.54245 ? 63  ARG A NH2  1 
ATOM   414  N N    . VAL A 1 88  ? -3.09299  1.28999   5.28381   1.000 23.68100 ? 64  VAL A N    1 
ATOM   415  C CA   . VAL A 1 88  ? -3.39477  0.79922   6.62471   1.000 24.94416 ? 64  VAL A CA   1 
ATOM   416  C C    . VAL A 1 88  ? -4.80588  0.22348   6.66773   1.000 25.56802 ? 64  VAL A C    1 
ATOM   417  O O    . VAL A 1 88  ? -5.04141  -0.85358  7.23695   1.000 26.64387 ? 64  VAL A O    1 
ATOM   418  C CB   . VAL A 1 88  ? -3.19947  1.92097   7.65956   1.000 27.36809 ? 64  VAL A CB   1 
ATOM   419  C CG1  . VAL A 1 88  ? -3.79167  1.51603   9.02152   1.000 24.32179 ? 64  VAL A CG1  1 
ATOM   420  C CG2  . VAL A 1 88  ? -1.69630  2.23263   7.79267   1.000 27.07487 ? 64  VAL A CG2  1 
ATOM   421  N N    . LEU A 1 89  ? -5.76823  0.92690   6.07107   1.000 25.42993 ? 65  LEU A N    1 
ATOM   422  C CA   . LEU A 1 89  ? -7.13789  0.42361   6.08700   1.000 23.65654 ? 65  LEU A CA   1 
ATOM   423  C C    . LEU A 1 89  ? -7.24276  -0.92017  5.37169   1.000 25.68715 ? 65  LEU A C    1 
ATOM   424  O O    . LEU A 1 89  ? -7.90626  -1.83406  5.87579   1.000 24.93319 ? 65  LEU A O    1 
ATOM   425  C CB   . LEU A 1 89  ? -8.10118  1.44440   5.46854   1.000 27.36293 ? 65  LEU A CB   1 
ATOM   426  C CG   . LEU A 1 89  ? -8.38007  2.69199   6.31256   1.000 29.40954 ? 65  LEU A CG   1 
ATOM   427  C CD1  . LEU A 1 89  ? -9.21410  3.69701   5.52853   1.000 30.83883 ? 65  LEU A CD1  1 
ATOM   428  C CD2  . LEU A 1 89  ? -9.05938  2.32184   7.62959   1.000 27.43086 ? 65  LEU A CD2  1 
ATOM   429  N N    . TRP A 1 90  ? -6.59778  -1.07138  4.20338   1.000 25.76650 ? 66  TRP A N    1 
ATOM   430  C CA   . TRP A 1 90  ? -6.65747  -2.36671  3.51847   1.000 23.57760 ? 66  TRP A CA   1 
ATOM   431  C C    . TRP A 1 90  ? -6.03769  -3.48000  4.35800   1.000 29.27331 ? 66  TRP A C    1 
ATOM   432  O O    . TRP A 1 90  ? -6.56990  -4.60058  4.41388   1.000 25.05920 ? 66  TRP A O    1 
ATOM   433  C CB   . TRP A 1 90  ? -5.97978  -2.30022  2.14767   1.000 26.99800 ? 66  TRP A CB   1 
ATOM   434  C CG   . TRP A 1 90  ? -6.87402  -1.71743  1.07400   1.000 25.72075 ? 66  TRP A CG   1 
ATOM   435  C CD1  . TRP A 1 90  ? -6.57186  -0.69229  0.23020   1.000 29.14082 ? 66  TRP A CD1  1 
ATOM   436  C CD2  . TRP A 1 90  ? -8.22084  -2.12297  0.75118   1.000 27.26033 ? 66  TRP A CD2  1 
ATOM   437  N NE1  . TRP A 1 90  ? -7.64326  -0.43413  -0.60667  1.000 31.60220 ? 66  TRP A NE1  1 
ATOM   438  C CE2  . TRP A 1 90  ? -8.66382  -1.29787  -0.30650  1.000 30.59295 ? 66  TRP A CE2  1 
ATOM   439  C CE3  . TRP A 1 90  ? -9.08076  -3.10671  1.24614   1.000 29.72272 ? 66  TRP A CE3  1 
ATOM   440  C CZ2  . TRP A 1 90  ? -9.93858  -1.41663  -0.87509  1.000 27.90338 ? 66  TRP A CZ2  1 
ATOM   441  C CZ3  . TRP A 1 90  ? -10.36514 -3.22216  0.68008   1.000 32.81418 ? 66  TRP A CZ3  1 
ATOM   442  C CH2  . TRP A 1 90  ? -10.76930 -2.38407  -0.36659  1.000 26.51037 ? 66  TRP A CH2  1 
ATOM   443  N N    . ILE A 1 91  ? -4.90467  -3.19328  5.00861   1.000 26.65167 ? 67  ILE A N    1 
ATOM   444  C CA   . ILE A 1 91  ? -4.23966  -4.20174  5.83345   1.000 31.31844 ? 67  ILE A CA   1 
ATOM   445  C C    . ILE A 1 91  ? -5.15229  -4.63595  6.97540   1.000 29.08594 ? 67  ILE A C    1 
ATOM   446  O O    . ILE A 1 91  ? -5.33651  -5.83562  7.22381   1.000 26.84857 ? 67  ILE A O    1 
ATOM   447  C CB   . ILE A 1 91  ? -2.88797  -3.66686  6.34990   1.000 26.38848 ? 67  ILE A CB   1 
ATOM   448  C CG1  . ILE A 1 91  ? -1.92044  -3.44723  5.18300   1.000 25.52253 ? 67  ILE A CG1  1 
ATOM   449  C CG2  . ILE A 1 91  ? -2.30413  -4.59594  7.43004   1.000 23.53953 ? 67  ILE A CG2  1 
ATOM   450  C CD1  . ILE A 1 91  ? -0.76716  -2.45165  5.49806   1.000 23.51521 ? 67  ILE A CD1  1 
ATOM   451  N N    . LEU A 1 92  ? -5.74371  -3.66432  7.68383   1.000 27.17191 ? 68  LEU A N    1 
ATOM   452  C CA   . LEU A 1 92  ? -6.66295  -3.98968  8.77298   1.000 32.05071 ? 68  LEU A CA   1 
ATOM   453  C C    . LEU A 1 92  ? -7.88450  -4.74153  8.25537   1.000 32.69385 ? 68  LEU A C    1 
ATOM   454  O O    . LEU A 1 92  ? -8.34912  -5.69338  8.89168   1.000 29.06721 ? 68  LEU A O    1 
ATOM   455  C CB   . LEU A 1 92  ? -7.09177  -2.71274  9.51355   1.000 28.99527 ? 68  LEU A CB   1 
ATOM   456  C CG   . LEU A 1 92  ? -5.92805  -2.03868  10.27425  1.000 34.31233 ? 68  LEU A CG   1 
ATOM   457  C CD1  . LEU A 1 92  ? -6.36698  -0.77756  10.98318  1.000 31.78279 ? 68  LEU A CD1  1 
ATOM   458  C CD2  . LEU A 1 92  ? -5.28233  -2.99411  11.25979  1.000 32.53229 ? 68  LEU A CD2  1 
ATOM   459  N N    . ASN A 1 93  ? -8.39452  -4.35197  7.08385   1.000 29.02245 ? 69  ASN A N    1 
ATOM   460  C CA   . ASN A 1 93  ? -9.58928  -4.99762  6.53531   1.000 34.33907 ? 69  ASN A CA   1 
ATOM   461  C C    . ASN A 1 93  ? -9.32194  -6.44494  6.17362   1.000 36.79187 ? 69  ASN A C    1 
ATOM   462  O O    . ASN A 1 93  ? -10.22313 -7.28201  6.28708   1.000 29.95965 ? 69  ASN A O    1 
ATOM   463  C CB   . ASN A 1 93  ? -10.09813 -4.24356  5.30263   1.000 27.76485 ? 69  ASN A CB   1 
ATOM   464  C CG   . ASN A 1 93  ? -11.49465 -4.71728  4.84406   1.000 39.94416 ? 69  ASN A CG   1 
ATOM   465  O OD1  . ASN A 1 93  ? -12.46213 -4.60494  5.58172   1.000 31.83791 ? 69  ASN A OD1  1 
ATOM   466  N ND2  . ASN A 1 93  ? -11.58790 -5.22955  3.62398   1.000 37.66504 ? 69  ASN A ND2  1 
ATOM   467  N N    . GLU A 1 94  ? -8.09419  -6.76011  5.74420   1.000 30.34803 ? 70  GLU A N    1 
ATOM   468  C CA   . GLU A 1 94  ? -7.77587  -8.12514  5.35116   1.000 30.00907 ? 70  GLU A CA   1 
ATOM   469  C C    . GLU A 1 94  ? -7.38101  -8.98910  6.53631   1.000 35.54277 ? 70  GLU A C    1 
ATOM   470  O O    . GLU A 1 94  ? -7.78999  -10.15225 6.62464   1.000 33.68259 ? 70  GLU A O    1 
ATOM   471  C CB   . GLU A 1 94  ? -6.62151  -8.12742  4.33824   1.000 39.85755 ? 70  GLU A CB   1 
ATOM   472  C CG   . GLU A 1 94  ? -6.85359  -8.93281  3.06647   1.000 50.55557 ? 70  GLU A CG   1 
ATOM   473  C CD   . GLU A 1 94  ? -5.66469  -8.86353  2.11448   1.000 53.84412 ? 70  GLU A CD   1 
ATOM   474  O OE1  . GLU A 1 94  ? -5.68534  -8.02504  1.17858   1.000 41.01075 ? 70  GLU A OE1  1 
ATOM   475  O OE2  . GLU A 1 94  ? -4.70162  -9.64023  2.31754   1.000 65.44124 ? 70  GLU A OE2  1 
ATOM   476  N N    A ASN A 1 95  ? -6.57944  -8.44904  7.44909   0.487 36.95252 ? 71  ASN A N    1 
ATOM   477  N N    B ASN A 1 95  ? -6.57622  -8.44778  7.45378   0.513 36.95258 ? 71  ASN A N    1 
ATOM   478  C CA   A ASN A 1 95  ? -5.95733  -9.27012  8.47440   0.487 36.01022 ? 71  ASN A CA   1 
ATOM   479  C CA   B ASN A 1 95  ? -5.92014  -9.24616  8.48105   0.513 36.02831 ? 71  ASN A CA   1 
ATOM   480  C C    A ASN A 1 95  ? -6.68708  -9.23723  9.80374   0.487 39.55228 ? 71  ASN A C    1 
ATOM   481  C C    B ASN A 1 95  ? -6.57100  -9.13043  9.85300   0.513 39.63578 ? 71  ASN A C    1 
ATOM   482  O O    A ASN A 1 95  ? -6.45052  -10.11663 10.63910  0.487 38.81205 ? 71  ASN A O    1 
ATOM   483  O O    B ASN A 1 95  ? -6.15401  -9.83768  10.77742  0.513 40.18743 ? 71  ASN A O    1 
ATOM   484  C CB   A ASN A 1 95  ? -4.50316  -8.82841  8.69672   0.487 36.44405 ? 71  ASN A CB   1 
ATOM   485  C CB   B ASN A 1 95  ? -4.43436  -8.84927  8.60187   0.513 36.40185 ? 71  ASN A CB   1 
ATOM   486  C CG   A ASN A 1 95  ? -3.74929  -9.77708  9.59394   0.487 37.52057 ? 71  ASN A CG   1 
ATOM   487  C CG   B ASN A 1 95  ? -3.64998  -9.08909  7.32154   0.513 35.37757 ? 71  ASN A CG   1 
ATOM   488  O OD1  A ASN A 1 95  ? -3.85685  -10.99309 9.44749   0.487 38.44832 ? 71  ASN A OD1  1 
ATOM   489  O OD1  B ASN A 1 95  ? -4.20041  -9.51558  6.30845   0.513 41.02049 ? 71  ASN A OD1  1 
ATOM   490  N ND2  A ASN A 1 95  ? -2.99612  -9.22998  10.54421  0.487 40.42016 ? 71  ASN A ND2  1 
ATOM   491  N ND2  B ASN A 1 95  ? -2.34397  -8.82098  7.36833   0.513 46.26817 ? 71  ASN A ND2  1 
ATOM   492  N N    . GLY A 1 96  ? -7.57163  -8.26606  10.01621  1.000 34.46530 ? 72  GLY A N    1 
ATOM   493  C CA   . GLY A 1 96  ? -8.10923  -8.05314  11.33717  1.000 34.02750 ? 72  GLY A CA   1 
ATOM   494  C C    . GLY A 1 96  ? -7.08602  -7.31563  12.18987  1.000 40.04757 ? 72  GLY A C    1 
ATOM   495  O O    . GLY A 1 96  ? -6.17042  -6.64293  11.69260  1.000 37.45213 ? 72  GLY A O    1 
ATOM   496  N N    . GLU A 1 97  ? -7.24892  -7.47143  13.50100  1.000 42.73378 ? 73  GLU A N    1 
ATOM   497  C CA   . GLU A 1 97  ? -6.34967  -6.87543  14.47730  1.000 38.95397 ? 73  GLU A CA   1 
ATOM   498  C C    . GLU A 1 97  ? -4.89658  -7.14000  14.10300  1.000 38.55358 ? 73  GLU A C    1 
ATOM   499  O O    . GLU A 1 97  ? -4.50155  -8.28322  13.85606  1.000 39.05425 ? 73  GLU A O    1 
ATOM   500  C CB   . GLU A 1 97  ? -6.66073  -7.44354  15.85945  1.000 42.28241 ? 73  GLU A CB   1 
ATOM   501  C CG   . GLU A 1 97  ? -6.07611  -6.66441  17.02591  1.000 57.91471 ? 73  GLU A CG   1 
ATOM   502  C CD   . GLU A 1 97  ? -6.78274  -6.97590  18.34412  1.000 64.37695 ? 73  GLU A CD   1 
ATOM   503  O OE1  . GLU A 1 97  ? -7.04678  -6.03424  19.12773  1.000 54.46154 ? 73  GLU A OE1  1 
ATOM   504  O OE2  . GLU A 1 97  ? -7.08538  -8.16291  18.58903  1.000 64.00146 ? 73  GLU A OE2  1 
ATOM   505  N N    . SER A 1 98  ? -4.10219  -6.07317  14.06326  1.000 37.77503 ? 74  SER A N    1 
ATOM   506  C CA   . SER A 1 98  ? -2.73409  -6.14928  13.56859  1.000 34.12857 ? 74  SER A CA   1 
ATOM   507  C C    . SER A 1 98  ? -1.81299  -5.28722  14.41426  1.000 30.96092 ? 74  SER A C    1 
ATOM   508  O O    . SER A 1 98  ? -2.19187  -4.19919  14.85264  1.000 33.24510 ? 74  SER A O    1 
ATOM   509  C CB   . SER A 1 98  ? -2.64989  -5.70548  12.10051  1.000 36.71236 ? 74  SER A CB   1 
ATOM   510  O OG   . SER A 1 98  ? -3.37849  -6.58069  11.25984  1.000 38.66495 ? 74  SER A OG   1 
ATOM   511  N N    . SER A 1 99  ? -0.58594  -5.77110  14.62542  1.000 32.76215 ? 75  SER A N    1 
ATOM   512  C CA   . SER A 1 99  ? 0.37755   -4.97202  15.36044  1.000 32.59695 ? 75  SER A CA   1 
ATOM   513  C C    . SER A 1 99  ? 0.91663   -3.84171  14.48473  1.000 29.77715 ? 75  SER A C    1 
ATOM   514  O O    . SER A 1 99  ? 0.86087   -3.88702  13.25178  1.000 27.96822 ? 75  SER A O    1 
ATOM   515  C CB   . SER A 1 99  ? 1.53444   -5.84981  15.85356  1.000 26.27933 ? 75  SER A CB   1 
ATOM   516  O OG   . SER A 1 99  ? 2.25562   -6.31075  14.72855  1.000 29.26304 ? 75  SER A OG   1 
ATOM   517  N N    . ILE A 1 100 ? 1.47832   -2.82914  15.14732  1.000 31.57083 ? 76  ILE A N    1 
ATOM   518  C CA   . ILE A 1 100 ? 2.18149   -1.75723  14.44208  1.000 34.08917 ? 76  ILE A CA   1 
ATOM   519  C C    . ILE A 1 100 ? 3.23377   -2.32625  13.48910  1.000 34.03391 ? 76  ILE A C    1 
ATOM   520  O O    . ILE A 1 100 ? 3.37098   -1.87069  12.34647  1.000 29.56317 ? 76  ILE A O    1 
ATOM   521  C CB   . ILE A 1 100 ? 2.79206   -0.77963  15.47033  1.000 37.91956 ? 76  ILE A CB   1 
ATOM   522  C CG1  . ILE A 1 100 ? 1.67746   -0.05910  16.23147  1.000 47.08255 ? 76  ILE A CG1  1 
ATOM   523  C CG2  . ILE A 1 100 ? 3.70625   0.24502   14.81013  1.000 30.56348 ? 76  ILE A CG2  1 
ATOM   524  C CD1  . ILE A 1 100 ? 1.09191   1.09030   15.46999  1.000 33.39545 ? 76  ILE A CD1  1 
ATOM   525  N N    A SER A 1 101 ? 3.98900   -3.33134  13.94776  0.611 30.77926 ? 77  SER A N    1 
ATOM   526  N N    B SER A 1 101 ? 3.98521   -3.33994  13.93349  0.389 30.79251 ? 77  SER A N    1 
ATOM   527  C CA   A SER A 1 101 ? 5.06081   -3.91205  13.14227  0.611 31.68621 ? 77  SER A CA   1 
ATOM   528  C CA   B SER A 1 101 ? 5.06365   -3.87273  13.10365  0.389 31.67955 ? 77  SER A CA   1 
ATOM   529  C C    A SER A 1 101 ? 4.53034   -4.53531  11.84964  0.611 32.10916 ? 77  SER A C    1 
ATOM   530  C C    B SER A 1 101 ? 4.53128   -4.53879  11.83480  0.389 32.11549 ? 77  SER A C    1 
ATOM   531  O O    A SER A 1 101 ? 5.09114   -4.31718  10.76747  0.611 32.75343 ? 77  SER A O    1 
ATOM   532  O O    B SER A 1 101 ? 5.09387   -4.34678  10.74815  0.389 32.73289 ? 77  SER A O    1 
ATOM   533  C CB   A SER A 1 101 ? 5.82218   -4.94501  13.98123  0.611 33.20632 ? 77  SER A CB   1 
ATOM   534  C CB   B SER A 1 101 ? 5.91593   -4.85350  13.91362  0.389 33.14277 ? 77  SER A CB   1 
ATOM   535  O OG   A SER A 1 101 ? 6.59335   -5.81983  13.17843  0.611 29.35705 ? 77  SER A OG   1 
ATOM   536  O OG   B SER A 1 101 ? 5.10452   -5.77328  14.62526  0.389 33.48699 ? 77  SER A OG   1 
ATOM   537  N N    . GLU A 1 102 ? 3.46338   -5.33956  11.94433  1.000 28.24859 ? 78  GLU A N    1 
ATOM   538  C CA   . GLU A 1 102 ? 2.89671   -5.96755  10.73761  1.000 32.26346 ? 78  GLU A CA   1 
ATOM   539  C C    . GLU A 1 102 ? 2.37172   -4.92307  9.75881   1.000 28.46166 ? 78  GLU A C    1 
ATOM   540  O O    . GLU A 1 102 ? 2.56165   -5.03737  8.53118   1.000 28.25812 ? 78  GLU A O    1 
ATOM   541  C CB   . GLU A 1 102 ? 1.75277   -6.93135  11.08605  1.000 39.03855 ? 78  GLU A CB   1 
ATOM   542  C CG   . GLU A 1 102 ? 1.89118   -7.73133  12.37826  1.000 48.93888 ? 78  GLU A CG   1 
ATOM   543  C CD   . GLU A 1 102 ? 0.68496   -8.64220  12.60817  1.000 56.90608 ? 78  GLU A CD   1 
ATOM   544  O OE1  . GLU A 1 102 ? 0.56248   -9.64947  11.87867  1.000 68.85169 ? 78  GLU A OE1  1 
ATOM   545  O OE2  . GLU A 1 102 ? -0.15094  -8.34103  13.49249  1.000 46.05392 ? 78  GLU A OE2  1 
ATOM   546  N N    . ILE A 1 103 ? 1.65038   -3.92461  10.28388  1.000 29.81715 ? 79  ILE A N    1 
ATOM   547  C CA   . ILE A 1 103 ? 1.17604   -2.82886  9.44404   1.000 31.90672 ? 79  ILE A CA   1 
ATOM   548  C C    . ILE A 1 103 ? 2.34895   -2.16532  8.74123   1.000 33.47071 ? 79  ILE A C    1 
ATOM   549  O O    . ILE A 1 103 ? 2.31726   -1.93305  7.52932   1.000 26.86653 ? 79  ILE A O    1 
ATOM   550  C CB   . ILE A 1 103 ? 0.38989   -1.80281  10.28045  1.000 31.42265 ? 79  ILE A CB   1 
ATOM   551  C CG1  . ILE A 1 103 ? -0.87542  -2.43181  10.87218  1.000 31.53171 ? 79  ILE A CG1  1 
ATOM   552  C CG2  . ILE A 1 103 ? 0.05826   -0.58775  9.41035   1.000 31.91393 ? 79  ILE A CG2  1 
ATOM   553  C CD1  . ILE A 1 103 ? -1.57398  -1.53999  11.91470  1.000 28.80471 ? 79  ILE A CD1  1 
ATOM   554  N N    . SER A 1 104 ? 3.39571   -1.83597  9.50287   1.000 29.42919 ? 80  SER A N    1 
ATOM   555  C CA   . SER A 1 104 ? 4.55946   -1.15556  8.94215   1.000 32.25223 ? 80  SER A CA   1 
ATOM   556  C C    . SER A 1 104 ? 5.18362   -1.97133  7.81861   1.000 31.77951 ? 80  SER A C    1 
ATOM   557  O O    . SER A 1 104 ? 5.56535   -1.42272  6.77986   1.000 29.75887 ? 80  SER A O    1 
ATOM   558  C CB   . SER A 1 104 ? 5.58503   -0.88905  10.05106  1.000 31.06140 ? 80  SER A CB   1 
ATOM   559  O OG   . SER A 1 104 ? 5.03494   -0.02484  11.04680  1.000 34.16451 ? 80  SER A OG   1 
ATOM   560  N N    . THR A 1 105 ? 5.29948   -3.28354  8.01365   1.000 27.39672 ? 81  THR A N    1 
ATOM   561  C CA   . THR A 1 105 ? 5.84408   -4.13901  6.96462   1.000 30.21635 ? 81  THR A CA   1 
ATOM   562  C C    . THR A 1 105 ? 5.04273   -4.00963  5.67922   1.000 32.42628 ? 81  THR A C    1 
ATOM   563  O O    . THR A 1 105 ? 5.59967   -3.77271  4.59895   1.000 26.69196 ? 81  THR A O    1 
ATOM   564  C CB   . THR A 1 105 ? 5.86140   -5.59335  7.44059   1.000 41.25978 ? 81  THR A CB   1 
ATOM   565  O OG1  . THR A 1 105 ? 6.84650   -5.74169  8.46195   1.000 33.86761 ? 81  THR A OG1  1 
ATOM   566  C CG2  . THR A 1 105 ? 6.16624   -6.55506  6.29815   1.000 35.01453 ? 81  THR A CG2  1 
ATOM   567  N N    . HIS A 1 106 ? 3.72253   -4.14642  5.77303   1.000 25.04865 ? 82  HIS A N    1 
ATOM   568  C CA   . HIS A 1 106 ? 2.93004   -4.17738  4.53963   1.000 27.02224 ? 82  HIS A CA   1 
ATOM   569  C C    . HIS A 1 106 ? 2.60373   -2.79812  3.97279   1.000 24.84126 ? 82  HIS A C    1 
ATOM   570  O O    . HIS A 1 106 ? 2.30961   -2.69252  2.77875   1.000 26.96984 ? 82  HIS A O    1 
ATOM   571  C CB   . HIS A 1 106 ? 1.66082   -4.98858  4.78617   1.000 27.72237 ? 82  HIS A CB   1 
ATOM   572  C CG   . HIS A 1 106 ? 1.94112   -6.45067  4.90819   1.000 30.35847 ? 82  HIS A CG   1 
ATOM   573  N ND1  . HIS A 1 106 ? 2.38113   -7.21215  3.84429   1.000 32.31400 ? 82  HIS A ND1  1 
ATOM   574  C CD2  . HIS A 1 106 ? 1.92793   -7.27503  5.98277   1.000 44.57093 ? 82  HIS A CD2  1 
ATOM   575  C CE1  . HIS A 1 106 ? 2.58255   -8.45313  4.25146   1.000 45.87865 ? 82  HIS A CE1  1 
ATOM   576  N NE2  . HIS A 1 106 ? 2.32427   -8.51607  5.54554   1.000 48.95116 ? 82  HIS A NE2  1 
ATOM   577  N N    . ALA A 1 107 ? 2.68153   -1.74067  4.77151   1.000 26.80190 ? 83  ALA A N    1 
ATOM   578  C CA   . ALA A 1 107 ? 2.48242   -0.38107  4.28365   1.000 27.02255 ? 83  ALA A CA   1 
ATOM   579  C C    . ALA A 1 107 ? 3.77773   0.25991   3.80399   1.000 29.76258 ? 83  ALA A C    1 
ATOM   580  O O    . ALA A 1 107 ? 3.74334   1.39189   3.31305   1.000 29.46011 ? 83  ALA A O    1 
ATOM   581  C CB   . ALA A 1 107 ? 1.85824   0.49081   5.37842   1.000 24.77866 ? 83  ALA A CB   1 
ATOM   582  N N    . ILE A 1 108 ? 4.90979   -0.43256  3.95621   1.000 31.63164 ? 84  ILE A N    1 
ATOM   583  C CA   . ILE A 1 108 ? 6.22908   0.03881   3.52661   1.000 30.44308 ? 84  ILE A CA   1 
ATOM   584  C C    . ILE A 1 108 ? 6.54145   1.37609   4.19056   1.000 29.26931 ? 84  ILE A C    1 
ATOM   585  O O    . ILE A 1 108 ? 6.78402   2.38197   3.51732   1.000 28.84479 ? 84  ILE A O    1 
ATOM   586  C CB   . ILE A 1 108 ? 6.33087   0.14638   1.99196   1.000 30.88310 ? 84  ILE A CB   1 
ATOM   587  C CG1  . ILE A 1 108 ? 5.75007   -1.09631  1.30824   1.000 28.54197 ? 84  ILE A CG1  1 
ATOM   588  C CG2  . ILE A 1 108 ? 7.82604   0.27212   1.57926   1.000 34.41925 ? 84  ILE A CG2  1 
ATOM   589  C CD1  . ILE A 1 108 ? 4.34697   -0.94879  0.76626   1.000 35.96527 ? 84  ILE A CD1  1 
ATOM   590  N N    . ALA A 1 109 ? 6.53527   1.39902   5.51754   1.000 24.47737 ? 85  ALA A N    1 
ATOM   591  C CA   . ALA A 1 109 ? 6.78088   2.62202   6.25944   1.000 25.93993 ? 85  ALA A CA   1 
ATOM   592  C C    . ALA A 1 109 ? 7.51239   2.27299   7.54825   1.000 30.36530 ? 85  ALA A C    1 
ATOM   593  O O    . ALA A 1 109 ? 7.49390   1.12524   8.00557   1.000 28.26741 ? 85  ALA A O    1 
ATOM   594  C CB   . ALA A 1 109 ? 5.46829   3.36631   6.57599   1.000 27.54307 ? 85  ALA A CB   1 
ATOM   595  N N    . LYS A 1 110 ? 8.14574   3.28852   8.13492   1.000 30.49353 ? 86  LYS A N    1 
ATOM   596  C CA   . LYS A 1 110 ? 8.77488   3.14468   9.44242   1.000 31.77468 ? 86  LYS A CA   1 
ATOM   597  C C    . LYS A 1 110 ? 7.73073   2.96134   10.53827  1.000 37.77092 ? 86  LYS A C    1 
ATOM   598  O O    . LYS A 1 110 ? 6.57769   3.40547   10.42279  1.000 30.38692 ? 86  LYS A O    1 
ATOM   599  C CB   . LYS A 1 110 ? 9.63488   4.36923   9.76405   1.000 30.67157 ? 86  LYS A CB   1 
ATOM   600  C CG   . LYS A 1 110 ? 10.81458  4.55744   8.81497   1.000 35.42256 ? 86  LYS A CG   1 
ATOM   601  C CD   . LYS A 1 110 ? 11.71135  5.71473   9.24238   1.000 50.17350 ? 86  LYS A CD   1 
ATOM   602  C CE   . LYS A 1 110 ? 12.75493  5.27311   10.26904  1.000 48.05623 ? 86  LYS A CE   1 
ATOM   603  N NZ   . LYS A 1 110 ? 13.76500  6.34159   10.56599  1.000 53.31418 ? 86  LYS A NZ   1 
ATOM   604  N N    . LEU A 1 111 ? 8.16177   2.30626   11.62204  1.000 27.58986 ? 87  LEU A N    1 
ATOM   605  C CA   . LEU A 1 111 ? 7.30582   2.12338   12.78927  1.000 31.40061 ? 87  LEU A CA   1 
ATOM   606  C C    . LEU A 1 111 ? 6.83827   3.46456   13.34146  1.000 35.27576 ? 87  LEU A C    1 
ATOM   607  O O    . LEU A 1 111 ? 5.69616   3.58642   13.80862  1.000 30.57211 ? 87  LEU A O    1 
ATOM   608  C CB   . LEU A 1 111 ? 8.05547   1.33529   13.87545  1.000 30.76644 ? 87  LEU A CB   1 
ATOM   609  C CG   . LEU A 1 111 ? 8.56482   -0.08654  13.59907  1.000 26.79020 ? 87  LEU A CG   1 
ATOM   610  C CD1  . LEU A 1 111 ? 9.56996   -0.48330  14.68654  1.000 35.00425 ? 87  LEU A CD1  1 
ATOM   611  C CD2  . LEU A 1 111 ? 7.42294   -1.09604  13.53243  1.000 27.36691 ? 87  LEU A CD2  1 
ATOM   612  N N    . SER A 1 112 ? 7.71324   4.48485   13.31105  1.000 32.32089 ? 88  SER A N    1 
ATOM   613  C CA   . SER A 1 112 ? 7.33207   5.80548   13.82269  1.000 36.74482 ? 88  SER A CA   1 
ATOM   614  C C    . SER A 1 112 ? 6.24144   6.44106   12.96140  1.000 33.88368 ? 88  SER A C    1 
ATOM   615  O O    . SER A 1 112 ? 5.25987   6.99720   13.48159  1.000 35.26053 ? 88  SER A O    1 
ATOM   616  C CB   . SER A 1 112 ? 8.56328   6.71745   13.89664  1.000 33.75568 ? 88  SER A CB   1 
ATOM   617  O OG   . SER A 1 112 ? 9.18330   6.85612   12.62408  1.000 36.13269 ? 88  SER A OG   1 
ATOM   618  N N    . THR A 1 113 ? 6.41131   6.38195   11.63699  1.000 33.47038 ? 89  THR A N    1 
ATOM   619  C CA   . THR A 1 113 ? 5.38931   6.86887   10.71717  1.000 35.89157 ? 89  THR A CA   1 
ATOM   620  C C    . THR A 1 113 ? 4.04718   6.19135   10.96892  1.000 31.61745 ? 89  THR A C    1 
ATOM   621  O O    . THR A 1 113 ? 3.00216   6.85955   11.06093  1.000 35.69483 ? 89  THR A O    1 
ATOM   622  C CB   . THR A 1 113 ? 5.84369   6.62857   9.27407   1.000 35.71791 ? 89  THR A CB   1 
ATOM   623  O OG1  . THR A 1 113 ? 7.14956   7.18208   9.08474   1.000 35.88949 ? 89  THR A OG1  1 
ATOM   624  C CG2  . THR A 1 113 ? 4.87115   7.25528   8.27476   1.000 34.41127 ? 89  THR A CG2  1 
ATOM   625  N N    . ILE A 1 114 ? 4.05439   4.85382   11.05658  1.000 29.32393 ? 90  ILE A N    1 
ATOM   626  C CA   . ILE A 1 114 ? 2.80381   4.11779   11.21962  1.000 37.50510 ? 90  ILE A CA   1 
ATOM   627  C C    . ILE A 1 114 ? 2.17623   4.43972   12.56491  1.000 37.96154 ? 90  ILE A C    1 
ATOM   628  O O    . ILE A 1 114 ? 0.95877   4.58897   12.66805  1.000 32.80210 ? 90  ILE A O    1 
ATOM   629  C CB   . ILE A 1 114 ? 3.01127   2.59913   11.04875  1.000 26.58818 ? 90  ILE A CB   1 
ATOM   630  C CG1  . ILE A 1 114 ? 3.17679   2.22077   9.57335   1.000 26.28936 ? 90  ILE A CG1  1 
ATOM   631  C CG2  . ILE A 1 114 ? 1.83615   1.82876   11.67276  1.000 30.65179 ? 90  ILE A CG2  1 
ATOM   632  C CD1  . ILE A 1 114 ? 2.21272   2.93377   8.62123   1.000 38.31417 ? 90  ILE A CD1  1 
ATOM   633  N N    . THR A 1 115 ? 2.98743   4.55973   13.61502  1.000 32.17344 ? 91  THR A N    1 
ATOM   634  C CA   . THR A 1 115 ? 2.44572   4.93504   14.91765  1.000 37.91439 ? 91  THR A CA   1 
ATOM   635  C C    . THR A 1 115 ? 1.71790   6.27727   14.84300  1.000 39.06878 ? 91  THR A C    1 
ATOM   636  O O    . THR A 1 115 ? 0.59425   6.41916   15.34560  1.000 36.18351 ? 91  THR A O    1 
ATOM   637  C CB   . THR A 1 115 ? 3.56653   4.97338   15.96096  1.000 37.35544 ? 91  THR A CB   1 
ATOM   638  O OG1  . THR A 1 115 ? 4.14111   3.66567   16.09124  1.000 33.42887 ? 91  THR A OG1  1 
ATOM   639  C CG2  . THR A 1 115 ? 3.02511   5.42038   17.32049  1.000 44.03222 ? 91  THR A CG2  1 
ATOM   640  N N    . LYS A 1 116 ? 2.33544   7.27656   14.20052  1.000 32.76294 ? 92  LYS A N    1 
ATOM   641  C CA   . LYS A 1 116 ? 1.68971   8.58786   14.11977  1.000 38.02190 ? 92  LYS A CA   1 
ATOM   642  C C    . LYS A 1 116 ? 0.39893   8.51061   13.30922  1.000 35.49678 ? 92  LYS A C    1 
ATOM   643  O O    . LYS A 1 116 ? -0.65053  9.03692   13.71785  1.000 40.92865 ? 92  LYS A O    1 
ATOM   644  C CB   . LYS A 1 116 ? 2.64885   9.61335   13.51412  1.000 41.21332 ? 92  LYS A CB   1 
ATOM   645  C CG   . LYS A 1 116 ? 3.62940   10.21222  14.52610  1.000 46.37154 ? 92  LYS A CG   1 
ATOM   646  C CD   . LYS A 1 116 ? 4.88152   10.74403  13.86009  1.000 56.23483 ? 92  LYS A CD   1 
ATOM   647  C CE   . LYS A 1 116 ? 5.91379   11.18349  14.89656  1.000 65.37221 ? 92  LYS A CE   1 
ATOM   648  N NZ   . LYS A 1 116 ? 7.29961   10.86171  14.46823  1.000 67.71068 ? 92  LYS A NZ   1 
ATOM   649  N N    . ILE A 1 117 ? 0.45752   7.83997   12.15734  1.000 29.05344 ? 93  ILE A N    1 
ATOM   650  C CA   . ILE A 1 117 ? -0.72751  7.65755   11.32296  1.000 34.81383 ? 93  ILE A CA   1 
ATOM   651  C C    . ILE A 1 117 ? -1.82685  6.93575   12.08943  1.000 40.80072 ? 93  ILE A C    1 
ATOM   652  O O    . ILE A 1 117 ? -3.01177  7.29021   11.99908  1.000 41.13156 ? 93  ILE A O    1 
ATOM   653  C CB   . ILE A 1 117 ? -0.34999  6.89945   10.03955  1.000 33.32124 ? 93  ILE A CB   1 
ATOM   654  C CG1  . ILE A 1 117 ? 0.54281   7.77735   9.16529   1.000 35.03728 ? 93  ILE A CG1  1 
ATOM   655  C CG2  . ILE A 1 117 ? -1.60862  6.44741   9.29325   1.000 35.25610 ? 93  ILE A CG2  1 
ATOM   656  C CD1  . ILE A 1 117 ? 1.03879   7.09434   7.90730   1.000 31.91916 ? 93  ILE A CD1  1 
ATOM   657  N N    . VAL A 1 118 ? -1.45950  5.90419   12.84330  1.000 35.25322 ? 94  VAL A N    1 
ATOM   658  C CA   . VAL A 1 118 ? -2.45071  5.09832   13.53376  1.000 41.22699 ? 94  VAL A CA   1 
ATOM   659  C C    . VAL A 1 118 ? -3.16330  5.92566   14.58860  1.000 42.40562 ? 94  VAL A C    1 
ATOM   660  O O    . VAL A 1 118 ? -4.39356  5.86882   14.71864  1.000 42.62094 ? 94  VAL A O    1 
ATOM   661  C CB   . VAL A 1 118 ? -1.78698  3.84877   14.13610  1.000 36.69021 ? 94  VAL A CB   1 
ATOM   662  C CG1  . VAL A 1 118 ? -2.59907  3.32785   15.30909  1.000 40.97800 ? 94  VAL A CG1  1 
ATOM   663  C CG2  . VAL A 1 118 ? -1.62465  2.77648   13.06232  1.000 37.02621 ? 94  VAL A CG2  1 
ATOM   664  N N    . TYR A 1 119 ? -2.41729  6.72436   15.35108  1.000 41.81333 ? 95  TYR A N    1 
ATOM   665  C CA   . TYR A 1 119 ? -3.11059  7.48389   16.38884  1.000 43.39374 ? 95  TYR A CA   1 
ATOM   666  C C    . TYR A 1 119 ? -3.91341  8.63838   15.79290  1.000 44.24278 ? 95  TYR A C    1 
ATOM   667  O O    . TYR A 1 119 ? -4.95131  9.02881   16.34416  1.000 43.30096 ? 95  TYR A O    1 
ATOM   668  C CB   . TYR A 1 119 ? -2.11415  7.94471   17.44845  1.000 47.22945 ? 95  TYR A CB   1 
ATOM   669  C CG   . TYR A 1 119 ? -1.73725  6.79679   18.37073  1.000 58.10684 ? 95  TYR A CG   1 
ATOM   670  C CD1  . TYR A 1 119 ? -2.67051  6.25337   19.25126  1.000 55.95320 ? 95  TYR A CD1  1 
ATOM   671  C CD2  . TYR A 1 119 ? -0.46834  6.22473   18.32651  1.000 52.87643 ? 95  TYR A CD2  1 
ATOM   672  C CE1  . TYR A 1 119 ? -2.34043  5.19183   20.08637  1.000 59.56419 ? 95  TYR A CE1  1 
ATOM   673  C CE2  . TYR A 1 119 ? -0.12936  5.16769   19.15837  1.000 52.75290 ? 95  TYR A CE2  1 
ATOM   674  C CZ   . TYR A 1 119 ? -1.06830  4.65654   20.03482  1.000 60.35472 ? 95  TYR A CZ   1 
ATOM   675  O OH   . TYR A 1 119 ? -0.73304  3.60641   20.85931  1.000 69.18533 ? 95  TYR A OH   1 
ATOM   676  N N    . ARG A 1 120 ? -3.48661  9.15662   14.64148  1.000 36.39069 ? 96  ARG A N    1 
ATOM   677  C CA   . ARG A 1 120 ? -4.30139  10.12231  13.91096  1.000 44.89922 ? 96  ARG A CA   1 
ATOM   678  C C    . ARG A 1 120 ? -5.62414  9.50012   13.44564  1.000 42.88353 ? 96  ARG A C    1 
ATOM   679  O O    . ARG A 1 120 ? -6.70503  10.09129  13.60344  1.000 43.67901 ? 96  ARG A O    1 
ATOM   680  C CB   . ARG A 1 120 ? -3.47365  10.64301  12.73773  1.000 46.58796 ? 96  ARG A CB   1 
ATOM   681  C CG   . ARG A 1 120 ? -4.21367  11.47369  11.75239  1.000 57.48738 ? 96  ARG A CG   1 
ATOM   682  C CD   . ARG A 1 120 ? -4.47280  12.85914  12.28292  1.000 63.82062 ? 96  ARG A CD   1 
ATOM   683  N NE   . ARG A 1 120 ? -5.70070  13.36844  11.69573  1.000 67.43987 ? 96  ARG A NE   1 
ATOM   684  C CZ   . ARG A 1 120 ? -5.90998  13.44990  10.38563  1.000 70.51367 ? 96  ARG A CZ   1 
ATOM   685  N NH1  . ARG A 1 120 ? -7.06540  13.91420  9.92573   1.000 67.37167 ? 96  ARG A NH1  1 
ATOM   686  N NH2  . ARG A 1 120 ? -4.95726  13.07818  9.53412   1.000 73.99580 ? 96  ARG A NH2  1 
ATOM   687  N N    . MET A 1 121 ? -5.55254  8.29287   12.87696  1.000 39.41500 ? 97  MET A N    1 
ATOM   688  C CA   . MET A 1 121 ? -6.75059  7.58156   12.44612  1.000 36.05715 ? 97  MET A CA   1 
ATOM   689  C C    . MET A 1 121 ? -7.64536  7.25376   13.63284  1.000 43.62897 ? 97  MET A C    1 
ATOM   690  O O    . MET A 1 121 ? -8.88163  7.27107   13.51876  1.000 35.36748 ? 97  MET A O    1 
ATOM   691  C CB   . MET A 1 121 ? -6.37318  6.29951   11.69958  1.000 30.41644 ? 97  MET A CB   1 
ATOM   692  C CG   . MET A 1 121 ? -5.57104  6.49612   10.40676  1.000 42.01592 ? 97  MET A CG   1 
ATOM   693  S SD   . MET A 1 121 ? -4.97594  4.92500   9.68403   1.000 38.21174 ? 97  MET A SD   1 
ATOM   694  C CE   . MET A 1 121 ? -6.48637  4.42951   8.85522   1.000 33.43582 ? 97  MET A CE   1 
ATOM   695  N N    . LYS A 1 122 ? -7.03844  6.95529   14.78409  1.000 35.64163 ? 98  LYS A N    1 
ATOM   696  C CA   . LYS A 1 122 ? -7.82481  6.67005   15.98306  1.000 39.70347 ? 98  LYS A CA   1 
ATOM   697  C C    . LYS A 1 122 ? -8.55694  7.91341   16.46089  1.000 43.23014 ? 98  LYS A C    1 
ATOM   698  O O    . LYS A 1 122 ? -9.72717  7.83966   16.86705  1.000 44.51527 ? 98  LYS A O    1 
ATOM   699  C CB   . LYS A 1 122 ? -6.92832  6.12712   17.09587  1.000 36.17305 ? 98  LYS A CB   1 
ATOM   700  C CG   . LYS A 1 122 ? -7.64961  6.01336   18.43359  1.000 41.25970 ? 98  LYS A CG   1 
ATOM   701  C CD   . LYS A 1 122 ? -6.97521  5.00585   19.34564  1.000 50.00474 ? 98  LYS A CD   1 
ATOM   702  C CE   . LYS A 1 122 ? -7.68745  4.92273   20.68687  1.000 53.02575 ? 98  LYS A CE   1 
ATOM   703  N NZ   . LYS A 1 122 ? -6.79675  4.33855   21.72714  1.000 59.33899 ? 98  LYS A NZ   1 
ATOM   704  N N    . GLU A 1 123 ? -7.88367  9.06419   16.42094  1.000 40.22329 ? 99  GLU A N    1 
ATOM   705  C CA   . GLU A 1 123 ? -8.55261  10.32987  16.71895  1.000 45.79256 ? 99  GLU A CA   1 
ATOM   706  C C    . GLU A 1 123 ? -9.74496  10.54934  15.78925  1.000 48.59814 ? 99  GLU A C    1 
ATOM   707  O O    . GLU A 1 123 ? -10.83183 10.94866  16.23099  1.000 46.20715 ? 99  GLU A O    1 
ATOM   708  C CB   . GLU A 1 123 ? -7.55005  11.48379  16.60180  1.000 50.12858 ? 99  GLU A CB   1 
ATOM   709  C CG   . GLU A 1 123 ? -6.93248  11.91476  17.93048  1.000 57.76329 ? 99  GLU A CG   1 
ATOM   710  C CD   . GLU A 1 123 ? -7.93804  11.88196  19.07023  1.000 75.49137 ? 99  GLU A CD   1 
ATOM   711  O OE1  . GLU A 1 123 ? -7.95368  10.88606  19.82727  1.000 84.72443 ? 99  GLU A OE1  1 
ATOM   712  O OE2  . GLU A 1 123 ? -8.72291  12.84765  19.20346  1.000 72.41213 ? 99  GLU A OE2  1 
ATOM   713  N N    . ASP A 1 124 ? -9.55670  10.30401  14.49082  1.000 39.21703 ? 100 ASP A N    1 
ATOM   714  C CA   . ASP A 1 124 ? -10.63958 10.46353  13.52949  1.000 42.01343 ? 100 ASP A CA   1 
ATOM   715  C C    . ASP A 1 124 ? -11.68922 9.35417   13.61126  1.000 38.18883 ? 100 ASP A C    1 
ATOM   716  O O    . ASP A 1 124 ? -12.70652 9.44453   12.91936  1.000 44.94398 ? 100 ASP A O    1 
ATOM   717  C CB   . ASP A 1 124 ? -10.06351 10.53685  12.11009  1.000 44.96831 ? 100 ASP A CB   1 
ATOM   718  C CG   . ASP A 1 124 ? -9.11894  11.71282  11.92358  1.000 49.94009 ? 100 ASP A CG   1 
ATOM   719  O OD1  . ASP A 1 124 ? -9.07959  12.58591  12.81144  1.000 53.37088 ? 100 ASP A OD1  1 
ATOM   720  O OD2  . ASP A 1 124 ? -8.41318  11.76677  10.89138  1.000 55.05424 ? 100 ASP A OD2  1 
ATOM   721  N N    . GLY A 1 125 ? -11.47383 8.31639   14.42075  1.000 38.08059 ? 101 GLY A N    1 
ATOM   722  C CA   . GLY A 1 125 ? -12.44606 7.25387   14.61110  1.000 38.68984 ? 101 GLY A CA   1 
ATOM   723  C C    . GLY A 1 125 ? -12.36181 6.08449   13.64465  1.000 46.65065 ? 101 GLY A C    1 
ATOM   724  O O    . GLY A 1 125 ? -13.24187 5.20829   13.68401  1.000 38.80461 ? 101 GLY A O    1 
ATOM   725  N N    . LEU A 1 126 ? -11.32640 6.03325   12.78789  1.000 35.97104 ? 102 LEU A N    1 
ATOM   726  C CA   . LEU A 1 126 ? -11.21644 4.99535   11.76322  1.000 32.92779 ? 102 LEU A CA   1 
ATOM   727  C C    . LEU A 1 126 ? -10.66111 3.68712   12.30949  1.000 31.92965 ? 102 LEU A C    1 
ATOM   728  O O    . LEU A 1 126 ? -10.95396 2.61494   11.76097  1.000 28.10597 ? 102 LEU A O    1 
ATOM   729  C CB   . LEU A 1 126 ? -10.34712 5.49317   10.60100  1.000 32.35330 ? 102 LEU A CB   1 
ATOM   730  C CG   . LEU A 1 126 ? -11.08609 6.40841   9.60645   1.000 42.02985 ? 102 LEU A CG   1 
ATOM   731  C CD1  . LEU A 1 126 ? -11.45067 7.74379   10.24033  1.000 37.41763 ? 102 LEU A CD1  1 
ATOM   732  C CD2  . LEU A 1 126 ? -10.26570 6.62858   8.35274   1.000 41.58989 ? 102 LEU A CD2  1 
ATOM   733  N N    . VAL A 1 127 ? -9.88346  3.74764   13.38995  1.000 29.80508 ? 103 VAL A N    1 
ATOM   734  C CA   . VAL A 1 127 ? -9.31267  2.56581   14.01499  1.000 33.37513 ? 103 VAL A CA   1 
ATOM   735  C C    . VAL A 1 127 ? -9.43153  2.70389   15.52225  1.000 36.47977 ? 103 VAL A C    1 
ATOM   736  O O    . VAL A 1 127 ? -9.64059  3.79614   16.05915  1.000 34.32313 ? 103 VAL A O    1 
ATOM   737  C CB   . VAL A 1 127 ? -7.82798  2.37106   13.62424  1.000 30.59954 ? 103 VAL A CB   1 
ATOM   738  C CG1  . VAL A 1 127 ? -7.69435  2.34884   12.10682  1.000 29.73421 ? 103 VAL A CG1  1 
ATOM   739  C CG2  . VAL A 1 127 ? -6.99819  3.49673   14.23036  1.000 29.24139 ? 103 VAL A CG2  1 
ATOM   740  N N    . ASP A 1 128 ? -9.28665  1.57242   16.20429  1.000 31.49127 ? 104 ASP A N    1 
ATOM   741  C CA   . ASP A 1 128 ? -9.08480  1.56193   17.63981  1.000 34.74684 ? 104 ASP A CA   1 
ATOM   742  C C    . ASP A 1 128 ? -7.80551  0.78822   17.93799  1.000 37.52641 ? 104 ASP A C    1 
ATOM   743  O O    . ASP A 1 128 ? -7.29037  0.05318   17.08614  1.000 35.78486 ? 104 ASP A O    1 
ATOM   744  C CB   . ASP A 1 128 ? -10.27006 0.94882   18.38193  1.000 36.25503 ? 104 ASP A CB   1 
ATOM   745  C CG   . ASP A 1 128 ? -10.32125 1.37074   19.84694  1.000 52.40454 ? 104 ASP A CG   1 
ATOM   746  O OD1  . ASP A 1 128 ? -11.13507 0.78606   20.59503  1.000 62.71892 ? 104 ASP A OD1  1 
ATOM   747  O OD2  . ASP A 1 128 ? -9.53932  2.26617   20.25771  1.000 45.75310 ? 104 ASP A OD2  1 
ATOM   748  N N    . THR A 1 129 ? -7.28861  0.96881   19.14738  1.000 34.68734 ? 105 THR A N    1 
ATOM   749  C CA   . THR A 1 129 ? -6.04405  0.31566   19.54497  1.000 45.55942 ? 105 THR A CA   1 
ATOM   750  C C    . THR A 1 129 ? -6.21094  -0.34019  20.90891  1.000 49.62196 ? 105 THR A C    1 
ATOM   751  O O    . THR A 1 129 ? -7.14802  -0.04942  21.65565  1.000 46.36853 ? 105 THR A O    1 
ATOM   752  C CB   . THR A 1 129 ? -4.85242  1.29449   19.58843  1.000 42.38403 ? 105 THR A CB   1 
ATOM   753  O OG1  . THR A 1 129 ? -5.01228  2.21535   20.67619  1.000 48.33512 ? 105 THR A OG1  1 
ATOM   754  C CG2  . THR A 1 129 ? -4.72523  2.07305   18.28074  1.000 45.32210 ? 105 THR A CG2  1 
ATOM   755  N N    . ALA A 1 130 ? -5.28085  -1.24443  21.22119  1.000 50.83948 ? 106 ALA A N    1 
ATOM   756  C CA   . ALA A 1 130 ? -5.29833  -1.92351  22.51164  1.000 48.49827 ? 106 ALA A CA   1 
ATOM   757  C C    . ALA A 1 130 ? -3.94617  -2.56833  22.75465  1.000 55.16283 ? 106 ALA A C    1 
ATOM   758  O O    . ALA A 1 130 ? -3.33780  -3.06850  21.80157  1.000 40.69875 ? 106 ALA A O    1 
ATOM   759  C CB   . ALA A 1 130 ? -6.39946  -2.98544  22.57540  1.000 51.06207 ? 106 ALA A CB   1 
ATOM   760  N N    . PRO A 1 131 ? -3.45192  -2.58859  23.98969  1.000 54.04353 ? 107 PRO A N    1 
ATOM   761  C CA   . PRO A 1 131 ? -2.20814  -3.31615  24.25924  1.000 53.60317 ? 107 PRO A CA   1 
ATOM   762  C C    . PRO A 1 131 ? -2.39696  -4.79942  23.98662  1.000 56.28306 ? 107 PRO A C    1 
ATOM   763  O O    . PRO A 1 131 ? -3.42598  -5.38647  24.32123  1.000 62.74029 ? 107 PRO A O    1 
ATOM   764  C CB   . PRO A 1 131 ? -1.94858  -3.04258  25.74446  1.000 56.57589 ? 107 PRO A CB   1 
ATOM   765  C CG   . PRO A 1 131 ? -3.29864  -2.69861  26.30886  1.000 62.74776 ? 107 PRO A CG   1 
ATOM   766  C CD   . PRO A 1 131 ? -4.03011  -1.99543  25.20750  1.000 55.99841 ? 107 PRO A CD   1 
ATOM   767  N N    . SER A 1 132 ? -1.40328  -5.39959  23.36276  1.000 56.40835 ? 108 SER A N    1 
ATOM   768  C CA   . SER A 1 132 ? -1.46524  -6.82766  23.10276  1.000 60.31296 ? 108 SER A CA   1 
ATOM   769  C C    . SER A 1 132 ? -1.39810  -7.58312  24.42730  1.000 68.29769 ? 108 SER A C    1 
ATOM   770  O O    . SER A 1 132 ? -0.55492  -7.26138  25.27607  1.000 64.05396 ? 108 SER A O    1 
ATOM   771  C CB   . SER A 1 132 ? -0.32126  -7.24385  22.17580  1.000 55.11749 ? 108 SER A CB   1 
ATOM   772  O OG   . SER A 1 132 ? -0.11575  -8.64534  22.21500  1.000 63.59024 ? 108 SER A OG   1 
ATOM   773  N N    . PRO A 1 133 ? -2.26822  -8.57368  24.65491  1.000 71.99451 ? 109 PRO A N    1 
ATOM   774  C CA   . PRO A 1 133 ? -2.19216  -9.31799  25.92523  1.000 71.55176 ? 109 PRO A CA   1 
ATOM   775  C C    . PRO A 1 133 ? -0.85062  -9.99972  26.12660  1.000 74.78895 ? 109 PRO A C    1 
ATOM   776  O O    . PRO A 1 133 ? -0.30318  -9.97775  27.23639  1.000 73.28262 ? 109 PRO A O    1 
ATOM   777  C CB   . PRO A 1 133 ? -3.33878  -10.33374 25.80475  1.000 66.50728 ? 109 PRO A CB   1 
ATOM   778  C CG   . PRO A 1 133 ? -3.54151  -10.50098 24.32694  1.000 69.46551 ? 109 PRO A CG   1 
ATOM   779  C CD   . PRO A 1 133 ? -3.26882  -9.14367  23.73373  1.000 75.26846 ? 109 PRO A CD   1 
ATOM   780  N N    . GLU A 1 134 ? -0.30208  -10.60226 25.06725  1.000 71.35062 ? 110 GLU A N    1 
ATOM   781  C CA   . GLU A 1 134 ? 0.99052   -11.26962 25.16825  1.000 67.59566 ? 110 GLU A CA   1 
ATOM   782  C C    . GLU A 1 134 ? 2.07439   -10.31742 25.66065  1.000 69.01394 ? 110 GLU A C    1 
ATOM   783  O O    . GLU A 1 134 ? 2.87967   -10.67725 26.52763  1.000 63.19356 ? 110 GLU A O    1 
ATOM   784  C CB   . GLU A 1 134 ? 1.37667   -11.86250 23.81123  1.000 69.64167 ? 110 GLU A CB   1 
ATOM   785  C CG   . GLU A 1 134 ? 0.32328   -12.77622 23.18718  1.000 79.73150 ? 110 GLU A CG   1 
ATOM   786  C CD   . GLU A 1 134 ? -0.76448  -12.01651 22.42731  1.000 92.87451 ? 110 GLU A CD   1 
ATOM   787  O OE1  . GLU A 1 134 ? -1.57492  -12.67116 21.73427  1.000 98.78297 ? 110 GLU A OE1  1 
ATOM   788  O OE2  . GLU A 1 134 ? -0.81732  -10.77016 22.52449  1.000 87.76361 ? 110 GLU A OE2  1 
ATOM   789  N N    . ASP A 1 135 ? 2.10356   -9.09440  25.13015  1.000 60.70454 ? 111 ASP A N    1 
ATOM   790  C CA   . ASP A 1 135 ? 3.21722   -8.17695  25.36716  1.000 57.87789 ? 111 ASP A CA   1 
ATOM   791  C C    . ASP A 1 135 ? 2.66938   -6.75809  25.41140  1.000 56.33259 ? 111 ASP A C    1 
ATOM   792  O O    . ASP A 1 135 ? 2.32980   -6.19012  24.36776  1.000 54.40872 ? 111 ASP A O    1 
ATOM   793  C CB   . ASP A 1 135 ? 4.27645   -8.33030  24.27494  1.000 44.83403 ? 111 ASP A CB   1 
ATOM   794  C CG   . ASP A 1 135 ? 5.55883   -7.57796  24.57887  1.000 51.15220 ? 111 ASP A CG   1 
ATOM   795  O OD1  . ASP A 1 135 ? 5.51797   -6.56949  25.31490  1.000 51.62328 ? 111 ASP A OD1  1 
ATOM   796  O OD2  . ASP A 1 135 ? 6.61820   -7.99434  24.06025  1.000 50.85145 ? 111 ASP A OD2  1 
ATOM   797  N N    . GLY A 1 136 ? 2.58549   -6.18787  26.61486  1.000 58.14022 ? 112 GLY A N    1 
ATOM   798  C CA   . GLY A 1 136 ? 2.07253   -4.83899  26.76519  1.000 48.24126 ? 112 GLY A CA   1 
ATOM   799  C C    . GLY A 1 136 ? 2.81755   -3.80816  25.94704  1.000 53.69841 ? 112 GLY A C    1 
ATOM   800  O O    . GLY A 1 136 ? 2.29014   -2.71432  25.71942  1.000 48.96319 ? 112 GLY A O    1 
ATOM   801  N N    . ARG A 1 137 ? 4.04080   -4.12741  25.50306  1.000 48.99700 ? 113 ARG A N    1 
ATOM   802  C CA   . ARG A 1 137 ? 4.78601   -3.20707  24.64971  1.000 45.57467 ? 113 ARG A CA   1 
ATOM   803  C C    . ARG A 1 137 ? 4.20051   -3.11292  23.24229  1.000 51.91551 ? 113 ARG A C    1 
ATOM   804  O O    . ARG A 1 137 ? 4.44149   -2.12016  22.54808  1.000 51.11796 ? 113 ARG A O    1 
ATOM   805  C CB   . ARG A 1 137 ? 6.25514   -3.63473  24.56404  1.000 49.92425 ? 113 ARG A CB   1 
ATOM   806  C CG   . ARG A 1 137 ? 7.05276   -3.42161  25.84307  1.000 51.77504 ? 113 ARG A CG   1 
ATOM   807  C CD   . ARG A 1 137 ? 8.39557   -4.14615  25.77094  1.000 41.29500 ? 113 ARG A CD   1 
ATOM   808  N NE   . ARG A 1 137 ? 8.22027   -5.56258  25.45568  1.000 45.41893 ? 113 ARG A NE   1 
ATOM   809  C CZ   . ARG A 1 137 ? 9.21257   -6.44695  25.42701  1.000 47.51284 ? 113 ARG A CZ   1 
ATOM   810  N NH1  . ARG A 1 137 ? 10.45008  -6.05493  25.69257  1.000 42.66199 ? 113 ARG A NH1  1 
ATOM   811  N NH2  . ARG A 1 137 ? 8.97218   -7.71861  25.12908  1.000 43.97110 ? 113 ARG A NH2  1 
ATOM   812  N N    . VAL A 1 138 ? 3.43547   -4.10941  22.80920  1.000 44.21071 ? 114 VAL A N    1 
ATOM   813  C CA   . VAL A 1 138 ? 3.00629   -4.23087  21.42339  1.000 38.29856 ? 114 VAL A CA   1 
ATOM   814  C C    . VAL A 1 138 ? 1.58485   -3.69225  21.30347  1.000 51.26201 ? 114 VAL A C    1 
ATOM   815  O O    . VAL A 1 138 ? 0.70222   -4.05700  22.09015  1.000 41.01202 ? 114 VAL A O    1 
ATOM   816  C CB   . VAL A 1 138 ? 3.09991   -5.68890  20.94416  1.000 43.61814 ? 114 VAL A CB   1 
ATOM   817  C CG1  . VAL A 1 138 ? 2.35536   -5.87586  19.63006  1.000 42.63071 ? 114 VAL A CG1  1 
ATOM   818  C CG2  . VAL A 1 138 ? 4.57499   -6.10085  20.80677  1.000 47.22065 ? 114 VAL A CG2  1 
ATOM   819  N N    . THR A 1 139 ? 1.37125   -2.80670  20.33384  1.000 49.99653 ? 115 THR A N    1 
ATOM   820  C CA   . THR A 1 139 ? 0.08821   -2.14386  20.12678  1.000 43.44198 ? 115 THR A CA   1 
ATOM   821  C C    . THR A 1 139 ? -0.67615  -2.85076  19.01961  1.000 43.88784 ? 115 THR A C    1 
ATOM   822  O O    . THR A 1 139 ? -0.14366  -3.03743  17.92064  1.000 37.63758 ? 115 THR A O    1 
ATOM   823  C CB   . THR A 1 139 ? 0.29099   -0.67738  19.75362  1.000 39.96812 ? 115 THR A CB   1 
ATOM   824  O OG1  . THR A 1 139 ? 0.72689   0.05337   20.90508  1.000 47.35560 ? 115 THR A OG1  1 
ATOM   825  C CG2  . THR A 1 139 ? -1.02350  -0.07415  19.24675  1.000 40.85853 ? 115 THR A CG2  1 
ATOM   826  N N    . GLN A 1 140 ? -1.92218  -3.23873  19.30305  1.000 43.05291 ? 116 GLN A N    1 
ATOM   827  C CA   . GLN A 1 140 ? -2.78600  -3.88624  18.33088  1.000 38.03683 ? 116 GLN A CA   1 
ATOM   828  C C    . GLN A 1 140 ? -3.77510  -2.85921  17.80255  1.000 39.38602 ? 116 GLN A C    1 
ATOM   829  O O    . GLN A 1 140 ? -4.31892  -2.06218  18.57727  1.000 37.06127 ? 116 GLN A O    1 
ATOM   830  C CB   . GLN A 1 140 ? -3.52888  -5.07227  18.95261  1.000 54.18832 ? 116 GLN A CB   1 
ATOM   831  C CG   . GLN A 1 140 ? -2.61735  -6.15523  19.52924  1.000 48.42700 ? 116 GLN A CG   1 
ATOM   832  C CD   . GLN A 1 140 ? -1.93878  -6.98139  18.45525  1.000 50.17603 ? 116 GLN A CD   1 
ATOM   833  O OE1  . GLN A 1 140 ? -2.50995  -7.23086  17.39278  1.000 53.85047 ? 116 GLN A OE1  1 
ATOM   834  N NE2  . GLN A 1 140 ? -0.71531  -7.41907  18.72851  1.000 53.98239 ? 116 GLN A NE2  1 
ATOM   835  N N    . VAL A 1 141 ? -3.97630  -2.86234  16.48945  1.000 35.96098 ? 117 VAL A N    1 
ATOM   836  C CA   . VAL A 1 141 ? -4.83930  -1.90875  15.80118  1.000 34.05427 ? 117 VAL A CA   1 
ATOM   837  C C    . VAL A 1 141 ? -5.93464  -2.68104  15.09430  1.000 31.57109 ? 117 VAL A C    1 
ATOM   838  O O    . VAL A 1 141 ? -5.65833  -3.68261  14.42514  1.000 33.72994 ? 117 VAL A O    1 
ATOM   839  C CB   . VAL A 1 141 ? -4.05522  -1.05856  14.77615  1.000 28.98019 ? 117 VAL A CB   1 
ATOM   840  C CG1  . VAL A 1 141 ? -4.89899  0.14748   14.31250  1.000 28.42423 ? 117 VAL A CG1  1 
ATOM   841  C CG2  . VAL A 1 141 ? -2.68622  -0.63595  15.34196  1.000 40.55274 ? 117 VAL A CG2  1 
ATOM   842  N N    . ARG A 1 142 ? -7.17720  -2.19289  15.19712  1.000 36.38011 ? 118 ARG A N    1 
ATOM   843  C CA   . ARG A 1 142 ? -8.26733  -2.80465  14.44812  1.000 35.58712 ? 118 ARG A CA   1 
ATOM   844  C C    . ARG A 1 142 ? -9.14991  -1.72348  13.83572  1.000 32.93008 ? 118 ARG A C    1 
ATOM   845  O O    . ARG A 1 142 ? -9.27550  -0.61875  14.37039  1.000 31.08700 ? 118 ARG A O    1 
ATOM   846  C CB   . ARG A 1 142 ? -9.11847  -3.73838  15.32339  1.000 42.05312 ? 118 ARG A CB   1 
ATOM   847  C CG   . ARG A 1 142 ? -9.75446  -3.04252  16.50683  1.000 40.32500 ? 118 ARG A CG   1 
ATOM   848  C CD   . ARG A 1 142 ? -10.47815 -4.03966  17.39697  1.000 51.00906 ? 118 ARG A CD   1 
ATOM   849  N NE   . ARG A 1 142 ? -11.34003 -3.36974  18.37112  1.000 48.82967 ? 118 ARG A NE   1 
ATOM   850  C CZ   . ARG A 1 142 ? -10.87639 -2.68483  19.41124  1.000 51.98562 ? 118 ARG A CZ   1 
ATOM   851  N NH1  . ARG A 1 142 ? -9.56386  -2.57588  19.60202  1.000 47.39668 ? 118 ARG A NH1  1 
ATOM   852  N NH2  . ARG A 1 142 ? -11.71778 -2.11524  20.26032  1.000 49.47208 ? 118 ARG A NH2  1 
ATOM   853  N N    . ILE A 1 143 ? -9.74977  -2.05483  12.70298  1.000 29.34374 ? 119 ILE A N    1 
ATOM   854  C CA   . ILE A 1 143 ? -10.59865 -1.11589  11.96975  1.000 31.23829 ? 119 ILE A CA   1 
ATOM   855  C C    . ILE A 1 143 ? -11.96852 -1.03470  12.63185  1.000 36.87479 ? 119 ILE A C    1 
ATOM   856  O O    . ILE A 1 143 ? -12.47379 -2.02617  13.17544  1.000 34.34226 ? 119 ILE A O    1 
ATOM   857  C CB   . ILE A 1 143 ? -10.71441 -1.53601  10.48844  1.000 35.43886 ? 119 ILE A CB   1 
ATOM   858  C CG1  . ILE A 1 143 ? -11.19994 -0.36481  9.62402   1.000 31.23753 ? 119 ILE A CG1  1 
ATOM   859  C CG2  . ILE A 1 143 ? -11.65210 -2.75643  10.32205  1.000 33.15405 ? 119 ILE A CG2  1 
ATOM   860  C CD1  . ILE A 1 143 ? -11.24592 -0.67720  8.15087   1.000 31.03857 ? 119 ILE A CD1  1 
ATOM   861  N N    . THR A 1 144 ? -12.56650 0.16116   12.58405  1.000 33.95044 ? 120 THR A N    1 
ATOM   862  C CA   . THR A 1 144 ? -13.89716 0.45709   13.10834  1.000 35.49392 ? 120 THR A CA   1 
ATOM   863  C C    . THR A 1 144 ? -14.94604 0.43858   11.99934  1.000 33.89178 ? 120 THR A C    1 
ATOM   864  O O    . THR A 1 144 ? -14.64607 0.42482   10.80379  1.000 28.71420 ? 120 THR A O    1 
ATOM   865  C CB   . THR A 1 144 ? -13.92764 1.82594   13.79992  1.000 33.19430 ? 120 THR A CB   1 
ATOM   866  O OG1  . THR A 1 144 ? -13.79194 2.86758   12.82080  1.000 33.60130 ? 120 THR A OG1  1 
ATOM   867  C CG2  . THR A 1 144 ? -12.81401 1.95654   14.81908  1.000 37.70019 ? 120 THR A CG2  1 
ATOM   868  N N    . GLU A 1 145 ? -16.21923 0.47094   12.40630  1.000 36.38777 ? 121 GLU A N    1 
ATOM   869  C CA   . GLU A 1 145 ? -17.25222 0.57109   11.38188  1.000 30.71005 ? 121 GLU A CA   1 
ATOM   870  C C    . GLU A 1 145 ? -17.07370 1.84554   10.55810  1.000 26.30484 ? 121 GLU A C    1 
ATOM   871  O O    . GLU A 1 145 ? -17.31370 1.84597   9.34539   1.000 29.82361 ? 121 GLU A O    1 
ATOM   872  C CB   . GLU A 1 145 ? -18.64090 0.50049   12.02879  1.000 42.73389 ? 121 GLU A CB   1 
ATOM   873  C CG   . GLU A 1 145 ? -19.75563 0.05802   11.07309  1.000 42.18464 ? 121 GLU A CG   1 
ATOM   874  C CD   . GLU A 1 145 ? -20.49820 1.24303   10.48156  1.000 56.14440 ? 121 GLU A CD   1 
ATOM   875  O OE1  . GLU A 1 145 ? -20.29407 2.36576   11.00312  1.000 51.31578 ? 121 GLU A OE1  1 
ATOM   876  O OE2  . GLU A 1 145 ? -21.27424 1.05765   9.50566   1.000 40.76285 ? 121 GLU A OE2  1 
ATOM   877  N N    . VAL A 1 146 ? -16.60926 2.92745   11.18691  1.000 27.85758 ? 122 VAL A N    1 
ATOM   878  C CA   . VAL A 1 146 ? -16.32006 4.14264   10.43099  1.000 29.04546 ? 122 VAL A CA   1 
ATOM   879  C C    . VAL A 1 146 ? -15.14629 3.91266   9.47761   1.000 29.87655 ? 122 VAL A C    1 
ATOM   880  O O    . VAL A 1 146 ? -15.14442 4.39419   8.33187   1.000 26.64114 ? 122 VAL A O    1 
ATOM   881  C CB   . VAL A 1 146 ? -16.06387 5.31317   11.39894  1.000 25.76112 ? 122 VAL A CB   1 
ATOM   882  C CG1  . VAL A 1 146 ? -15.35007 6.45082   10.67507  1.000 35.07715 ? 122 VAL A CG1  1 
ATOM   883  C CG2  . VAL A 1 146 ? -17.42168 5.80893   11.98460  1.000 35.78199 ? 122 VAL A CG2  1 
ATOM   884  N N    . GLY A 1 147 ? -14.14348 3.15450   9.91781   1.000 32.57498 ? 123 GLY A N    1 
ATOM   885  C CA   . GLY A 1 147 ? -13.06301 2.79799   9.00637   1.000 26.11933 ? 123 GLY A CA   1 
ATOM   886  C C    . GLY A 1 147 ? -13.57013 2.01590   7.80863   1.000 28.24426 ? 123 GLY A C    1 
ATOM   887  O O    . GLY A 1 147 ? -13.15132 2.25595   6.67683   1.000 25.76884 ? 123 GLY A O    1 
ATOM   888  N N    . LEU A 1 148 ? -14.50964 1.09057   8.03876   1.000 29.38530 ? 124 LEU A N    1 
ATOM   889  C CA   . LEU A 1 148 ? -15.08159 0.31790   6.93428   1.000 34.17328 ? 124 LEU A CA   1 
ATOM   890  C C    . LEU A 1 148 ? -15.84211 1.21086   5.95875   1.000 24.41472 ? 124 LEU A C    1 
ATOM   891  O O    . LEU A 1 148 ? -15.78469 1.00875   4.73448   1.000 25.53247 ? 124 LEU A O    1 
ATOM   892  C CB   . LEU A 1 148 ? -15.99978 -0.78151  7.48238   1.000 35.18637 ? 124 LEU A CB   1 
ATOM   893  C CG   . LEU A 1 148 ? -15.26413 -1.92909  8.19644   1.000 43.52315 ? 124 LEU A CG   1 
ATOM   894  C CD1  . LEU A 1 148 ? -16.24670 -2.88275  8.87055   1.000 47.13590 ? 124 LEU A CD1  1 
ATOM   895  C CD2  . LEU A 1 148 ? -14.36201 -2.69076  7.23918   1.000 36.33169 ? 124 LEU A CD2  1 
ATOM   896  N N    . GLN A 1 149 ? -16.59439 2.18651   6.48324   1.000 28.29812 ? 125 GLN A N    1 
ATOM   897  C CA   . GLN A 1 149 ? -17.23886 3.16142   5.60364   1.000 28.76539 ? 125 GLN A CA   1 
ATOM   898  C C    . GLN A 1 149 ? -16.21641 3.92732   4.77466   1.000 26.64840 ? 125 GLN A C    1 
ATOM   899  O O    . GLN A 1 149 ? -16.42985 4.18515   3.57966   1.000 26.66673 ? 125 GLN A O    1 
ATOM   900  C CB   . GLN A 1 149 ? -18.08074 4.13147   6.42443   1.000 32.80956 ? 125 GLN A CB   1 
ATOM   901  C CG   . GLN A 1 149 ? -19.26411 3.46870   7.04840   1.000 29.23921 ? 125 GLN A CG   1 
ATOM   902  C CD   . GLN A 1 149 ? -20.15076 4.44553   7.79864   1.000 35.78712 ? 125 GLN A CD   1 
ATOM   903  O OE1  . GLN A 1 149 ? -19.77978 5.59553   8.03179   1.000 33.20740 ? 125 GLN A OE1  1 
ATOM   904  N NE2  . GLN A 1 149 ? -21.32117 3.98408   8.18928   1.000 30.01905 ? 125 GLN A NE2  1 
ATOM   905  N N    . ASN A 1 150 ? -15.09557 4.29863   5.39404   1.000 30.48644 ? 126 ASN A N    1 
ATOM   906  C CA   . ASN A 1 150 ? -14.03058 4.95393   4.63713   1.000 32.66145 ? 126 ASN A CA   1 
ATOM   907  C C    . ASN A 1 150 ? -13.47687 4.04290   3.54236   1.000 29.02655 ? 126 ASN A C    1 
ATOM   908  O O    . ASN A 1 150 ? -13.14167 4.51368   2.45344   1.000 26.92984 ? 126 ASN A O    1 
ATOM   909  C CB   . ASN A 1 150 ? -12.92727 5.41936   5.58538   1.000 28.78979 ? 126 ASN A CB   1 
ATOM   910  C CG   . ASN A 1 150 ? -13.22074 6.79712   6.15855   1.000 36.97996 ? 126 ASN A CG   1 
ATOM   911  O OD1  . ASN A 1 150 ? -12.77831 7.80504   5.62790   1.000 43.14369 ? 126 ASN A OD1  1 
ATOM   912  N ND2  . ASN A 1 150 ? -13.99322 6.83890   7.23078   1.000 36.47901 ? 126 ASN A ND2  1 
ATOM   913  N N    . ILE A 1 151 ? -13.35626 2.74271   3.81889   1.000 27.49731 ? 127 ILE A N    1 
ATOM   914  C CA   . ILE A 1 151 ? -13.01037 1.78362   2.76768   1.000 26.51604 ? 127 ILE A CA   1 
ATOM   915  C C    . ILE A 1 151 ? -13.98917 1.86679   1.60033   1.000 29.52534 ? 127 ILE A C    1 
ATOM   916  O O    . ILE A 1 151 ? -13.59244 1.86606   0.42672   1.000 24.85484 ? 127 ILE A O    1 
ATOM   917  C CB   . ILE A 1 151 ? -12.93879 0.35804   3.33398   1.000 24.16722 ? 127 ILE A CB   1 
ATOM   918  C CG1  . ILE A 1 151 ? -11.66794 0.23460   4.21042   1.000 29.74610 ? 127 ILE A CG1  1 
ATOM   919  C CG2  . ILE A 1 151 ? -12.88793 -0.64866  2.16883   1.000 26.36216 ? 127 ILE A CG2  1 
ATOM   920  C CD1  . ILE A 1 151 ? -11.25897 -1.17260  4.51297   1.000 30.54906 ? 127 ILE A CD1  1 
ATOM   921  N N    . GLU A 1 152 ? -15.28727 1.89670   1.89344   1.000 25.89441 ? 128 GLU A N    1 
ATOM   922  C CA   . GLU A 1 152 ? -16.24581 2.01825   0.78755   1.000 24.87711 ? 128 GLU A CA   1 
ATOM   923  C C    . GLU A 1 152 ? -16.02621 3.30495   -0.01486  1.000 22.97907 ? 128 GLU A C    1 
ATOM   924  O O    . GLU A 1 152 ? -16.10029 3.30705   -1.26089  1.000 26.90819 ? 128 GLU A O    1 
ATOM   925  C CB   . GLU A 1 152 ? -17.69367 1.94863   1.31616   1.000 21.03214 ? 128 GLU A CB   1 
ATOM   926  C CG   . GLU A 1 152 ? -18.68260 1.95721   0.18330   1.000 26.54460 ? 128 GLU A CG   1 
ATOM   927  C CD   . GLU A 1 152 ? -20.13559 2.04559   0.65584   1.000 34.92949 ? 128 GLU A CD   1 
ATOM   928  O OE1  . GLU A 1 152 ? -20.42381 1.73296   1.84114   1.000 30.57399 ? 128 GLU A OE1  1 
ATOM   929  O OE2  . GLU A 1 152 ? -20.97938 2.41954   -0.18042  1.000 28.21150 ? 128 GLU A OE2  1 
ATOM   930  N N    . ARG A 1 153 ? -15.75799 4.41710   0.68318   1.000 21.46293 ? 129 ARG A N    1 
ATOM   931  C CA   . ARG A 1 153 ? -15.50247 5.68615   -0.01077  1.000 26.48924 ? 129 ARG A CA   1 
ATOM   932  C C    . ARG A 1 153 ? -14.24540 5.61735   -0.88136  1.000 27.45425 ? 129 ARG A C    1 
ATOM   933  O O    . ARG A 1 153 ? -14.22402 6.13223   -2.01062  1.000 28.54946 ? 129 ARG A O    1 
ATOM   934  C CB   . ARG A 1 153 ? -15.36442 6.83339   0.99224   1.000 26.45862 ? 129 ARG A CB   1 
ATOM   935  C CG   . ARG A 1 153 ? -16.65192 7.21344   1.71575   1.000 29.40757 ? 129 ARG A CG   1 
ATOM   936  C CD   . ARG A 1 153 ? -16.47045 8.51705   2.50038   1.000 32.71933 ? 129 ARG A CD   1 
ATOM   937  N NE   . ARG A 1 153 ? -17.58848 8.68402   3.42957   1.000 38.51292 ? 129 ARG A NE   1 
ATOM   938  C CZ   . ARG A 1 153 ? -17.53571 8.35068   4.71785   1.000 49.94844 ? 129 ARG A CZ   1 
ATOM   939  N NH1  . ARG A 1 153 ? -16.41035 7.86321   5.22732   1.000 39.37113 ? 129 ARG A NH1  1 
ATOM   940  N NH2  . ARG A 1 153 ? -18.59737 8.51049   5.50000   1.000 40.88574 ? 129 ARG A NH2  1 
ATOM   941  N N    A MET A 1 154 ? -13.18320 5.00392   -0.37335  0.590 27.31285 ? 130 MET A N    1 
ATOM   942  N N    B MET A 1 154 ? -13.18107 5.00858   -0.36817  0.410 27.15165 ? 130 MET A N    1 
ATOM   943  C CA   A MET A 1 154 ? -11.97362 4.93830   -1.18964  0.590 27.57729 ? 130 MET A CA   1 
ATOM   944  C CA   B MET A 1 154 ? -11.96423 4.91505   -1.16816  0.410 27.55158 ? 130 MET A CA   1 
ATOM   945  C C    A MET A 1 154 ? -12.13492 3.94110   -2.33106  0.590 23.70384 ? 130 MET A C    1 
ATOM   946  C C    B MET A 1 154 ? -12.14153 3.94430   -2.32717  0.410 24.59471 ? 130 MET A C    1 
ATOM   947  O O    A MET A 1 154 ? -11.56732 4.14794   -3.40934  0.590 25.94664 ? 130 MET A O    1 
ATOM   948  O O    B MET A 1 154 ? -11.56939 4.15651   -3.40190  0.410 25.62153 ? 130 MET A O    1 
ATOM   949  C CB   A MET A 1 154 ? -10.74080 4.63386   -0.32977  0.590 26.90062 ? 130 MET A CB   1 
ATOM   950  C CB   B MET A 1 154 ? -10.77050 4.52565   -0.29545  0.410 26.93641 ? 130 MET A CB   1 
ATOM   951  C CG   A MET A 1 154 ? -10.75666 3.35137   0.46573   0.590 32.54940 ? 130 MET A CG   1 
ATOM   952  C CG   B MET A 1 154 ? -10.99453 3.33109   0.60382   0.410 32.35069 ? 130 MET A CG   1 
ATOM   953  S SD   A MET A 1 154 ? -9.41854  3.32850   1.68528   0.590 32.23481 ? 130 MET A SD   1 
ATOM   954  S SD   B MET A 1 154 ? -9.56530  2.98074   1.64635   0.410 31.86817 ? 130 MET A SD   1 
ATOM   955  C CE   A MET A 1 154 ? -8.88812  1.60912   1.55426   0.590 25.99854 ? 130 MET A CE   1 
ATOM   956  C CE   B MET A 1 154 ? -8.80620  4.59967   1.76105   0.410 18.75448 ? 130 MET A CE   1 
ATOM   957  N N    . GLN A 1 155 ? -12.95396 2.89930   -2.14653  1.000 27.61592 ? 131 GLN A N    1 
ATOM   958  C CA   . GLN A 1 155 ? -13.29178 2.02193   -3.26676  1.000 28.04421 ? 131 GLN A CA   1 
ATOM   959  C C    . GLN A 1 155 ? -13.96910 2.80510   -4.37803  1.000 33.62138 ? 131 GLN A C    1 
ATOM   960  O O    . GLN A 1 155 ? -13.64963 2.63952   -5.56584  1.000 28.05156 ? 131 GLN A O    1 
ATOM   961  C CB   . GLN A 1 155 ? -14.21353 0.89236   -2.80634  1.000 27.88323 ? 131 GLN A CB   1 
ATOM   962  C CG   . GLN A 1 155 ? -13.50203 -0.24734  -2.08655  1.000 31.54808 ? 131 GLN A CG   1 
ATOM   963  C CD   . GLN A 1 155 ? -14.48752 -1.28992  -1.60880  1.000 35.61488 ? 131 GLN A CD   1 
ATOM   964  O OE1  . GLN A 1 155 ? -15.50210 -0.96022  -0.98899  1.000 38.54102 ? 131 GLN A OE1  1 
ATOM   965  N NE2  . GLN A 1 155 ? -14.22765 -2.54094  -1.93914  1.000 27.06653 ? 131 GLN A NE2  1 
ATOM   966  N N    . GLU A 1 156 ? -14.92797 3.65975   -4.01219  1.000 31.71870 ? 132 GLU A N    1 
ATOM   967  C CA   . GLU A 1 156 ? -15.67042 4.40324   -5.02883  1.000 33.70213 ? 132 GLU A CA   1 
ATOM   968  C C    . GLU A 1 156 ? -14.79317 5.44925   -5.71410  1.000 29.04801 ? 132 GLU A C    1 
ATOM   969  O O    . GLU A 1 156 ? -14.77869 5.54947   -6.94737  1.000 27.68320 ? 132 GLU A O    1 
ATOM   970  C CB   . GLU A 1 156 ? -16.90544 5.05979   -4.40693  1.000 28.54796 ? 132 GLU A CB   1 
ATOM   971  C CG   . GLU A 1 156 ? -18.08343 5.17959   -5.36207  1.000 53.29293 ? 132 GLU A CG   1 
ATOM   972  C CD   . GLU A 1 156 ? -18.47364 3.84634   -5.98435  1.000 54.28562 ? 132 GLU A CD   1 
ATOM   973  O OE1  . GLU A 1 156 ? -18.37714 3.71815   -7.22448  1.000 56.89374 ? 132 GLU A OE1  1 
ATOM   974  O OE2  . GLU A 1 156 ? -18.86827 2.92510   -5.23302  1.000 54.01298 ? 132 GLU A OE2  1 
ATOM   975  N N    . VAL A 1 157 ? -14.05709 6.24345   -4.93212  1.000 26.65726 ? 133 VAL A N    1 
ATOM   976  C CA   . VAL A 1 157 ? -13.32279 7.36424   -5.51545  1.000 29.05091 ? 133 VAL A CA   1 
ATOM   977  C C    . VAL A 1 157 ? -12.15949 6.92632   -6.42153  1.000 32.32975 ? 133 VAL A C    1 
ATOM   978  O O    . VAL A 1 157 ? -11.75102 7.69682   -7.30165  1.000 26.98733 ? 133 VAL A O    1 
ATOM   979  C CB   . VAL A 1 157 ? -12.83002 8.30686   -4.39794  1.000 27.09853 ? 133 VAL A CB   1 
ATOM   980  C CG1  . VAL A 1 157 ? -11.51355 7.77391   -3.78511  1.000 27.47144 ? 133 VAL A CG1  1 
ATOM   981  C CG2  . VAL A 1 157 ? -12.62635 9.70793   -4.94845  1.000 33.63092 ? 133 VAL A CG2  1 
ATOM   982  N N    . THR A 1 158 ? -11.61965 5.71337   -6.26501  1.000 31.11884 ? 134 THR A N    1 
ATOM   983  C CA   . THR A 1 158 ? -10.52341 5.27007   -7.12985  1.000 30.80065 ? 134 THR A CA   1 
ATOM   984  C C    . THR A 1 158 ? -10.97237 4.32672   -8.24846  1.000 29.89851 ? 134 THR A C    1 
ATOM   985  O O    . THR A 1 158 ? -10.13626 3.87490   -9.02993  1.000 28.57152 ? 134 THR A O    1 
ATOM   986  C CB   . THR A 1 158 ? -9.42029  4.58812   -6.30713  1.000 30.07794 ? 134 THR A CB   1 
ATOM   987  O OG1  . THR A 1 158 ? -9.94528  3.41484   -5.67684  1.000 29.97874 ? 134 THR A OG1  1 
ATOM   988  C CG2  . THR A 1 158 ? -8.87025  5.54163   -5.24841  1.000 31.08224 ? 134 THR A CG2  1 
ATOM   989  N N    . ARG A 1 159 ? -12.27576 4.04822   -8.36943  1.000 32.45223 ? 135 ARG A N    1 
ATOM   990  C CA   . ARG A 1 159 ? -12.74989 3.09129   -9.37071  1.000 31.31278 ? 135 ARG A CA   1 
ATOM   991  C C    . ARG A 1 159 ? -12.21854 3.40055   -10.77444 1.000 31.15549 ? 135 ARG A C    1 
ATOM   992  O O    . ARG A 1 159 ? -11.80586 2.49456   -11.50341 1.000 35.92622 ? 135 ARG A O    1 
ATOM   993  C CB   . ARG A 1 159 ? -14.29094 3.07454   -9.38059  1.000 35.18650 ? 135 ARG A CB   1 
ATOM   994  C CG   . ARG A 1 159 ? -14.90019 1.80608   -9.97001  1.000 49.46373 ? 135 ARG A CG   1 
ATOM   995  C CD   . ARG A 1 159 ? -16.44450 1.86520   -9.96254  1.000 42.25703 ? 135 ARG A CD   1 
ATOM   996  N NE   . ARG A 1 159 ? -16.97765 1.88949   -8.60542  1.000 42.10804 ? 135 ARG A NE   1 
ATOM   997  C CZ   . ARG A 1 159 ? -17.36795 0.80071   -7.94609  1.000 57.09275 ? 135 ARG A CZ   1 
ATOM   998  N NH1  . ARG A 1 159 ? -17.27814 -0.39025  -8.52607  1.000 51.69989 ? 135 ARG A NH1  1 
ATOM   999  N NH2  . ARG A 1 159 ? -17.83745 0.89601   -6.70883  1.000 55.34012 ? 135 ARG A NH2  1 
ATOM   1000 N N    . GLU A 1 160 ? -12.23905 4.67207   -11.18138 1.000 27.10887 ? 136 GLU A N    1 
ATOM   1001 C CA   . GLU A 1 160 ? -11.84451 4.98602   -12.55131 1.000 32.18106 ? 136 GLU A CA   1 
ATOM   1002 C C    . GLU A 1 160 ? -10.34962 4.79348   -12.76248 1.000 33.91747 ? 136 GLU A C    1 
ATOM   1003 O O    . GLU A 1 160 ? -9.91889  4.34835   -13.83708 1.000 32.28700 ? 136 GLU A O    1 
ATOM   1004 C CB   . GLU A 1 160 ? -12.23111 6.41651   -12.91351 1.000 33.98179 ? 136 GLU A CB   1 
ATOM   1005 C CG   . GLU A 1 160 ? -11.82078 6.77258   -14.34766 1.000 49.97686 ? 136 GLU A CG   1 
ATOM   1006 C CD   . GLU A 1 160 ? -12.91719 7.47320   -15.13758 1.000 76.57951 ? 136 GLU A CD   1 
ATOM   1007 O OE1  . GLU A 1 160 ? -12.81423 8.70614   -15.33232 1.000 67.93886 ? 136 GLU A OE1  1 
ATOM   1008 O OE2  . GLU A 1 160 ? -13.88004 6.79338   -15.56160 1.000 82.95604 ? 136 GLU A OE2  1 
ATOM   1009 N N    . LEU A 1 161 ? -9.53857  5.13549   -11.75634 1.000 35.45451 ? 137 LEU A N    1 
ATOM   1010 C CA   . LEU A 1 161 ? -8.09737  4.92757   -11.88763 1.000 30.45431 ? 137 LEU A CA   1 
ATOM   1011 C C    . LEU A 1 161 ? -7.78742  3.45988   -12.12725 1.000 31.63871 ? 137 LEU A C    1 
ATOM   1012 O O    . LEU A 1 161 ? -6.92339  3.12091   -12.94242 1.000 33.78823 ? 137 LEU A O    1 
ATOM   1013 C CB   . LEU A 1 161 ? -7.36527  5.43526   -10.64518 1.000 37.08560 ? 137 LEU A CB   1 
ATOM   1014 C CG   . LEU A 1 161 ? -5.84243  5.20928   -10.64836 1.000 30.53797 ? 137 LEU A CG   1 
ATOM   1015 C CD1  . LEU A 1 161 ? -5.13612  6.30689   -9.86341  1.000 36.11268 ? 137 LEU A CD1  1 
ATOM   1016 C CD2  . LEU A 1 161 ? -5.48338  3.84491   -10.08113 1.000 31.35736 ? 137 LEU A CD2  1 
ATOM   1017 N N    . PHE A 1 162 ? -8.49636  2.56621   -11.43770 1.000 31.59799 ? 138 PHE A N    1 
ATOM   1018 C CA   . PHE A 1 162 ? -8.17397  1.15399   -11.57587 1.000 34.43948 ? 138 PHE A CA   1 
ATOM   1019 C C    . PHE A 1 162 ? -8.78721  0.56150   -12.83591 1.000 38.89092 ? 138 PHE A C    1 
ATOM   1020 O O    . PHE A 1 162 ? -8.22370  -0.37977  -13.40511 1.000 37.51451 ? 138 PHE A O    1 
ATOM   1021 C CB   . PHE A 1 162 ? -8.58761  0.41936   -10.29508 1.000 34.11550 ? 138 PHE A CB   1 
ATOM   1022 C CG   . PHE A 1 162 ? -7.69680  0.76458   -9.12860  1.000 32.29868 ? 138 PHE A CG   1 
ATOM   1023 C CD1  . PHE A 1 162 ? -6.34430  0.42128   -9.16785  1.000 29.45402 ? 138 PHE A CD1  1 
ATOM   1024 C CD2  . PHE A 1 162 ? -8.17296  1.48339   -8.04492  1.000 26.39047 ? 138 PHE A CD2  1 
ATOM   1025 C CE1  . PHE A 1 162 ? -5.48085  0.76343   -8.12891  1.000 28.57233 ? 138 PHE A CE1  1 
ATOM   1026 C CE2  . PHE A 1 162 ? -7.33113  1.83363   -6.98969  1.000 25.65434 ? 138 PHE A CE2  1 
ATOM   1027 C CZ   . PHE A 1 162 ? -5.95697  1.46622   -7.03993  1.000 26.33247 ? 138 PHE A CZ   1 
ATOM   1028 N N    . GLN A 1 163 ? -9.90840  1.11819   -13.31198 1.000 38.16946 ? 139 GLN A N    1 
ATOM   1029 C CA   . GLN A 1 163 ? -10.35726 0.80008   -14.66593 1.000 33.51996 ? 139 GLN A CA   1 
ATOM   1030 C C    . GLN A 1 163 ? -9.28851  1.16123   -15.69724 1.000 41.63228 ? 139 GLN A C    1 
ATOM   1031 O O    . GLN A 1 163 ? -9.01109  0.38064   -16.61601 1.000 44.97969 ? 139 GLN A O    1 
ATOM   1032 C CB   . GLN A 1 163 ? -11.68119 1.52355   -14.96204 1.000 40.07219 ? 139 GLN A CB   1 
ATOM   1033 C CG   . GLN A 1 163 ? -12.78236 1.13747   -13.98404 1.000 43.39632 ? 139 GLN A CG   1 
ATOM   1034 C CD   . GLN A 1 163 ? -14.09726 1.91470   -14.16611 1.000 55.06748 ? 139 GLN A CD   1 
ATOM   1035 O OE1  . GLN A 1 163 ? -14.12337 3.04324   -14.67204 1.000 51.97517 ? 139 GLN A OE1  1 
ATOM   1036 N NE2  . GLN A 1 163 ? -15.19366 1.30624   -13.72976 1.000 57.70258 ? 139 GLN A NE2  1 
ATOM   1037 N N    . ARG A 1 164 ? -8.66163  2.33024   -15.54606 1.000 36.94155 ? 140 ARG A N    1 
ATOM   1038 C CA   . ARG A 1 164 ? -7.69654  2.81099   -16.53434 1.000 41.59662 ? 140 ARG A CA   1 
ATOM   1039 C C    . ARG A 1 164 ? -6.34624  2.10690   -16.42905 1.000 40.09873 ? 140 ARG A C    1 
ATOM   1040 O O    . ARG A 1 164 ? -5.67854  1.89550   -17.45106 1.000 35.08333 ? 140 ARG A O    1 
ATOM   1041 C CB   . ARG A 1 164 ? -7.50368  4.32278   -16.37068 1.000 41.79284 ? 140 ARG A CB   1 
ATOM   1042 C CG   . ARG A 1 164 ? -6.86284  5.01301   -17.56718 1.000 48.25075 ? 140 ARG A CG   1 
ATOM   1043 C CD   . ARG A 1 164 ? -7.88960  5.23796   -18.67173 1.000 59.07763 ? 140 ARG A CD   1 
ATOM   1044 N NE   . ARG A 1 164 ? -9.09855  5.86939   -18.15152 1.000 53.25268 ? 140 ARG A NE   1 
ATOM   1045 C CZ   . ARG A 1 164 ? -9.28149  7.18595   -18.07752 1.000 60.55434 ? 140 ARG A CZ   1 
ATOM   1046 N NH1  . ARG A 1 164 ? -8.32670  8.01188   -18.49454 1.000 56.39587 ? 140 ARG A NH1  1 
ATOM   1047 N NH2  . ARG A 1 164 ? -10.41491 7.68000   -17.58844 1.000 50.95679 ? 140 ARG A NH2  1 
ATOM   1048 N N    . SER A 1 165 ? -5.96635  1.70111   -15.21443 1.000 32.75847 ? 141 SER A N    1 
ATOM   1049 C CA   . SER A 1 165 ? -4.60423  1.24705   -14.92776 1.000 33.38349 ? 141 SER A CA   1 
ATOM   1050 C C    . SER A 1 165 ? -4.21001  0.05048   -15.77867 1.000 44.55141 ? 141 SER A C    1 
ATOM   1051 O O    . SER A 1 165 ? -3.08689  -0.01908  -16.29082 1.000 37.69296 ? 141 SER A O    1 
ATOM   1052 C CB   . SER A 1 165 ? -4.49917  0.88159   -13.44577 1.000 32.98799 ? 141 SER A CB   1 
ATOM   1053 O OG   . SER A 1 165 ? -4.28079  2.03410   -12.66043 1.000 42.32171 ? 141 SER A OG   1 
ATOM   1054 N N    . PHE A 1 166 ? -5.10498  -0.92490  -15.91131 1.000 47.64542 ? 142 PHE A N    1 
ATOM   1055 C CA   . PHE A 1 166 ? -4.79369  -2.15789  -16.61898 1.000 42.79614 ? 142 PHE A CA   1 
ATOM   1056 C C    . PHE A 1 166 ? -5.44824  -2.20902  -17.99419 1.000 48.20353 ? 142 PHE A C    1 
ATOM   1057 O O    . PHE A 1 166 ? -5.60600  -3.29341  -18.56885 1.000 49.00723 ? 142 PHE A O    1 
ATOM   1058 C CB   . PHE A 1 166 ? -5.19359  -3.36151  -15.76254 1.000 55.62899 ? 142 PHE A CB   1 
ATOM   1059 C CG   . PHE A 1 166 ? -4.57144  -3.35081  -14.38308 1.000 47.17933 ? 142 PHE A CG   1 
ATOM   1060 C CD1  . PHE A 1 166 ? -3.19133  -3.28275  -14.23158 1.000 52.45751 ? 142 PHE A CD1  1 
ATOM   1061 C CD2  . PHE A 1 166 ? -5.36671  -3.39492  -13.24614 1.000 55.27103 ? 142 PHE A CD2  1 
ATOM   1062 C CE1  . PHE A 1 166 ? -2.61599  -3.26827  -12.97050 1.000 48.87653 ? 142 PHE A CE1  1 
ATOM   1063 C CE2  . PHE A 1 166 ? -4.79586  -3.38362  -11.97900 1.000 50.18513 ? 142 PHE A CE2  1 
ATOM   1064 C CZ   . PHE A 1 166 ? -3.42384  -3.31814  -11.84425 1.000 49.95232 ? 142 PHE A CZ   1 
ATOM   1065 N N    . LYS A 1 167 ? -5.81639  -1.05207  -18.53331 1.000 43.09121 ? 143 LYS A N    1 
ATOM   1066 C CA   . LYS A 1 167 ? -6.34620  -0.98369  -19.88561 1.000 56.12332 ? 143 LYS A CA   1 
ATOM   1067 C C    . LYS A 1 167 ? -5.31929  -1.53236  -20.86963 1.000 56.94472 ? 143 LYS A C    1 
ATOM   1068 O O    . LYS A 1 167 ? -4.12448  -1.22286  -20.78658 1.000 50.03529 ? 143 LYS A O    1 
ATOM   1069 C CB   . LYS A 1 167 ? -6.71570  0.46440   -20.21911 1.000 50.75000 ? 143 LYS A CB   1 
ATOM   1070 C CG   . LYS A 1 167 ? -6.93354  0.75824   -21.70069 1.000 65.51011 ? 143 LYS A CG   1 
ATOM   1071 C CD   . LYS A 1 167 ? -7.00300  2.26210   -21.96013 1.000 61.96414 ? 143 LYS A CD   1 
ATOM   1072 C CE   . LYS A 1 167 ? -7.23735  2.56866   -23.43421 1.000 75.11943 ? 143 LYS A CE   1 
ATOM   1073 N NZ   . LYS A 1 167 ? -5.95788  2.63653   -24.20393 1.000 74.10001 ? 143 LYS A NZ   1 
ATOM   1074 N N    . GLY A 1 168 ? -5.78234  -2.36749  -21.79452 1.000 53.91782 ? 144 GLY A N    1 
ATOM   1075 C CA   . GLY A 1 168 ? -4.88549  -2.99529  -22.73958 1.000 53.44621 ? 144 GLY A CA   1 
ATOM   1076 C C    . GLY A 1 168 ? -4.20054  -4.24431  -22.23795 1.000 52.63250 ? 144 GLY A C    1 
ATOM   1077 O O    . GLY A 1 168 ? -3.37450  -4.81121  -22.96459 1.000 60.66120 ? 144 GLY A O    1 
ATOM   1078 N N    . LEU A 1 169 ? -4.49450  -4.65618  -21.02310 1.000 56.85278 ? 145 LEU A N    1 
ATOM   1079 C CA   . LEU A 1 169 ? -3.85781  -5.87939  -20.51229 1.000 51.57020 ? 145 LEU A CA   1 
ATOM   1080 C C    . LEU A 1 169 ? -4.98066  -6.84141  -20.19071 1.000 46.56548 ? 145 LEU A C    1 
ATOM   1081 O O    . LEU A 1 169 ? -5.97562  -6.38729  -19.68225 1.000 53.85388 ? 145 LEU A O    1 
ATOM   1082 C CB   . LEU A 1 169 ? -3.07775  -5.56975  -19.23843 1.000 52.02516 ? 145 LEU A CB   1 
ATOM   1083 C CG   . LEU A 1 169 ? -1.78677  -4.78404  -19.40516 1.000 49.94375 ? 145 LEU A CG   1 
ATOM   1084 C CD1  . LEU A 1 169 ? -1.23389  -4.37584  -18.05649 1.000 47.82224 ? 145 LEU A CD1  1 
ATOM   1085 C CD2  . LEU A 1 169 ? -0.76372  -5.58906  -20.14933 1.000 46.29875 ? 145 LEU A CD2  1 
ATOM   1086 N N    . THR A 1 170 ? -4.78625  -8.11972  -20.49378 1.000 55.37233 ? 146 THR A N    1 
ATOM   1087 C CA   . THR A 1 170 ? -5.81177  -9.11928  -20.15315 1.000 56.95913 ? 146 THR A CA   1 
ATOM   1088 C C    . THR A 1 170 ? -5.61612  -9.55677  -18.71024 1.000 56.72465 ? 146 THR A C    1 
ATOM   1089 O O    . THR A 1 170 ? -4.55786  -9.34837  -18.17869 1.000 52.35296 ? 146 THR A O    1 
ATOM   1090 C CB   . THR A 1 170 ? -5.69406  -10.37726 -21.01396 1.000 61.84521 ? 146 THR A CB   1 
ATOM   1091 O OG1  . THR A 1 170 ? -4.61415  -11.15857 -20.52996 1.000 60.00916 ? 146 THR A OG1  1 
ATOM   1092 C CG2  . THR A 1 170 ? -5.50909  -10.12062 -22.48847 1.000 52.19481 ? 146 THR A CG2  1 
ATOM   1093 N N    . GLU A 1 171 ? -6.56715  -10.30988 -18.18661 1.000 55.27285 ? 147 GLU A N    1 
ATOM   1094 C CA   . GLU A 1 171 ? -6.52936  -10.81673 -16.79730 1.000 58.66159 ? 147 GLU A CA   1 
ATOM   1095 C C    . GLU A 1 171 ? -5.31816  -11.73416 -16.63937 1.000 59.01824 ? 147 GLU A C    1 
ATOM   1096 O O    . GLU A 1 171 ? -4.73186  -11.72121 -15.57468 1.000 55.17256 ? 147 GLU A O    1 
ATOM   1097 C CB   . GLU A 1 171 ? -7.86843  -11.47186 -16.47058 1.000 61.10638 ? 147 GLU A CB   1 
ATOM   1098 C CG   . GLU A 1 171 ? -8.14815  -11.67913 -14.99940 1.000 76.01800 ? 147 GLU A CG   1 
ATOM   1099 C CD   . GLU A 1 171 ? -9.32490  -12.60898 -14.73055 1.000 94.65922 ? 147 GLU A CD   1 
ATOM   1100 O OE1  . GLU A 1 171 ? -9.19504  -13.53584 -13.89177 1.000 91.18596 ? 147 GLU A OE1  1 
ATOM   1101 O OE2  . GLU A 1 171 ? -10.37563 -12.41396 -15.36973 1.000 98.48421 ? 147 GLU A OE2  1 
ATOM   1102 N N    . ALA A 1 172 ? -4.98528  -12.52151 -17.65612 1.000 56.42853 ? 148 ALA A N    1 
ATOM   1103 C CA   . ALA A 1 172 ? -3.78594  -13.37154 -17.58362 1.000 57.53612 ? 148 ALA A CA   1 
ATOM   1104 C C    . ALA A 1 172 ? -2.53463  -12.48994 -17.55878 1.000 54.36223 ? 148 ALA A C    1 
ATOM   1105 O O    . ALA A 1 172 ? -1.64599  -12.79482 -16.80301 1.000 52.56097 ? 148 ALA A O    1 
ATOM   1106 C CB   . ALA A 1 172 ? -3.76383  -14.32229 -18.73801 1.000 57.81230 ? 148 ALA A CB   1 
ATOM   1107 N N    . GLN A 1 173 ? -2.47700  -11.45246 -18.38318 1.000 52.90881 ? 149 GLN A N    1 
ATOM   1108 C CA   . GLN A 1 173 ? -1.31116  -10.57310 -18.39133 1.000 49.92216 ? 149 GLN A CA   1 
ATOM   1109 C C    . GLN A 1 173 ? -1.15001  -9.87350  -17.05080 1.000 44.36205 ? 149 GLN A C    1 
ATOM   1110 O O    . GLN A 1 173 ? -0.02778  -9.68229  -16.57002 1.000 45.89602 ? 149 GLN A O    1 
ATOM   1111 C CB   . GLN A 1 173 ? -1.43106  -9.54104  -19.51177 1.000 49.11258 ? 149 GLN A CB   1 
ATOM   1112 C CG   . GLN A 1 173 ? -1.63264  -10.12348 -20.89329 1.000 58.67671 ? 149 GLN A CG   1 
ATOM   1113 C CD   . GLN A 1 173 ? -1.72205  -9.05160  -21.95796 1.000 53.33864 ? 149 GLN A CD   1 
ATOM   1114 O OE1  . GLN A 1 173 ? -2.78634  -8.47568  -22.18349 1.000 62.58231 ? 149 GLN A OE1  1 
ATOM   1115 N NE2  . GLN A 1 173 ? -0.60572  -8.77709  -22.61874 1.000 59.25150 ? 149 GLN A NE2  1 
ATOM   1116 N N    . VAL A 1 174 ? -2.26322  -9.48182  -16.42841 1.000 46.80272 ? 150 VAL A N    1 
ATOM   1117 C CA   . VAL A 1 174 ? -2.18705  -8.83848  -15.12234 1.000 40.11690 ? 150 VAL A CA   1 
ATOM   1118 C C    . VAL A 1 174 ? -1.65972  -9.81725  -14.08132 1.000 48.61017 ? 150 VAL A C    1 
ATOM   1119 O O    . VAL A 1 174 ? -0.80319  -9.46950  -13.25290 1.000 41.37927 ? 150 VAL A O    1 
ATOM   1120 C CB   . VAL A 1 174 ? -3.56277  -8.26401  -14.73637 1.000 41.23774 ? 150 VAL A CB   1 
ATOM   1121 C CG1  . VAL A 1 174 ? -3.58334  -7.85792  -13.26855 1.000 39.13824 ? 150 VAL A CG1  1 
ATOM   1122 C CG2  . VAL A 1 174 ? -3.88465  -7.08462  -15.61684 1.000 37.19530 ? 150 VAL A CG2  1 
ATOM   1123 N N    . GLN A 1 175 ? -2.14783  -11.05944 -14.11268 1.000 43.54526 ? 151 GLN A N    1 
ATOM   1124 C CA   . GLN A 1 175 ? -1.64868  -12.06856 -13.18478 1.000 43.23230 ? 151 GLN A CA   1 
ATOM   1125 C C    . GLN A 1 175 ? -0.17126  -12.35116 -13.41830 1.000 45.20126 ? 151 GLN A C    1 
ATOM   1126 O O    . GLN A 1 175 ? 0.57824   -12.60059 -12.46542 1.000 46.64715 ? 151 GLN A O    1 
ATOM   1127 C CB   . GLN A 1 175 ? -2.46038  -13.35408 -13.32142 1.000 46.05602 ? 151 GLN A CB   1 
ATOM   1128 C CG   . GLN A 1 175 ? -3.88721  -13.22324 -12.84430 1.000 53.50650 ? 151 GLN A CG   1 
ATOM   1129 C CD   . GLN A 1 175 ? -4.76396  -14.36849 -13.31526 1.000 65.88076 ? 151 GLN A CD   1 
ATOM   1130 O OE1  . GLN A 1 175 ? -4.27288  -15.44365 -13.66240 1.000 75.22425 ? 151 GLN A OE1  1 
ATOM   1131 N NE2  . GLN A 1 175 ? -6.06979  -14.13726 -13.34180 1.000 69.13031 ? 151 GLN A NE2  1 
ATOM   1132 N N    . ARG A 1 176 ? 0.26875   -12.32042 -14.67831 1.000 42.04607 ? 152 ARG A N    1 
ATOM   1133 C CA   . ARG A 1 176 ? 1.68404   -12.56224 -14.95888 1.000 53.53094 ? 152 ARG A CA   1 
ATOM   1134 C C    . ARG A 1 176 ? 2.54644   -11.40358 -14.46163 1.000 44.91543 ? 152 ARG A C    1 
ATOM   1135 O O    . ARG A 1 176 ? 3.65386   -11.61278 -13.94209 1.000 41.53318 ? 152 ARG A O    1 
ATOM   1136 C CB   . ARG A 1 176 ? 1.89183   -12.80285 -16.45977 1.000 50.85295 ? 152 ARG A CB   1 
ATOM   1137 C CG   . ARG A 1 176 ? 2.72862   -14.03659 -16.77622 1.000 62.57077 ? 152 ARG A CG   1 
ATOM   1138 C CD   . ARG A 1 176 ? 2.90409   -14.26660 -18.27799 1.000 67.91728 ? 152 ARG A CD   1 
ATOM   1139 N NE   . ARG A 1 176 ? 1.70247   -14.80395 -18.91118 1.000 70.64422 ? 152 ARG A NE   1 
ATOM   1140 C CZ   . ARG A 1 176 ? 0.99806   -14.16937 -19.84267 1.000 74.39826 ? 152 ARG A CZ   1 
ATOM   1141 N NH1  . ARG A 1 176 ? 1.37855   -12.96843 -20.25796 1.000 76.97144 ? 152 ARG A NH1  1 
ATOM   1142 N NH2  . ARG A 1 176 ? -0.08366  -14.73666 -20.36379 1.000 68.95445 ? 152 ARG A NH2  1 
ATOM   1143 N N    . LEU A 1 177 ? 2.05637   -10.17455 -14.61655 1.000 43.64203 ? 153 LEU A N    1 
ATOM   1144 C CA   . LEU A 1 177 ? 2.74433   -9.02530  -14.03826 1.000 41.16948 ? 153 LEU A CA   1 
ATOM   1145 C C    . LEU A 1 177 ? 2.88060   -9.18871  -12.52955 1.000 43.71743 ? 153 LEU A C    1 
ATOM   1146 O O    . LEU A 1 177 ? 3.96050   -8.98569  -11.95243 1.000 34.73367 ? 153 LEU A O    1 
ATOM   1147 C CB   . LEU A 1 177 ? 1.97908   -7.74726  -14.37333 1.000 44.87161 ? 153 LEU A CB   1 
ATOM   1148 C CG   . LEU A 1 177 ? 2.50535   -6.46967  -13.71943 1.000 42.98604 ? 153 LEU A CG   1 
ATOM   1149 C CD1  . LEU A 1 177 ? 4.00783   -6.24349  -14.06513 1.000 34.92006 ? 153 LEU A CD1  1 
ATOM   1150 C CD2  . LEU A 1 177 ? 1.64647   -5.29196  -14.12961 1.000 33.85128 ? 153 LEU A CD2  1 
ATOM   1151 N N    . ASN A 1 178 ? 1.78429   -9.57207  -11.87883 1.000 41.73811 ? 154 ASN A N    1 
ATOM   1152 C CA   . ASN A 1 178 ? 1.80883   -9.77281  -10.43706 1.000 41.92229 ? 154 ASN A CA   1 
ATOM   1153 C C    . ASN A 1 178 ? 2.82966   -10.83364 -10.04200 1.000 43.46942 ? 154 ASN A C    1 
ATOM   1154 O O    . ASN A 1 178 ? 3.63849   -10.62773 -9.12196  1.000 42.91889 ? 154 ASN A O    1 
ATOM   1155 C CB   . ASN A 1 178 ? 0.41039   -10.14766 -9.94932  1.000 44.07170 ? 154 ASN A CB   1 
ATOM   1156 C CG   . ASN A 1 178 ? 0.20075   -9.79407  -8.50711  1.000 45.15393 ? 154 ASN A CG   1 
ATOM   1157 O OD1  . ASN A 1 178 ? 0.05386   -10.67403 -7.65264  1.000 43.43848 ? 154 ASN A OD1  1 
ATOM   1158 N ND2  . ASN A 1 178 ? 0.20384   -8.50165  -8.21400  1.000 39.09463 ? 154 ASN A ND2  1 
ATOM   1159 N N    . ARG A 1 179 ? 2.81571   -11.97926 -10.73345 1.000 42.83921 ? 155 ARG A N    1 
ATOM   1160 C CA   . ARG A 1 179 ? 3.73618   -13.06356 -10.38616 1.000 39.72085 ? 155 ARG A CA   1 
ATOM   1161 C C    . ARG A 1 179 ? 5.18815   -12.63786 -10.56794 1.000 37.57970 ? 155 ARG A C    1 
ATOM   1162 O O    . ARG A 1 179 ? 6.04512   -12.95473 -9.73316  1.000 36.09653 ? 155 ARG A O    1 
ATOM   1163 C CB   . ARG A 1 179 ? 3.44007   -14.31149 -11.22646 1.000 43.83892 ? 155 ARG A CB   1 
ATOM   1164 C CG   . ARG A 1 179 ? 2.28857   -15.16917 -10.69822 1.000 58.55301 ? 155 ARG A CG   1 
ATOM   1165 C CD   . ARG A 1 179 ? 2.31804   -16.58554 -11.27061 1.000 67.73647 ? 155 ARG A CD   1 
ATOM   1166 N NE   . ARG A 1 179 ? 1.93146   -16.63347 -12.68012 1.000 68.04014 ? 155 ARG A NE   1 
ATOM   1167 C CZ   . ARG A 1 179 ? 0.70933   -16.35621 -13.12935 1.000 72.23287 ? 155 ARG A CZ   1 
ATOM   1168 N NH1  . ARG A 1 179 ? -0.24947  -16.00149 -12.27957 1.000 67.17850 ? 155 ARG A NH1  1 
ATOM   1169 N NH2  . ARG A 1 179 ? 0.44474   -16.42774 -14.42950 1.000 66.76088 ? 155 ARG A NH2  1 
ATOM   1170 N N    . MET A 1 180 ? 5.48497   -11.92355 -11.65545 1.000 36.46590 ? 156 MET A N    1 
ATOM   1171 C CA   . MET A 1 180 ? 6.86262   -11.52122 -11.91566 1.000 39.00042 ? 156 MET A CA   1 
ATOM   1172 C C    . MET A 1 180 ? 7.35329   -10.51275 -10.87964 1.000 36.08845 ? 156 MET A C    1 
ATOM   1173 O O    . MET A 1 180 ? 8.50763   -10.58602 -10.41808 1.000 36.31481 ? 156 MET A O    1 
ATOM   1174 C CB   . MET A 1 180 ? 6.97068   -10.97181 -13.33842 1.000 38.92790 ? 156 MET A CB   1 
ATOM   1175 C CG   . MET A 1 180 ? 6.94742   -12.07201 -14.40843 1.000 40.36066 ? 156 MET A CG   1 
ATOM   1176 S SD   . MET A 1 180 ? 7.43035   -11.51721 -16.05501 1.000 51.65741 ? 156 MET A SD   1 
ATOM   1177 C CE   . MET A 1 180 ? 6.10283   -10.37248 -16.41286 1.000 37.96733 ? 156 MET A CE   1 
ATOM   1178 N N    . LEU A 1 181 ? 6.48566   -9.57790  -10.48043 1.000 36.10714 ? 157 LEU A N    1 
ATOM   1179 C CA   . LEU A 1 181 ? 6.85063   -8.63769  -9.42241  1.000 33.60674 ? 157 LEU A CA   1 
ATOM   1180 C C    . LEU A 1 181 ? 7.12822   -9.36819  -8.11152  1.000 39.22896 ? 157 LEU A C    1 
ATOM   1181 O O    . LEU A 1 181 ? 8.11271   -9.06390  -7.41186  1.000 34.38347 ? 157 LEU A O    1 
ATOM   1182 C CB   . LEU A 1 181 ? 5.73861   -7.59420  -9.25548  1.000 28.05116 ? 157 LEU A CB   1 
ATOM   1183 C CG   . LEU A 1 181 ? 5.65631   -6.56503  -10.38837 1.000 27.96521 ? 157 LEU A CG   1 
ATOM   1184 C CD1  . LEU A 1 181 ? 4.37576   -5.70102  -10.30223 1.000 32.66249 ? 157 LEU A CD1  1 
ATOM   1185 C CD2  . LEU A 1 181 ? 6.89872   -5.68724  -10.37345 1.000 32.86901 ? 157 LEU A CD2  1 
ATOM   1186 N N    . GLU A 1 182 ? 6.29056   -10.35490 -7.76687  1.000 36.39586 ? 158 GLU A N    1 
ATOM   1187 C CA   . GLU A 1 182 ? 6.55528   -11.11948 -6.54750  1.000 36.40342 ? 158 GLU A CA   1 
ATOM   1188 C C    . GLU A 1 182 ? 7.88178   -11.87054 -6.63757  1.000 38.23690 ? 158 GLU A C    1 
ATOM   1189 O O    . GLU A 1 182 ? 8.60700   -11.98997 -5.63861  1.000 40.53341 ? 158 GLU A O    1 
ATOM   1190 C CB   . GLU A 1 182 ? 5.40826   -12.09273 -6.24511  1.000 39.39870 ? 158 GLU A CB   1 
ATOM   1191 C CG   . GLU A 1 182 ? 5.75561   -13.00537 -5.07125  1.000 43.67918 ? 158 GLU A CG   1 
ATOM   1192 C CD   . GLU A 1 182 ? 4.57116   -13.70583 -4.42862  1.000 49.20365 ? 158 GLU A CD   1 
ATOM   1193 O OE1  . GLU A 1 182 ? 3.47794   -13.73359 -5.03205  1.000 47.20114 ? 158 GLU A OE1  1 
ATOM   1194 O OE2  . GLU A 1 182 ? 4.74966   -14.24687 -3.30810  1.000 48.87069 ? 158 GLU A OE2  1 
ATOM   1195 N N    . VAL A 1 183 ? 8.21870   -12.38374 -7.82856  1.000 39.36678 ? 159 VAL A N    1 
ATOM   1196 C CA   . VAL A 1 183 ? 9.49774   -13.07198 -8.00908  1.000 39.59644 ? 159 VAL A CA   1 
ATOM   1197 C C    . VAL A 1 183 ? 10.66218  -12.11972 -7.73016  1.000 35.86318 ? 159 VAL A C    1 
ATOM   1198 O O    . VAL A 1 183 ? 11.60455  -12.46602 -7.01232  1.000 35.66247 ? 159 VAL A O    1 
ATOM   1199 C CB   . VAL A 1 183 ? 9.58445   -13.68401 -9.42328  1.000 38.33174 ? 159 VAL A CB   1 
ATOM   1200 C CG1  . VAL A 1 183 ? 11.02272  -14.00415 -9.79603  1.000 38.81116 ? 159 VAL A CG1  1 
ATOM   1201 C CG2  . VAL A 1 183 ? 8.71724   -14.94397 -9.51994  1.000 43.42477 ? 159 VAL A CG2  1 
ATOM   1202 N N    . VAL A 1 184 ? 10.61049  -10.90504 -8.29624  1.000 35.27238 ? 160 VAL A N    1 
ATOM   1203 C CA   . VAL A 1 184 ? 11.67778  -9.91569  -8.07428  1.000 28.89623 ? 160 VAL A CA   1 
ATOM   1204 C C    . VAL A 1 184 ? 11.80399  -9.57128  -6.59102  1.000 33.35478 ? 160 VAL A C    1 
ATOM   1205 O O    . VAL A 1 184 ? 12.91677  -9.45240  -6.04254  1.000 33.56929 ? 160 VAL A O    1 
ATOM   1206 C CB   . VAL A 1 184 ? 11.42161  -8.64965  -8.91709  1.000 33.32636 ? 160 VAL A CB   1 
ATOM   1207 C CG1  . VAL A 1 184 ? 12.42830  -7.53659  -8.53581  1.000 26.36003 ? 160 VAL A CG1  1 
ATOM   1208 C CG2  . VAL A 1 184 ? 11.48119  -8.97126  -10.41524 1.000 31.61457 ? 160 VAL A CG2  1 
ATOM   1209 N N    . PHE A 1 185 ? 10.65804  -9.39377  -5.94657  1.000 34.21210 ? 161 PHE A N    1 
ATOM   1210 C CA   . PHE A 1 185 ? 10.63002  -9.07993  -4.50439  1.000 30.06515 ? 161 PHE A CA   1 
ATOM   1211 C C    . PHE A 1 185 ? 11.36093  -10.17840 -3.74524  1.000 32.40313 ? 161 PHE A C    1 
ATOM   1212 O O    . PHE A 1 185 ? 12.22791  -9.87614  -3.00150  1.000 35.89320 ? 161 PHE A O    1 
ATOM   1213 C CB   . PHE A 1 185 ? 9.20767   -8.93503  -3.96489  1.000 29.24851 ? 161 PHE A CB   1 
ATOM   1214 C CG   . PHE A 1 185 ? 9.17649   -8.74183  -2.47113  1.000 33.24637 ? 161 PHE A CG   1 
ATOM   1215 C CD1  . PHE A 1 185 ? 8.85225   -9.77711  -1.62460  1.000 36.36690 ? 161 PHE A CD1  1 
ATOM   1216 C CD2  . PHE A 1 185 ? 9.54700   -7.54408  -1.90417  1.000 30.44816 ? 161 PHE A CD2  1 
ATOM   1217 C CE1  . PHE A 1 185 ? 8.86559   -9.61776  -0.25135  1.000 34.14119 ? 161 PHE A CE1  1 
ATOM   1218 C CE2  . PHE A 1 185 ? 9.56475   -7.38829  -0.53514  1.000 32.19097 ? 161 PHE A CE2  1 
ATOM   1219 C CZ   . PHE A 1 185 ? 9.23013   -8.42440  0.28956   1.000 28.73350 ? 161 PHE A CZ   1 
ATOM   1220 N N    . HIS A 1 186 ? 11.00127  -11.43482 -3.98801  1.000 33.84285 ? 162 HIS A N    1 
ATOM   1221 C CA   . HIS A 1 186 ? 11.64546  -12.57350 -3.29133  1.000 37.69092 ? 162 HIS A CA   1 
ATOM   1222 C C    . HIS A 1 186 ? 13.14001  -12.61876 -3.61926  1.000 36.73593 ? 162 HIS A C    1 
ATOM   1223 O O    . HIS A 1 186 ? 13.89686  -12.89006 -2.73798  1.000 40.35060 ? 162 HIS A O    1 
ATOM   1224 C CB   . HIS A 1 186 ? 10.88419  -13.86878 -3.55982  1.000 34.92165 ? 162 HIS A CB   1 
ATOM   1225 C CG   . HIS A 1 186 ? 9.52255   -13.87900 -2.96842  1.000 45.38088 ? 162 HIS A CG   1 
ATOM   1226 N ND1  . HIS A 1 186 ? 9.29688   -13.63887 -1.64976  1.000 42.99645 ? 162 HIS A ND1  1 
ATOM   1227 C CD2  . HIS A 1 186 ? 8.31713   -14.08544 -3.51392  1.000 46.31555 ? 162 HIS A CD2  1 
ATOM   1228 C CE1  . HIS A 1 186 ? 8.01926   -13.68249 -1.40326  1.000 47.26345 ? 162 HIS A CE1  1 
ATOM   1229 N NE2  . HIS A 1 186 ? 7.40229   -13.96387 -2.52290  1.000 52.96333 ? 162 HIS A NE2  1 
ATOM   1230 N N    . ASN A 1 187 ? 13.51214  -12.32957 -4.85309  1.000 34.86958 ? 163 ASN A N    1 
ATOM   1231 C CA   . ASN A 1 187 ? 14.93487  -12.28466 -5.25204  1.000 36.30712 ? 163 ASN A CA   1 
ATOM   1232 C C    . ASN A 1 187 ? 15.67491  -11.24497 -4.40090  1.000 41.24579 ? 163 ASN A C    1 
ATOM   1233 O O    . ASN A 1 187 ? 16.73791  -11.54625 -3.91747  1.000 39.63305 ? 163 ASN A O    1 
ATOM   1234 C CB   . ASN A 1 187 ? 15.08234  -11.98159 -6.73899  1.000 36.60008 ? 163 ASN A CB   1 
ATOM   1235 C CG   . ASN A 1 187 ? 14.74279  -13.15196 -7.62980  1.000 40.10749 ? 163 ASN A CG   1 
ATOM   1236 O OD1  . ASN A 1 187 ? 14.64832  -14.26223 -7.16550  1.000 42.62002 ? 163 ASN A OD1  1 
ATOM   1237 N ND2  . ASN A 1 187 ? 14.55792  -12.90928 -8.90189  1.000 33.66710 ? 163 ASN A ND2  1 
ATOM   1238 N N    . LEU A 1 188 ? 15.09397  -10.06983 -4.20595  1.000 29.67970 ? 164 LEU A N    1 
ATOM   1239 C CA   . LEU A 1 188 ? 15.74153  -8.98225  -3.43383  1.000 40.84004 ? 164 LEU A CA   1 
ATOM   1240 C C    . LEU A 1 188 ? 15.82482  -9.31433  -1.94431  1.000 41.54004 ? 164 LEU A C    1 
ATOM   1241 O O    . LEU A 1 188 ? 16.70201  -8.79932  -1.31966  1.000 52.65004 ? 164 LEU A O    1 
ATOM   1242 C CB   . LEU A 1 188 ? 14.98155  -7.67317  -3.63790  1.000 46.44004 ? 164 LEU A CB   1 
ATOM   1243 C CG   . LEU A 1 188 ? 15.00556  -7.13483  -5.05927  1.000 38.31157 ? 164 LEU A CG   1 
ATOM   1244 C CD1  . LEU A 1 188 ? 13.89249  -6.15702  -5.30421  1.000 33.50004 ? 164 LEU A CD1  1 
ATOM   1245 C CD2  . LEU A 1 188 ? 16.33423  -6.51415  -5.36987  1.000 38.50004 ? 164 LEU A CD2  1 
ATOM   1246 N N    . GLU A 1 189 ? 14.97864  -10.20339 -1.42866  1.000 39.48994 ? 165 GLU A N    1 
ATOM   1247 C CA   . GLU A 1 189 ? 14.96066  -10.64134 -0.00285  1.000 46.48930 ? 165 GLU A CA   1 
ATOM   1248 C C    . GLU A 1 189 ? 16.15231  -11.55584 0.31184   1.000 49.61508 ? 165 GLU A C    1 
ATOM   1249 O O    . GLU A 1 189 ? 16.40346  -11.76584 1.47079   1.000 47.33449 ? 165 GLU A O    1 
ATOM   1250 C CB   . GLU A 1 189 ? 13.68537  -11.41838 0.32071   1.000 46.29665 ? 165 GLU A CB   1 
ATOM   1251 C CG   . GLU A 1 189 ? 12.48213  -10.58683 0.73234   1.000 52.19406 ? 165 GLU A CG   1 
ATOM   1252 C CD   . GLU A 1 189 ? 11.32142  -11.47245 1.19003   1.000 55.13395 ? 165 GLU A CD   1 
ATOM   1253 O OE1  . GLU A 1 189 ? 11.05846  -12.47100 0.55497   1.000 50.54399 ? 165 GLU A OE1  1 
ATOM   1254 O OE2  . GLU A 1 189 ? 10.70892  -11.16546 2.17743   1.000 51.92555 ? 165 GLU A OE2  1 
ATOM   1255 N N    . THR A 1 190 ? 16.82809  -12.08195 -0.70546  1.000 45.29011 ? 166 THR A N    1 
ATOM   1256 C CA   . THR A 1 190 ? 18.04478  -12.90437 -0.57685  1.000 44.19942 ? 166 THR A CA   1 
ATOM   1257 C C    . THR A 1 190 ? 19.28827  -12.02347 -0.44873  1.000 50.41102 ? 166 THR A C    1 
ATOM   1258 O O    . THR A 1 190 ? 20.34227  -12.56653 -0.33306  1.000 51.20946 ? 166 THR A O    1 
ATOM   1259 C CB   . THR A 1 190 ? 18.17061  -13.86646 -1.75377  1.000 49.20384 ? 166 THR A CB   1 
ATOM   1260 O OG1  . THR A 1 190 ? 18.53771  -13.10772 -2.89558  1.000 47.79325 ? 166 THR A OG1  1 
ATOM   1261 C CG2  . THR A 1 190 ? 16.91480  -14.66913 -2.00737  1.000 39.93959 ? 166 THR A CG2  1 
ATOM   1262 N N    . LEU A 1 191 ? 19.16201  -10.70676 -0.49178  1.000 47.57171 ? 167 LEU A N    1 
ATOM   1263 C CA   . LEU A 1 191 ? 20.33248  -9.82408  -0.29319  1.000 55.86880 ? 167 LEU A CA   1 
ATOM   1264 C C    . LEU A 1 191 ? 20.28195  -9.25087  1.12443   1.000 58.14853 ? 167 LEU A C    1 
ATOM   1265 O O    . LEU A 1 191 ? 19.21043  -9.06549  1.65634   1.000 58.88351 ? 167 LEU A O    1 
ATOM   1266 C CB   . LEU A 1 191 ? 20.28879  -8.67947  -1.30258  1.000 48.05034 ? 167 LEU A CB   1 
ATOM   1267 C CG   . LEU A 1 191 ? 20.53488  -9.05363  -2.75749  1.000 52.78983 ? 167 LEU A CG   1 
ATOM   1268 C CD1  . LEU A 1 191 ? 20.05100  -7.94765  -3.66208  1.000 46.60927 ? 167 LEU A CD1  1 
ATOM   1269 C CD2  . LEU A 1 191 ? 21.99911  -9.31352  -3.00485  1.000 44.75327 ? 167 LEU A CD2  1 
ATOM   1270 O OXT  . LEU A 1 191 ? 21.34413  -8.97539  1.65010   1.000 52.05998 ? 167 LEU A OXT  1 
HETATM 1271 C C    . IAC B 2 .   ? -0.44143  -2.10575  0.47005   1.000 29.75241 ? 201 IAC A C    1 
HETATM 1272 C C1   . IAC B 2 .   ? -0.98134  -1.72271  -0.73992  1.000 28.77542 ? 201 IAC A C1   1 
HETATM 1273 C C2   . IAC B 2 .   ? -2.34305  -1.96709  -1.01609  1.000 28.39984 ? 201 IAC A C2   1 
HETATM 1274 C C3   . IAC B 2 .   ? -3.14532  -2.61520  -0.07654  1.000 28.09068 ? 201 IAC A C3   1 
HETATM 1275 C C4   . IAC B 2 .   ? -2.60384  -3.00720  1.14837   1.000 29.89203 ? 201 IAC A C4   1 
HETATM 1276 C C5   . IAC B 2 .   ? -1.25767  -2.76402  1.41635   1.000 27.96106 ? 201 IAC A C5   1 
HETATM 1277 C C7   . IAC B 2 .   ? 0.05828   -1.10584  -1.46172  1.000 27.41266 ? 201 IAC A C7   1 
HETATM 1278 C C8   . IAC B 2 .   ? 1.19723   -1.15784  -0.65652  1.000 24.47006 ? 201 IAC A C8   1 
HETATM 1279 C C17  . IAC B 2 .   ? -0.05079  -0.51530  -2.86280  1.000 26.41807 ? 201 IAC A C17  1 
HETATM 1280 C C18  . IAC B 2 .   ? -0.91798  0.73304   -2.87155  1.000 29.24669 ? 201 IAC A C18  1 
HETATM 1281 N N    . IAC B 2 .   ? 0.87217   -1.76166  0.47923   1.000 25.52610 ? 201 IAC A N    1 
HETATM 1282 O O2   . IAC B 2 .   ? -2.03955  0.65968   -3.42721  1.000 25.79243 ? 201 IAC A O2   1 
HETATM 1283 O O3   . IAC B 2 .   ? -0.51063  1.80199   -2.32852  1.000 26.99432 ? 201 IAC A O3   1 
HETATM 1284 H H2   . IAC B 2 .   ? -2.70740  -1.69480  -1.82635  1.000 34.07980 ? 201 IAC A H2   1 
HETATM 1285 H H3   . IAC B 2 .   ? -4.03833  -2.78706  -0.26699  1.000 33.70881 ? 201 IAC A H3   1 
HETATM 1286 H H4   . IAC B 2 .   ? -3.13764  -3.42734  1.78212   1.000 35.87044 ? 201 IAC A H4   1 
HETATM 1287 H H5   . IAC B 2 .   ? -0.89264  -3.03754  2.22647   1.000 33.55327 ? 201 IAC A H5   1 
HETATM 1288 H H8   . IAC B 2 .   ? 2.03673   -0.82724  -0.87753  1.000 29.36407 ? 201 IAC A H8   1 
HETATM 1289 H H171 . IAC B 2 .   ? -0.42660  -1.15493  -3.43845  1.000 31.70168 ? 201 IAC A H171 1 
HETATM 1290 H H172 . IAC B 2 .   ? 0.80811   -0.29473  -3.17189  1.000 31.70168 ? 201 IAC A H172 1 
HETATM 1291 H HN   . IAC B 2 .   ? 1.41968   -1.91446  1.13414   1.000 30.63132 ? 201 IAC A HN   1 
HETATM 1292 O O    . HOH C 3 .   ? 26.17040  1.14051   -18.88704 1.000 44.18567 ? 301 HOH A O    1 
HETATM 1293 O O    . HOH C 3 .   ? -7.82324  -1.36809  -15.73474 1.000 52.60395 ? 302 HOH A O    1 
HETATM 1294 O O    . HOH C 3 .   ? -3.79589  12.50614  -0.13666  1.000 37.63866 ? 303 HOH A O    1 
HETATM 1295 O O    . HOH C 3 .   ? 2.30088   -13.58218 -7.11984  1.000 55.15483 ? 304 HOH A O    1 
HETATM 1296 O O    . HOH C 3 .   ? -19.78507 0.98487   4.12228   1.000 33.18274 ? 305 HOH A O    1 
HETATM 1297 O O    . HOH C 3 .   ? 5.94613   -8.04758  12.14201  1.000 45.60986 ? 306 HOH A O    1 
HETATM 1298 O O    . HOH C 3 .   ? 24.76364  -4.97562  -13.36298 1.000 44.87393 ? 307 HOH A O    1 
HETATM 1299 O O    . HOH C 3 .   ? 23.59349  -8.68356  0.45509   1.000 45.70620 ? 308 HOH A O    1 
HETATM 1300 O O    . HOH C 3 .   ? -9.09499  -5.76007  20.69373  1.000 49.19082 ? 309 HOH A O    1 
HETATM 1301 O O    . HOH C 3 .   ? 6.26775   -9.57570  22.02536  1.000 54.96636 ? 310 HOH A O    1 
HETATM 1302 O O    . HOH C 3 .   ? -17.74539 7.84226   7.86974   1.000 47.35361 ? 311 HOH A O    1 
HETATM 1303 O O    . HOH C 3 .   ? -5.73249  -10.61219 13.69918  1.000 47.29380 ? 312 HOH A O    1 
HETATM 1304 O O    . HOH C 3 .   ? -17.04783 -1.77169  1.03842   1.000 47.16335 ? 313 HOH A O    1 
HETATM 1305 O O    . HOH C 3 .   ? -1.01186  14.34509  -6.33078  1.000 40.80199 ? 314 HOH A O    1 
HETATM 1306 O O    . HOH C 3 .   ? 6.03267   3.71648   1.30482   1.000 40.87381 ? 315 HOH A O    1 
HETATM 1307 O O    . HOH C 3 .   ? -7.97608  9.54406   9.41914   1.000 45.60856 ? 316 HOH A O    1 
HETATM 1308 O O    . HOH C 3 .   ? -7.17975  -3.39716  18.54495  1.000 41.06476 ? 317 HOH A O    1 
HETATM 1309 O O    . HOH C 3 .   ? -7.44196  16.37051  -4.75400  1.000 34.38408 ? 318 HOH A O    1 
HETATM 1310 O O    . HOH C 3 .   ? 19.03716  4.10338   -27.57805 1.000 48.46869 ? 319 HOH A O    1 
HETATM 1311 O O    . HOH C 3 .   ? 8.93681   -0.81480  9.28246   1.000 39.70325 ? 320 HOH A O    1 
HETATM 1312 O O    . HOH C 3 .   ? 8.14687   6.05445   6.76364   1.000 34.38488 ? 321 HOH A O    1 
HETATM 1313 O O    . HOH C 3 .   ? -14.71077 -4.14786  3.99019   1.000 43.06796 ? 322 HOH A O    1 
HETATM 1314 O O    . HOH C 3 .   ? 8.32588   -3.16816  4.30812   1.000 42.06448 ? 323 HOH A O    1 
HETATM 1315 O O    . HOH C 3 .   ? -17.81829 -0.76881  -2.56875  1.000 44.94703 ? 324 HOH A O    1 
HETATM 1316 O O    . HOH C 3 .   ? 15.18270  10.46135  -21.86107 1.000 52.18229 ? 325 HOH A O    1 
HETATM 1317 O O    . HOH C 3 .   ? -11.46728 1.11746   -6.62133  1.000 33.47275 ? 326 HOH A O    1 
HETATM 1318 O O    . HOH C 3 .   ? -10.68916 7.02171   -9.93268  1.000 40.39422 ? 327 HOH A O    1 
HETATM 1319 O O    . HOH C 3 .   ? 29.30119  -3.94129  -22.27405 1.000 43.59444 ? 328 HOH A O    1 
HETATM 1320 O O    . HOH C 3 .   ? -11.41420 5.60669   17.55841  1.000 45.12888 ? 329 HOH A O    1 
HETATM 1321 O O    . HOH C 3 .   ? -9.75116  -6.77318  2.02366   1.000 47.95023 ? 330 HOH A O    1 
HETATM 1322 O O    . HOH C 3 .   ? -20.53751 1.06097   -2.71801  1.000 44.21191 ? 331 HOH A O    1 
HETATM 1323 O O    . HOH C 3 .   ? 4.32021   -3.83432  16.80029  1.000 32.25723 ? 332 HOH A O    1 
HETATM 1324 O O    . HOH C 3 .   ? 2.77684   4.14207   3.42250   1.000 40.19466 ? 333 HOH A O    1 
HETATM 1325 O O    . HOH C 3 .   ? -14.76688 9.43438   8.32939   1.000 44.58258 ? 334 HOH A O    1 
HETATM 1326 O O    . HOH C 3 .   ? -16.39627 -1.63335  3.58479   1.000 44.79596 ? 335 HOH A O    1 
HETATM 1327 O O    . HOH C 3 .   ? 5.91510   3.41870   -1.16325  1.000 39.94396 ? 336 HOH A O    1 
HETATM 1328 O O    . HOH C 3 .   ? 5.94364   8.57497   15.88758  1.000 50.30104 ? 337 HOH A O    1 
HETATM 1329 O O    . HOH C 3 .   ? -6.21392  14.13695  3.10360   1.000 43.84180 ? 338 HOH A O    1 
HETATM 1330 O O    . HOH C 3 .   ? -16.78325 -0.28997  15.22039  1.000 41.35256 ? 339 HOH A O    1 
HETATM 1331 O O    . HOH C 3 .   ? 3.74044   -1.49875  19.09530  1.000 43.07401 ? 340 HOH A O    1 
HETATM 1332 O O    . HOH C 3 .   ? 6.81233   12.42339  -17.80783 1.000 47.24380 ? 341 HOH A O    1 
HETATM 1333 O O    . HOH C 3 .   ? 6.66607   9.22912   -12.41981 1.000 32.44021 ? 342 HOH A O    1 
HETATM 1334 O O    . HOH C 3 .   ? -2.00492  20.85599  -2.96038  1.000 46.00086 ? 343 HOH A O    1 
HETATM 1335 O O    . HOH C 3 .   ? -14.07458 6.55241   -9.72597  1.000 36.31504 ? 344 HOH A O    1 
HETATM 1336 O O    . HOH C 3 .   ? 13.39448  -1.59056  -26.81773 1.000 61.23438 ? 345 HOH A O    1 
HETATM 1337 O O    . HOH C 3 .   ? 11.78522  -15.41724 -6.43642  1.000 44.74623 ? 346 HOH A O    1 
HETATM 1338 O O    . HOH C 3 .   ? -7.05851  -13.71337 -19.55108 1.000 58.42143 ? 347 HOH A O    1 
HETATM 1339 O O    . HOH C 3 .   ? 4.83135   10.35332  -6.09438  1.000 46.62762 ? 348 HOH A O    1 
HETATM 1340 O O    . HOH C 3 .   ? 8.71341   10.59620  -19.58043 1.000 56.43818 ? 349 HOH A O    1 
HETATM 1341 O O    . HOH C 3 .   ? 0.99908   -14.43934 -3.25118  1.000 56.84346 ? 350 HOH A O    1 
HETATM 1342 O O    . HOH C 3 .   ? 8.84506   6.53760   -7.16421  1.000 41.76398 ? 351 HOH A O    1 
HETATM 1343 O O    . HOH C 3 .   ? 5.76632   10.91854  -10.72060 1.000 49.57858 ? 352 HOH A O    1 
HETATM 1344 O O    . HOH C 3 .   ? -11.43343 -9.10164  3.96472   1.000 44.73726 ? 353 HOH A O    1 
HETATM 1345 O O    . HOH C 3 .   ? -18.66766 -1.27653  4.24637   1.000 50.06092 ? 354 HOH A O    1 
HETATM 1346 O O    . HOH C 3 .   ? -2.38557  15.82534  -4.37936  1.000 45.00744 ? 355 HOH A O    1 
HETATM 1347 O O    . HOH C 3 .   ? -8.91011  17.87652  -2.67611  1.000 48.31553 ? 356 HOH A O    1 
HETATM 1348 O O    . HOH C 3 .   ? 7.15232   -16.05181 -6.18052  1.000 53.54015 ? 357 HOH A O    1 
HETATM 1349 O O    . HOH C 3 .   ? 9.55769   -16.60212 -5.98449  1.000 50.28044 ? 358 HOH A O    1 
# 
loop_
_pdbx_poly_seq_scheme.asym_id 
_pdbx_poly_seq_scheme.entity_id 
_pdbx_poly_seq_scheme.seq_id 
_pdbx_poly_seq_scheme.mon_id 
_pdbx_poly_seq_scheme.ndb_seq_num 
_pdbx_poly_seq_scheme.pdb_seq_num 
_pdbx_poly_seq_scheme.auth_seq_num 
_pdbx_poly_seq_scheme.pdb_mon_id 
_pdbx_poly_seq_scheme.auth_mon_id 
_pdbx_poly_seq_scheme.pdb_strand_id 
_pdbx_poly_seq_scheme.pdb_ins_code 
_pdbx_poly_seq_scheme.hetero 
A 1 1   MET 1   -23 ?   ?   ?   A . n 
A 1 2   HIS 2   -22 ?   ?   ?   A . n 
A 1 3   HIS 3   -21 ?   ?   ?   A . n 
A 1 4   HIS 4   -20 ?   ?   ?   A . n 
A 1 5   HIS 5   -19 ?   ?   ?   A . n 
A 1 6   HIS 6   -18 ?   ?   ?   A . n 
A 1 7   HIS 7   -17 ?   ?   ?   A . n 
A 1 8   SER 8   -16 ?   ?   ?   A . n 
A 1 9   SER 9   -15 ?   ?   ?   A . n 
A 1 10  GLY 10  -14 ?   ?   ?   A . n 
A 1 11  VAL 11  -13 ?   ?   ?   A . n 
A 1 12  ASP 12  -12 ?   ?   ?   A . n 
A 1 13  LEU 13  -11 ?   ?   ?   A . n 
A 1 14  GLY 14  -10 ?   ?   ?   A . n 
A 1 15  THR 15  -9  ?   ?   ?   A . n 
A 1 16  GLU 16  -8  ?   ?   ?   A . n 
A 1 17  ASN 17  -7  ?   ?   ?   A . n 
A 1 18  LEU 18  -6  ?   ?   ?   A . n 
A 1 19  TYR 19  -5  ?   ?   ?   A . n 
A 1 20  PHE 20  -4  ?   ?   ?   A . n 
A 1 21  GLN 21  -3  ?   ?   ?   A . n 
A 1 22  SER 22  -2  ?   ?   ?   A . n 
A 1 23  ASN 23  -1  ?   ?   ?   A . n 
A 1 24  ALA 24  0   ?   ?   ?   A . n 
A 1 25  MET 25  1   ?   ?   ?   A . n 
A 1 26  SER 26  2   ?   ?   ?   A . n 
A 1 27  ASN 27  3   ?   ?   ?   A . n 
A 1 28  ALA 28  4   ?   ?   ?   A . n 
A 1 29  LYS 29  5   ?   ?   ?   A . n 
A 1 30  ASN 30  6   ?   ?   ?   A . n 
A 1 31  THR 31  7   ?   ?   ?   A . n 
A 1 32  SER 32  8   ?   ?   ?   A . n 
A 1 33  ALA 33  9   ?   ?   ?   A . n 
A 1 34  ALA 34  10  ?   ?   ?   A . n 
A 1 35  SER 35  11  ?   ?   ?   A . n 
A 1 36  PRO 36  12  ?   ?   ?   A . n 
A 1 37  ALA 37  13  ?   ?   ?   A . n 
A 1 38  ARG 38  14  ?   ?   ?   A . n 
A 1 39  LYS 39  15  ?   ?   ?   A . n 
A 1 40  GLY 40  16  ?   ?   ?   A . n 
A 1 41  HIS 41  17  ?   ?   ?   A . n 
A 1 42  SER 42  18  ?   ?   ?   A . n 
A 1 43  HIS 43  19  19  HIS HIS A . n 
A 1 44  HIS 44  20  20  HIS HIS A . n 
A 1 45  ASP 45  21  21  ASP ASP A . n 
A 1 46  PRO 46  22  22  PRO PRO A . n 
A 1 47  ALA 47  23  23  ALA ALA A . n 
A 1 48  SER 48  24  24  SER SER A . n 
A 1 49  ASP 49  25  25  ASP ASP A . n 
A 1 50  GLU 50  26  26  GLU GLU A . n 
A 1 51  PHE 51  27  27  PHE PHE A . n 
A 1 52  ARG 52  28  28  ARG ARG A . n 
A 1 53  LYS 53  29  29  LYS LYS A . n 
A 1 54  GLU 54  30  30  GLU GLU A . n 
A 1 55  ASP 55  31  31  ASP ASP A . n 
A 1 56  PHE 56  32  32  PHE PHE A . n 
A 1 57  PRO 57  33  33  PRO PRO A . n 
A 1 58  PHE 58  34  34  PHE PHE A . n 
A 1 59  TYR 59  35  35  TYR TYR A . n 
A 1 60  TRP 60  36  36  TRP TRP A . n 
A 1 61  LEU 61  37  37  LEU LEU A . n 
A 1 62  ALA 62  38  38  ALA ALA A . n 
A 1 63  ARG 63  39  39  ARG ARG A . n 
A 1 64  VAL 64  40  40  VAL VAL A . n 
A 1 65  HIS 65  41  41  HIS HIS A . n 
A 1 66  GLY 66  42  42  GLY GLY A . n 
A 1 67  ARG 67  43  43  ARG ARG A . n 
A 1 68  TYR 68  44  44  TYR TYR A . n 
A 1 69  THR 69  45  45  THR THR A . n 
A 1 70  GLN 70  46  46  GLN GLN A . n 
A 1 71  ASN 71  47  47  ASN ASN A . n 
A 1 72  MET 72  48  48  MET MET A . n 
A 1 73  GLU 73  49  49  GLU GLU A . n 
A 1 74  ARG 74  50  50  ARG ARG A . n 
A 1 75  LEU 75  51  51  LEU LEU A . n 
A 1 76  LEU 76  52  52  LEU LEU A . n 
A 1 77  LYS 77  53  53  LYS LYS A . n 
A 1 78  LYS 78  54  54  LYS LYS A . n 
A 1 79  ILE 79  55  55  ILE ILE A . n 
A 1 80  ASP 80  56  56  ASP ASP A . n 
A 1 81  LEU 81  57  57  LEU LEU A . n 
A 1 82  ASP 82  58  58  ASP ASP A . n 
A 1 83  VAL 83  59  59  VAL VAL A . n 
A 1 84  PRO 84  60  60  PRO PRO A . n 
A 1 85  ARG 85  61  61  ARG ARG A . n 
A 1 86  TRP 86  62  62  TRP TRP A . n 
A 1 87  ARG 87  63  63  ARG ARG A . n 
A 1 88  VAL 88  64  64  VAL VAL A . n 
A 1 89  LEU 89  65  65  LEU LEU A . n 
A 1 90  TRP 90  66  66  TRP TRP A . n 
A 1 91  ILE 91  67  67  ILE ILE A . n 
A 1 92  LEU 92  68  68  LEU LEU A . n 
A 1 93  ASN 93  69  69  ASN ASN A . n 
A 1 94  GLU 94  70  70  GLU GLU A . n 
A 1 95  ASN 95  71  71  ASN ASN A . n 
A 1 96  GLY 96  72  72  GLY GLY A . n 
A 1 97  GLU 97  73  73  GLU GLU A . n 
A 1 98  SER 98  74  74  SER SER A . n 
A 1 99  SER 99  75  75  SER SER A . n 
A 1 100 ILE 100 76  76  ILE ILE A . n 
A 1 101 SER 101 77  77  SER SER A . n 
A 1 102 GLU 102 78  78  GLU GLU A . n 
A 1 103 ILE 103 79  79  ILE ILE A . n 
A 1 104 SER 104 80  80  SER SER A . n 
A 1 105 THR 105 81  81  THR THR A . n 
A 1 106 HIS 106 82  82  HIS HIS A . n 
A 1 107 ALA 107 83  83  ALA ALA A . n 
A 1 108 ILE 108 84  84  ILE ILE A . n 
A 1 109 ALA 109 85  85  ALA ALA A . n 
A 1 110 LYS 110 86  86  LYS LYS A . n 
A 1 111 LEU 111 87  87  LEU LEU A . n 
A 1 112 SER 112 88  88  SER SER A . n 
A 1 113 THR 113 89  89  THR THR A . n 
A 1 114 ILE 114 90  90  ILE ILE A . n 
A 1 115 THR 115 91  91  THR THR A . n 
A 1 116 LYS 116 92  92  LYS LYS A . n 
A 1 117 ILE 117 93  93  ILE ILE A . n 
A 1 118 VAL 118 94  94  VAL VAL A . n 
A 1 119 TYR 119 95  95  TYR TYR A . n 
A 1 120 ARG 120 96  96  ARG ARG A . n 
A 1 121 MET 121 97  97  MET MET A . n 
A 1 122 LYS 122 98  98  LYS LYS A . n 
A 1 123 GLU 123 99  99  GLU GLU A . n 
A 1 124 ASP 124 100 100 ASP ASP A . n 
A 1 125 GLY 125 101 101 GLY GLY A . n 
A 1 126 LEU 126 102 102 LEU LEU A . n 
A 1 127 VAL 127 103 103 VAL VAL A . n 
A 1 128 ASP 128 104 104 ASP ASP A . n 
A 1 129 THR 129 105 105 THR THR A . n 
A 1 130 ALA 130 106 106 ALA ALA A . n 
A 1 131 PRO 131 107 107 PRO PRO A . n 
A 1 132 SER 132 108 108 SER SER A . n 
A 1 133 PRO 133 109 109 PRO PRO A . n 
A 1 134 GLU 134 110 110 GLU GLU A . n 
A 1 135 ASP 135 111 111 ASP ASP A . n 
A 1 136 GLY 136 112 112 GLY GLY A . n 
A 1 137 ARG 137 113 113 ARG ARG A . n 
A 1 138 VAL 138 114 114 VAL VAL A . n 
A 1 139 THR 139 115 115 THR THR A . n 
A 1 140 GLN 140 116 116 GLN GLN A . n 
A 1 141 VAL 141 117 117 VAL VAL A . n 
A 1 142 ARG 142 118 118 ARG ARG A . n 
A 1 143 ILE 143 119 119 ILE ILE A . n 
A 1 144 THR 144 120 120 THR THR A . n 
A 1 145 GLU 145 121 121 GLU GLU A . n 
A 1 146 VAL 146 122 122 VAL VAL A . n 
A 1 147 GLY 147 123 123 GLY GLY A . n 
A 1 148 LEU 148 124 124 LEU LEU A . n 
A 1 149 GLN 149 125 125 GLN GLN A . n 
A 1 150 ASN 150 126 126 ASN ASN A . n 
A 1 151 ILE 151 127 127 ILE ILE A . n 
A 1 152 GLU 152 128 128 GLU GLU A . n 
A 1 153 ARG 153 129 129 ARG ARG A . n 
A 1 154 MET 154 130 130 MET MET A . n 
A 1 155 GLN 155 131 131 GLN GLN A . n 
A 1 156 GLU 156 132 132 GLU GLU A . n 
A 1 157 VAL 157 133 133 VAL VAL A . n 
A 1 158 THR 158 134 134 THR THR A . n 
A 1 159 ARG 159 135 135 ARG ARG A . n 
A 1 160 GLU 160 136 136 GLU GLU A . n 
A 1 161 LEU 161 137 137 LEU LEU A . n 
A 1 162 PHE 162 138 138 PHE PHE A . n 
A 1 163 GLN 163 139 139 GLN GLN A . n 
A 1 164 ARG 164 140 140 ARG ARG A . n 
A 1 165 SER 165 141 141 SER SER A . n 
A 1 166 PHE 166 142 142 PHE PHE A . n 
A 1 167 LYS 167 143 143 LYS LYS A . n 
A 1 168 GLY 168 144 144 GLY GLY A . n 
A 1 169 LEU 169 145 145 LEU LEU A . n 
A 1 170 THR 170 146 146 THR THR A . n 
A 1 171 GLU 171 147 147 GLU GLU A . n 
A 1 172 ALA 172 148 148 ALA ALA A . n 
A 1 173 GLN 173 149 149 GLN GLN A . n 
A 1 174 VAL 174 150 150 VAL VAL A . n 
A 1 175 GLN 175 151 151 GLN GLN A . n 
A 1 176 ARG 176 152 152 ARG ARG A . n 
A 1 177 LEU 177 153 153 LEU LEU A . n 
A 1 178 ASN 178 154 154 ASN ASN A . n 
A 1 179 ARG 179 155 155 ARG ARG A . n 
A 1 180 MET 180 156 156 MET MET A . n 
A 1 181 LEU 181 157 157 LEU LEU A . n 
A 1 182 GLU 182 158 158 GLU GLU A . n 
A 1 183 VAL 183 159 159 VAL VAL A . n 
A 1 184 VAL 184 160 160 VAL VAL A . n 
A 1 185 PHE 185 161 161 PHE PHE A . n 
A 1 186 HIS 186 162 162 HIS HIS A . n 
A 1 187 ASN 187 163 163 ASN ASN A . n 
A 1 188 LEU 188 164 164 LEU LEU A . n 
A 1 189 GLU 189 165 165 GLU GLU A . n 
A 1 190 THR 190 166 166 THR THR A . n 
A 1 191 LEU 191 167 167 LEU LEU A . n 
# 
loop_
_pdbx_nonpoly_scheme.asym_id 
_pdbx_nonpoly_scheme.entity_id 
_pdbx_nonpoly_scheme.mon_id 
_pdbx_nonpoly_scheme.ndb_seq_num 
_pdbx_nonpoly_scheme.pdb_seq_num 
_pdbx_nonpoly_scheme.auth_seq_num 
_pdbx_nonpoly_scheme.pdb_mon_id 
_pdbx_nonpoly_scheme.auth_mon_id 
_pdbx_nonpoly_scheme.pdb_strand_id 
_pdbx_nonpoly_scheme.pdb_ins_code 
B 2 IAC 1  201 201 IAC IAA A . 
C 3 HOH 1  301 19  HOH HOH A . 
C 3 HOH 2  302 14  HOH HOH A . 
C 3 HOH 3  303 16  HOH HOH A . 
C 3 HOH 4  304 40  HOH HOH A . 
C 3 HOH 5  305 1   HOH HOH A . 
C 3 HOH 6  306 56  HOH HOH A . 
C 3 HOH 7  307 10  HOH HOH A . 
C 3 HOH 8  308 24  HOH HOH A . 
C 3 HOH 9  309 15  HOH HOH A . 
C 3 HOH 10 310 38  HOH HOH A . 
C 3 HOH 11 311 43  HOH HOH A . 
C 3 HOH 12 312 21  HOH HOH A . 
C 3 HOH 13 313 41  HOH HOH A . 
C 3 HOH 14 314 11  HOH HOH A . 
C 3 HOH 15 315 17  HOH HOH A . 
C 3 HOH 16 316 13  HOH HOH A . 
C 3 HOH 17 317 54  HOH HOH A . 
C 3 HOH 18 318 4   HOH HOH A . 
C 3 HOH 19 319 42  HOH HOH A . 
C 3 HOH 20 320 5   HOH HOH A . 
C 3 HOH 21 321 9   HOH HOH A . 
C 3 HOH 22 322 30  HOH HOH A . 
C 3 HOH 23 323 23  HOH HOH A . 
C 3 HOH 24 324 58  HOH HOH A . 
C 3 HOH 25 325 22  HOH HOH A . 
C 3 HOH 26 326 3   HOH HOH A . 
C 3 HOH 27 327 12  HOH HOH A . 
C 3 HOH 28 328 7   HOH HOH A . 
C 3 HOH 29 329 49  HOH HOH A . 
C 3 HOH 30 330 37  HOH HOH A . 
C 3 HOH 31 331 32  HOH HOH A . 
C 3 HOH 32 332 2   HOH HOH A . 
C 3 HOH 33 333 29  HOH HOH A . 
C 3 HOH 34 334 25  HOH HOH A . 
C 3 HOH 35 335 36  HOH HOH A . 
C 3 HOH 36 336 6   HOH HOH A . 
C 3 HOH 37 337 48  HOH HOH A . 
C 3 HOH 38 338 44  HOH HOH A . 
C 3 HOH 39 339 50  HOH HOH A . 
C 3 HOH 40 340 60  HOH HOH A . 
C 3 HOH 41 341 26  HOH HOH A . 
C 3 HOH 42 342 8   HOH HOH A . 
C 3 HOH 43 343 33  HOH HOH A . 
C 3 HOH 44 344 28  HOH HOH A . 
C 3 HOH 45 345 57  HOH HOH A . 
C 3 HOH 46 346 20  HOH HOH A . 
C 3 HOH 47 347 61  HOH HOH A . 
C 3 HOH 48 348 46  HOH HOH A . 
C 3 HOH 49 349 39  HOH HOH A . 
C 3 HOH 50 350 51  HOH HOH A . 
C 3 HOH 51 351 47  HOH HOH A . 
C 3 HOH 52 352 62  HOH HOH A . 
C 3 HOH 53 353 35  HOH HOH A . 
C 3 HOH 54 354 27  HOH HOH A . 
C 3 HOH 55 355 18  HOH HOH A . 
C 3 HOH 56 356 34  HOH HOH A . 
C 3 HOH 57 357 45  HOH HOH A . 
C 3 HOH 58 358 31  HOH HOH A . 
# 
_pdbx_struct_assembly.id                   1 
_pdbx_struct_assembly.details              author_and_software_defined_assembly 
_pdbx_struct_assembly.method_details       PISA 
_pdbx_struct_assembly.oligomeric_details   dimeric 
_pdbx_struct_assembly.oligomeric_count     2 
# 
_pdbx_struct_assembly_gen.assembly_id       1 
_pdbx_struct_assembly_gen.oper_expression   1,2 
_pdbx_struct_assembly_gen.asym_id_list      A,B,C 
# 
loop_
_pdbx_struct_assembly_prop.biol_id 
_pdbx_struct_assembly_prop.type 
_pdbx_struct_assembly_prop.value 
_pdbx_struct_assembly_prop.details 
1 'ABSA (A^2)' 7360  ? 
1 MORE         -38   ? 
1 'SSA (A^2)'  14640 ? 
# 
loop_
_pdbx_struct_oper_list.id 
_pdbx_struct_oper_list.type 
_pdbx_struct_oper_list.name 
_pdbx_struct_oper_list.symmetry_operation 
_pdbx_struct_oper_list.matrix[1][1] 
_pdbx_struct_oper_list.matrix[1][2] 
_pdbx_struct_oper_list.matrix[1][3] 
_pdbx_struct_oper_list.vector[1] 
_pdbx_struct_oper_list.matrix[2][1] 
_pdbx_struct_oper_list.matrix[2][2] 
_pdbx_struct_oper_list.matrix[2][3] 
_pdbx_struct_oper_list.vector[2] 
_pdbx_struct_oper_list.matrix[3][1] 
_pdbx_struct_oper_list.matrix[3][2] 
_pdbx_struct_oper_list.matrix[3][3] 
_pdbx_struct_oper_list.vector[3] 
1 'identity operation'         1_555 x,y,z  1.0000000000  0.0000000000 0.0000000000 0.0000000000  0.0000000000 1.0000000000 0.0000000000 0.0000000000 0.0000000000 0.0000000000 1.0000000000  0.0000000000   
2 'crystal symmetry operation' 4_555 y,x,-z -0.9366735609 0.2587369663 0.2360038612 16.0714632445 0.2587369663 0.0571385148 0.9642563831 6.1582654219 0.2360038612 0.9642563831 -0.1204649539 -11.0638844528 
# 
loop_
_pdbx_audit_revision_history.ordinal 
_pdbx_audit_revision_history.data_content_type 
_pdbx_audit_revision_history.major_revision 
_pdbx_audit_revision_history.minor_revision 
_pdbx_audit_revision_history.revision_date 
1 'Structure model' 1 0 2021-12-01 
2 'Structure model' 1 1 2022-11-23 
3 'Structure model' 1 2 2023-10-25 
# 
_pdbx_audit_revision_details.ordinal             1 
_pdbx_audit_revision_details.revision_ordinal    1 
_pdbx_audit_revision_details.data_content_type   'Structure model' 
_pdbx_audit_revision_details.provider            repository 
_pdbx_audit_revision_details.type                'Initial release' 
_pdbx_audit_revision_details.description         ? 
_pdbx_audit_revision_details.details             ? 
# 
loop_
_pdbx_audit_revision_group.ordinal 
_pdbx_audit_revision_group.revision_ordinal 
_pdbx_audit_revision_group.data_content_type 
_pdbx_audit_revision_group.group 
1 2 'Structure model' 'Database references'    
2 3 'Structure model' 'Data collection'        
3 3 'Structure model' 'Refinement description' 
# 
loop_
_pdbx_audit_revision_category.ordinal 
_pdbx_audit_revision_category.revision_ordinal 
_pdbx_audit_revision_category.data_content_type 
_pdbx_audit_revision_category.category 
1 2 'Structure model' citation                      
2 2 'Structure model' citation_author               
3 3 'Structure model' chem_comp_atom                
4 3 'Structure model' chem_comp_bond                
5 3 'Structure model' pdbx_initial_refinement_model 
# 
loop_
_pdbx_audit_revision_item.ordinal 
_pdbx_audit_revision_item.revision_ordinal 
_pdbx_audit_revision_item.data_content_type 
_pdbx_audit_revision_item.item 
1  2 'Structure model' '_citation.country'                 
2  2 'Structure model' '_citation.journal_abbrev'          
3  2 'Structure model' '_citation.journal_id_CSD'          
4  2 'Structure model' '_citation.journal_id_ISSN'         
5  2 'Structure model' '_citation.journal_volume'          
6  2 'Structure model' '_citation.page_first'              
7  2 'Structure model' '_citation.page_last'               
8  2 'Structure model' '_citation.pdbx_database_id_DOI'    
9  2 'Structure model' '_citation.pdbx_database_id_PubMed' 
10 2 'Structure model' '_citation.title'                   
11 2 'Structure model' '_citation.year'                    
# 
loop_
_space_group_symop.id 
_space_group_symop.operation_xyz 
1 x,y,z          
2 -y,x-y,z+1/3   
3 -x+y,-x,z+2/3  
4 x-y,-y,-z+2/3  
5 -x,-x+y,-z+1/3 
6 y,x,-z         
# 
loop_
_software.citation_id 
_software.classification 
_software.compiler_name 
_software.compiler_version 
_software.contact_author 
_software.contact_author_email 
_software.date 
_software.description 
_software.dependencies 
_software.hardware 
_software.language 
_software.location 
_software.mods 
_software.name 
_software.os 
_software.os_version 
_software.type 
_software.version 
_software.pdbx_ordinal 
? refinement       ? ? ? ? ? ? ? ? ? ? ? PHENIX   ? ? ? 1.17.1_3660 1 
? 'data reduction' ? ? ? ? ? ? ? ? ? ? ? HKL-2000 ? ? ? .           2 
? 'data scaling'   ? ? ? ? ? ? ? ? ? ? ? HKL-2000 ? ? ? .           3 
? phasing          ? ? ? ? ? ? ? ? ? ? ? PHENIX   ? ? ? .           4 
# 
_pdbx_entry_details.entry_id                 7KUA 
_pdbx_entry_details.has_ligand_of_interest   Y 
_pdbx_entry_details.compound_details         ? 
_pdbx_entry_details.source_details           ? 
_pdbx_entry_details.nonpolymer_details       ? 
_pdbx_entry_details.sequence_details         ? 
# 
loop_
_pdbx_unobs_or_zero_occ_residues.id 
_pdbx_unobs_or_zero_occ_residues.PDB_model_num 
_pdbx_unobs_or_zero_occ_residues.polymer_flag 
_pdbx_unobs_or_zero_occ_residues.occupancy_flag 
_pdbx_unobs_or_zero_occ_residues.auth_asym_id 
_pdbx_unobs_or_zero_occ_residues.auth_comp_id 
_pdbx_unobs_or_zero_occ_residues.auth_seq_id 
_pdbx_unobs_or_zero_occ_residues.PDB_ins_code 
_pdbx_unobs_or_zero_occ_residues.label_asym_id 
_pdbx_unobs_or_zero_occ_residues.label_comp_id 
_pdbx_unobs_or_zero_occ_residues.label_seq_id 
1  1 Y 1 A MET -23 ? A MET 1  
2  1 Y 1 A HIS -22 ? A HIS 2  
3  1 Y 1 A HIS -21 ? A HIS 3  
4  1 Y 1 A HIS -20 ? A HIS 4  
5  1 Y 1 A HIS -19 ? A HIS 5  
6  1 Y 1 A HIS -18 ? A HIS 6  
7  1 Y 1 A HIS -17 ? A HIS 7  
8  1 Y 1 A SER -16 ? A SER 8  
9  1 Y 1 A SER -15 ? A SER 9  
10 1 Y 1 A GLY -14 ? A GLY 10 
11 1 Y 1 A VAL -13 ? A VAL 11 
12 1 Y 1 A ASP -12 ? A ASP 12 
13 1 Y 1 A LEU -11 ? A LEU 13 
14 1 Y 1 A GLY -10 ? A GLY 14 
15 1 Y 1 A THR -9  ? A THR 15 
16 1 Y 1 A GLU -8  ? A GLU 16 
17 1 Y 1 A ASN -7  ? A ASN 17 
18 1 Y 1 A LEU -6  ? A LEU 18 
19 1 Y 1 A TYR -5  ? A TYR 19 
20 1 Y 1 A PHE -4  ? A PHE 20 
21 1 Y 1 A GLN -3  ? A GLN 21 
22 1 Y 1 A SER -2  ? A SER 22 
23 1 Y 1 A ASN -1  ? A ASN 23 
24 1 Y 1 A ALA 0   ? A ALA 24 
25 1 Y 1 A MET 1   ? A MET 25 
26 1 Y 1 A SER 2   ? A SER 26 
27 1 Y 1 A ASN 3   ? A ASN 27 
28 1 Y 1 A ALA 4   ? A ALA 28 
29 1 Y 1 A LYS 5   ? A LYS 29 
30 1 Y 1 A ASN 6   ? A ASN 30 
31 1 Y 1 A THR 7   ? A THR 31 
32 1 Y 1 A SER 8   ? A SER 32 
33 1 Y 1 A ALA 9   ? A ALA 33 
34 1 Y 1 A ALA 10  ? A ALA 34 
35 1 Y 1 A SER 11  ? A SER 35 
36 1 Y 1 A PRO 12  ? A PRO 36 
37 1 Y 1 A ALA 13  ? A ALA 37 
38 1 Y 1 A ARG 14  ? A ARG 38 
39 1 Y 1 A LYS 15  ? A LYS 39 
40 1 Y 1 A GLY 16  ? A GLY 40 
41 1 Y 1 A HIS 17  ? A HIS 41 
42 1 Y 1 A SER 18  ? A SER 42 
# 
loop_
_chem_comp_atom.comp_id 
_chem_comp_atom.atom_id 
_chem_comp_atom.type_symbol 
_chem_comp_atom.pdbx_aromatic_flag 
_chem_comp_atom.pdbx_stereo_config 
_chem_comp_atom.pdbx_ordinal 
ALA N    N N N 1   
ALA CA   C N S 2   
ALA C    C N N 3   
ALA O    O N N 4   
ALA CB   C N N 5   
ALA OXT  O N N 6   
ALA H    H N N 7   
ALA H2   H N N 8   
ALA HA   H N N 9   
ALA HB1  H N N 10  
ALA HB2  H N N 11  
ALA HB3  H N N 12  
ALA HXT  H N N 13  
ARG N    N N N 14  
ARG CA   C N S 15  
ARG C    C N N 16  
ARG O    O N N 17  
ARG CB   C N N 18  
ARG CG   C N N 19  
ARG CD   C N N 20  
ARG NE   N N N 21  
ARG CZ   C N N 22  
ARG NH1  N N N 23  
ARG NH2  N N N 24  
ARG OXT  O N N 25  
ARG H    H N N 26  
ARG H2   H N N 27  
ARG HA   H N N 28  
ARG HB2  H N N 29  
ARG HB3  H N N 30  
ARG HG2  H N N 31  
ARG HG3  H N N 32  
ARG HD2  H N N 33  
ARG HD3  H N N 34  
ARG HE   H N N 35  
ARG HH11 H N N 36  
ARG HH12 H N N 37  
ARG HH21 H N N 38  
ARG HH22 H N N 39  
ARG HXT  H N N 40  
ASN N    N N N 41  
ASN CA   C N S 42  
ASN C    C N N 43  
ASN O    O N N 44  
ASN CB   C N N 45  
ASN CG   C N N 46  
ASN OD1  O N N 47  
ASN ND2  N N N 48  
ASN OXT  O N N 49  
ASN H    H N N 50  
ASN H2   H N N 51  
ASN HA   H N N 52  
ASN HB2  H N N 53  
ASN HB3  H N N 54  
ASN HD21 H N N 55  
ASN HD22 H N N 56  
ASN HXT  H N N 57  
ASP N    N N N 58  
ASP CA   C N S 59  
ASP C    C N N 60  
ASP O    O N N 61  
ASP CB   C N N 62  
ASP CG   C N N 63  
ASP OD1  O N N 64  
ASP OD2  O N N 65  
ASP OXT  O N N 66  
ASP H    H N N 67  
ASP H2   H N N 68  
ASP HA   H N N 69  
ASP HB2  H N N 70  
ASP HB3  H N N 71  
ASP HD2  H N N 72  
ASP HXT  H N N 73  
GLN N    N N N 74  
GLN CA   C N S 75  
GLN C    C N N 76  
GLN O    O N N 77  
GLN CB   C N N 78  
GLN CG   C N N 79  
GLN CD   C N N 80  
GLN OE1  O N N 81  
GLN NE2  N N N 82  
GLN OXT  O N N 83  
GLN H    H N N 84  
GLN H2   H N N 85  
GLN HA   H N N 86  
GLN HB2  H N N 87  
GLN HB3  H N N 88  
GLN HG2  H N N 89  
GLN HG3  H N N 90  
GLN HE21 H N N 91  
GLN HE22 H N N 92  
GLN HXT  H N N 93  
GLU N    N N N 94  
GLU CA   C N S 95  
GLU C    C N N 96  
GLU O    O N N 97  
GLU CB   C N N 98  
GLU CG   C N N 99  
GLU CD   C N N 100 
GLU OE1  O N N 101 
GLU OE2  O N N 102 
GLU OXT  O N N 103 
GLU H    H N N 104 
GLU H2   H N N 105 
GLU HA   H N N 106 
GLU HB2  H N N 107 
GLU HB3  H N N 108 
GLU HG2  H N N 109 
GLU HG3  H N N 110 
GLU HE2  H N N 111 
GLU HXT  H N N 112 
GLY N    N N N 113 
GLY CA   C N N 114 
GLY C    C N N 115 
GLY O    O N N 116 
GLY OXT  O N N 117 
GLY H    H N N 118 
GLY H2   H N N 119 
GLY HA2  H N N 120 
GLY HA3  H N N 121 
GLY HXT  H N N 122 
HIS N    N N N 123 
HIS CA   C N S 124 
HIS C    C N N 125 
HIS O    O N N 126 
HIS CB   C N N 127 
HIS CG   C Y N 128 
HIS ND1  N Y N 129 
HIS CD2  C Y N 130 
HIS CE1  C Y N 131 
HIS NE2  N Y N 132 
HIS OXT  O N N 133 
HIS H    H N N 134 
HIS H2   H N N 135 
HIS HA   H N N 136 
HIS HB2  H N N 137 
HIS HB3  H N N 138 
HIS HD1  H N N 139 
HIS HD2  H N N 140 
HIS HE1  H N N 141 
HIS HE2  H N N 142 
HIS HXT  H N N 143 
HOH O    O N N 144 
HOH H1   H N N 145 
HOH H2   H N N 146 
IAC C    C Y N 147 
IAC C1   C Y N 148 
IAC C2   C Y N 149 
IAC C3   C Y N 150 
IAC C4   C Y N 151 
IAC C5   C Y N 152 
IAC C7   C Y N 153 
IAC C8   C Y N 154 
IAC C17  C N N 155 
IAC C18  C N N 156 
IAC N    N Y N 157 
IAC O2   O N N 158 
IAC O3   O N N 159 
IAC H2   H N N 160 
IAC H3   H N N 161 
IAC H4   H N N 162 
IAC H5   H N N 163 
IAC H8   H N N 164 
IAC H171 H N N 165 
IAC H172 H N N 166 
IAC HN   H N N 167 
IAC HO2  H N N 168 
ILE N    N N N 169 
ILE CA   C N S 170 
ILE C    C N N 171 
ILE O    O N N 172 
ILE CB   C N S 173 
ILE CG1  C N N 174 
ILE CG2  C N N 175 
ILE CD1  C N N 176 
ILE OXT  O N N 177 
ILE H    H N N 178 
ILE H2   H N N 179 
ILE HA   H N N 180 
ILE HB   H N N 181 
ILE HG12 H N N 182 
ILE HG13 H N N 183 
ILE HG21 H N N 184 
ILE HG22 H N N 185 
ILE HG23 H N N 186 
ILE HD11 H N N 187 
ILE HD12 H N N 188 
ILE HD13 H N N 189 
ILE HXT  H N N 190 
LEU N    N N N 191 
LEU CA   C N S 192 
LEU C    C N N 193 
LEU O    O N N 194 
LEU CB   C N N 195 
LEU CG   C N N 196 
LEU CD1  C N N 197 
LEU CD2  C N N 198 
LEU OXT  O N N 199 
LEU H    H N N 200 
LEU H2   H N N 201 
LEU HA   H N N 202 
LEU HB2  H N N 203 
LEU HB3  H N N 204 
LEU HG   H N N 205 
LEU HD11 H N N 206 
LEU HD12 H N N 207 
LEU HD13 H N N 208 
LEU HD21 H N N 209 
LEU HD22 H N N 210 
LEU HD23 H N N 211 
LEU HXT  H N N 212 
LYS N    N N N 213 
LYS CA   C N S 214 
LYS C    C N N 215 
LYS O    O N N 216 
LYS CB   C N N 217 
LYS CG   C N N 218 
LYS CD   C N N 219 
LYS CE   C N N 220 
LYS NZ   N N N 221 
LYS OXT  O N N 222 
LYS H    H N N 223 
LYS H2   H N N 224 
LYS HA   H N N 225 
LYS HB2  H N N 226 
LYS HB3  H N N 227 
LYS HG2  H N N 228 
LYS HG3  H N N 229 
LYS HD2  H N N 230 
LYS HD3  H N N 231 
LYS HE2  H N N 232 
LYS HE3  H N N 233 
LYS HZ1  H N N 234 
LYS HZ2  H N N 235 
LYS HZ3  H N N 236 
LYS HXT  H N N 237 
MET N    N N N 238 
MET CA   C N S 239 
MET C    C N N 240 
MET O    O N N 241 
MET CB   C N N 242 
MET CG   C N N 243 
MET SD   S N N 244 
MET CE   C N N 245 
MET OXT  O N N 246 
MET H    H N N 247 
MET H2   H N N 248 
MET HA   H N N 249 
MET HB2  H N N 250 
MET HB3  H N N 251 
MET HG2  H N N 252 
MET HG3  H N N 253 
MET HE1  H N N 254 
MET HE2  H N N 255 
MET HE3  H N N 256 
MET HXT  H N N 257 
PHE N    N N N 258 
PHE CA   C N S 259 
PHE C    C N N 260 
PHE O    O N N 261 
PHE CB   C N N 262 
PHE CG   C Y N 263 
PHE CD1  C Y N 264 
PHE CD2  C Y N 265 
PHE CE1  C Y N 266 
PHE CE2  C Y N 267 
PHE CZ   C Y N 268 
PHE OXT  O N N 269 
PHE H    H N N 270 
PHE H2   H N N 271 
PHE HA   H N N 272 
PHE HB2  H N N 273 
PHE HB3  H N N 274 
PHE HD1  H N N 275 
PHE HD2  H N N 276 
PHE HE1  H N N 277 
PHE HE2  H N N 278 
PHE HZ   H N N 279 
PHE HXT  H N N 280 
PRO N    N N N 281 
PRO CA   C N S 282 
PRO C    C N N 283 
PRO O    O N N 284 
PRO CB   C N N 285 
PRO CG   C N N 286 
PRO CD   C N N 287 
PRO OXT  O N N 288 
PRO H    H N N 289 
PRO HA   H N N 290 
PRO HB2  H N N 291 
PRO HB3  H N N 292 
PRO HG2  H N N 293 
PRO HG3  H N N 294 
PRO HD2  H N N 295 
PRO HD3  H N N 296 
PRO HXT  H N N 297 
SER N    N N N 298 
SER CA   C N S 299 
SER C    C N N 300 
SER O    O N N 301 
SER CB   C N N 302 
SER OG   O N N 303 
SER OXT  O N N 304 
SER H    H N N 305 
SER H2   H N N 306 
SER HA   H N N 307 
SER HB2  H N N 308 
SER HB3  H N N 309 
SER HG   H N N 310 
SER HXT  H N N 311 
THR N    N N N 312 
THR CA   C N S 313 
THR C    C N N 314 
THR O    O N N 315 
THR CB   C N R 316 
THR OG1  O N N 317 
THR CG2  C N N 318 
THR OXT  O N N 319 
THR H    H N N 320 
THR H2   H N N 321 
THR HA   H N N 322 
THR HB   H N N 323 
THR HG1  H N N 324 
THR HG21 H N N 325 
THR HG22 H N N 326 
THR HG23 H N N 327 
THR HXT  H N N 328 
TRP N    N N N 329 
TRP CA   C N S 330 
TRP C    C N N 331 
TRP O    O N N 332 
TRP CB   C N N 333 
TRP CG   C Y N 334 
TRP CD1  C Y N 335 
TRP CD2  C Y N 336 
TRP NE1  N Y N 337 
TRP CE2  C Y N 338 
TRP CE3  C Y N 339 
TRP CZ2  C Y N 340 
TRP CZ3  C Y N 341 
TRP CH2  C Y N 342 
TRP OXT  O N N 343 
TRP H    H N N 344 
TRP H2   H N N 345 
TRP HA   H N N 346 
TRP HB2  H N N 347 
TRP HB3  H N N 348 
TRP HD1  H N N 349 
TRP HE1  H N N 350 
TRP HE3  H N N 351 
TRP HZ2  H N N 352 
TRP HZ3  H N N 353 
TRP HH2  H N N 354 
TRP HXT  H N N 355 
TYR N    N N N 356 
TYR CA   C N S 357 
TYR C    C N N 358 
TYR O    O N N 359 
TYR CB   C N N 360 
TYR CG   C Y N 361 
TYR CD1  C Y N 362 
TYR CD2  C Y N 363 
TYR CE1  C Y N 364 
TYR CE2  C Y N 365 
TYR CZ   C Y N 366 
TYR OH   O N N 367 
TYR OXT  O N N 368 
TYR H    H N N 369 
TYR H2   H N N 370 
TYR HA   H N N 371 
TYR HB2  H N N 372 
TYR HB3  H N N 373 
TYR HD1  H N N 374 
TYR HD2  H N N 375 
TYR HE1  H N N 376 
TYR HE2  H N N 377 
TYR HH   H N N 378 
TYR HXT  H N N 379 
VAL N    N N N 380 
VAL CA   C N S 381 
VAL C    C N N 382 
VAL O    O N N 383 
VAL CB   C N N 384 
VAL CG1  C N N 385 
VAL CG2  C N N 386 
VAL OXT  O N N 387 
VAL H    H N N 388 
VAL H2   H N N 389 
VAL HA   H N N 390 
VAL HB   H N N 391 
VAL HG11 H N N 392 
VAL HG12 H N N 393 
VAL HG13 H N N 394 
VAL HG21 H N N 395 
VAL HG22 H N N 396 
VAL HG23 H N N 397 
VAL HXT  H N N 398 
# 
loop_
_chem_comp_bond.comp_id 
_chem_comp_bond.atom_id_1 
_chem_comp_bond.atom_id_2 
_chem_comp_bond.value_order 
_chem_comp_bond.pdbx_aromatic_flag 
_chem_comp_bond.pdbx_stereo_config 
_chem_comp_bond.pdbx_ordinal 
ALA N   CA   sing N N 1   
ALA N   H    sing N N 2   
ALA N   H2   sing N N 3   
ALA CA  C    sing N N 4   
ALA CA  CB   sing N N 5   
ALA CA  HA   sing N N 6   
ALA C   O    doub N N 7   
ALA C   OXT  sing N N 8   
ALA CB  HB1  sing N N 9   
ALA CB  HB2  sing N N 10  
ALA CB  HB3  sing N N 11  
ALA OXT HXT  sing N N 12  
ARG N   CA   sing N N 13  
ARG N   H    sing N N 14  
ARG N   H2   sing N N 15  
ARG CA  C    sing N N 16  
ARG CA  CB   sing N N 17  
ARG CA  HA   sing N N 18  
ARG C   O    doub N N 19  
ARG C   OXT  sing N N 20  
ARG CB  CG   sing N N 21  
ARG CB  HB2  sing N N 22  
ARG CB  HB3  sing N N 23  
ARG CG  CD   sing N N 24  
ARG CG  HG2  sing N N 25  
ARG CG  HG3  sing N N 26  
ARG CD  NE   sing N N 27  
ARG CD  HD2  sing N N 28  
ARG CD  HD3  sing N N 29  
ARG NE  CZ   sing N N 30  
ARG NE  HE   sing N N 31  
ARG CZ  NH1  sing N N 32  
ARG CZ  NH2  doub N N 33  
ARG NH1 HH11 sing N N 34  
ARG NH1 HH12 sing N N 35  
ARG NH2 HH21 sing N N 36  
ARG NH2 HH22 sing N N 37  
ARG OXT HXT  sing N N 38  
ASN N   CA   sing N N 39  
ASN N   H    sing N N 40  
ASN N   H2   sing N N 41  
ASN CA  C    sing N N 42  
ASN CA  CB   sing N N 43  
ASN CA  HA   sing N N 44  
ASN C   O    doub N N 45  
ASN C   OXT  sing N N 46  
ASN CB  CG   sing N N 47  
ASN CB  HB2  sing N N 48  
ASN CB  HB3  sing N N 49  
ASN CG  OD1  doub N N 50  
ASN CG  ND2  sing N N 51  
ASN ND2 HD21 sing N N 52  
ASN ND2 HD22 sing N N 53  
ASN OXT HXT  sing N N 54  
ASP N   CA   sing N N 55  
ASP N   H    sing N N 56  
ASP N   H2   sing N N 57  
ASP CA  C    sing N N 58  
ASP CA  CB   sing N N 59  
ASP CA  HA   sing N N 60  
ASP C   O    doub N N 61  
ASP C   OXT  sing N N 62  
ASP CB  CG   sing N N 63  
ASP CB  HB2  sing N N 64  
ASP CB  HB3  sing N N 65  
ASP CG  OD1  doub N N 66  
ASP CG  OD2  sing N N 67  
ASP OD2 HD2  sing N N 68  
ASP OXT HXT  sing N N 69  
GLN N   CA   sing N N 70  
GLN N   H    sing N N 71  
GLN N   H2   sing N N 72  
GLN CA  C    sing N N 73  
GLN CA  CB   sing N N 74  
GLN CA  HA   sing N N 75  
GLN C   O    doub N N 76  
GLN C   OXT  sing N N 77  
GLN CB  CG   sing N N 78  
GLN CB  HB2  sing N N 79  
GLN CB  HB3  sing N N 80  
GLN CG  CD   sing N N 81  
GLN CG  HG2  sing N N 82  
GLN CG  HG3  sing N N 83  
GLN CD  OE1  doub N N 84  
GLN CD  NE2  sing N N 85  
GLN NE2 HE21 sing N N 86  
GLN NE2 HE22 sing N N 87  
GLN OXT HXT  sing N N 88  
GLU N   CA   sing N N 89  
GLU N   H    sing N N 90  
GLU N   H2   sing N N 91  
GLU CA  C    sing N N 92  
GLU CA  CB   sing N N 93  
GLU CA  HA   sing N N 94  
GLU C   O    doub N N 95  
GLU C   OXT  sing N N 96  
GLU CB  CG   sing N N 97  
GLU CB  HB2  sing N N 98  
GLU CB  HB3  sing N N 99  
GLU CG  CD   sing N N 100 
GLU CG  HG2  sing N N 101 
GLU CG  HG3  sing N N 102 
GLU CD  OE1  doub N N 103 
GLU CD  OE2  sing N N 104 
GLU OE2 HE2  sing N N 105 
GLU OXT HXT  sing N N 106 
GLY N   CA   sing N N 107 
GLY N   H    sing N N 108 
GLY N   H2   sing N N 109 
GLY CA  C    sing N N 110 
GLY CA  HA2  sing N N 111 
GLY CA  HA3  sing N N 112 
GLY C   O    doub N N 113 
GLY C   OXT  sing N N 114 
GLY OXT HXT  sing N N 115 
HIS N   CA   sing N N 116 
HIS N   H    sing N N 117 
HIS N   H2   sing N N 118 
HIS CA  C    sing N N 119 
HIS CA  CB   sing N N 120 
HIS CA  HA   sing N N 121 
HIS C   O    doub N N 122 
HIS C   OXT  sing N N 123 
HIS CB  CG   sing N N 124 
HIS CB  HB2  sing N N 125 
HIS CB  HB3  sing N N 126 
HIS CG  ND1  sing Y N 127 
HIS CG  CD2  doub Y N 128 
HIS ND1 CE1  doub Y N 129 
HIS ND1 HD1  sing N N 130 
HIS CD2 NE2  sing Y N 131 
HIS CD2 HD2  sing N N 132 
HIS CE1 NE2  sing Y N 133 
HIS CE1 HE1  sing N N 134 
HIS NE2 HE2  sing N N 135 
HIS OXT HXT  sing N N 136 
HOH O   H1   sing N N 137 
HOH O   H2   sing N N 138 
IAC C   N    sing Y N 139 
IAC C   C1   doub Y N 140 
IAC C   C5   sing Y N 141 
IAC C1  C7   sing Y N 142 
IAC C1  C2   sing Y N 143 
IAC C2  C3   doub Y N 144 
IAC C2  H2   sing N N 145 
IAC C3  C4   sing Y N 146 
IAC C3  H3   sing N N 147 
IAC C4  C5   doub Y N 148 
IAC C4  H4   sing N N 149 
IAC C5  H5   sing N N 150 
IAC C7  C17  sing N N 151 
IAC C7  C8   doub Y N 152 
IAC C8  N    sing Y N 153 
IAC C8  H8   sing N N 154 
IAC C17 C18  sing N N 155 
IAC C17 H171 sing N N 156 
IAC C17 H172 sing N N 157 
IAC C18 O3   doub N N 158 
IAC C18 O2   sing N N 159 
IAC N   HN   sing N N 160 
IAC O2  HO2  sing N N 161 
ILE N   CA   sing N N 162 
ILE N   H    sing N N 163 
ILE N   H2   sing N N 164 
ILE CA  C    sing N N 165 
ILE CA  CB   sing N N 166 
ILE CA  HA   sing N N 167 
ILE C   O    doub N N 168 
ILE C   OXT  sing N N 169 
ILE CB  CG1  sing N N 170 
ILE CB  CG2  sing N N 171 
ILE CB  HB   sing N N 172 
ILE CG1 CD1  sing N N 173 
ILE CG1 HG12 sing N N 174 
ILE CG1 HG13 sing N N 175 
ILE CG2 HG21 sing N N 176 
ILE CG2 HG22 sing N N 177 
ILE CG2 HG23 sing N N 178 
ILE CD1 HD11 sing N N 179 
ILE CD1 HD12 sing N N 180 
ILE CD1 HD13 sing N N 181 
ILE OXT HXT  sing N N 182 
LEU N   CA   sing N N 183 
LEU N   H    sing N N 184 
LEU N   H2   sing N N 185 
LEU CA  C    sing N N 186 
LEU CA  CB   sing N N 187 
LEU CA  HA   sing N N 188 
LEU C   O    doub N N 189 
LEU C   OXT  sing N N 190 
LEU CB  CG   sing N N 191 
LEU CB  HB2  sing N N 192 
LEU CB  HB3  sing N N 193 
LEU CG  CD1  sing N N 194 
LEU CG  CD2  sing N N 195 
LEU CG  HG   sing N N 196 
LEU CD1 HD11 sing N N 197 
LEU CD1 HD12 sing N N 198 
LEU CD1 HD13 sing N N 199 
LEU CD2 HD21 sing N N 200 
LEU CD2 HD22 sing N N 201 
LEU CD2 HD23 sing N N 202 
LEU OXT HXT  sing N N 203 
LYS N   CA   sing N N 204 
LYS N   H    sing N N 205 
LYS N   H2   sing N N 206 
LYS CA  C    sing N N 207 
LYS CA  CB   sing N N 208 
LYS CA  HA   sing N N 209 
LYS C   O    doub N N 210 
LYS C   OXT  sing N N 211 
LYS CB  CG   sing N N 212 
LYS CB  HB2  sing N N 213 
LYS CB  HB3  sing N N 214 
LYS CG  CD   sing N N 215 
LYS CG  HG2  sing N N 216 
LYS CG  HG3  sing N N 217 
LYS CD  CE   sing N N 218 
LYS CD  HD2  sing N N 219 
LYS CD  HD3  sing N N 220 
LYS CE  NZ   sing N N 221 
LYS CE  HE2  sing N N 222 
LYS CE  HE3  sing N N 223 
LYS NZ  HZ1  sing N N 224 
LYS NZ  HZ2  sing N N 225 
LYS NZ  HZ3  sing N N 226 
LYS OXT HXT  sing N N 227 
MET N   CA   sing N N 228 
MET N   H    sing N N 229 
MET N   H2   sing N N 230 
MET CA  C    sing N N 231 
MET CA  CB   sing N N 232 
MET CA  HA   sing N N 233 
MET C   O    doub N N 234 
MET C   OXT  sing N N 235 
MET CB  CG   sing N N 236 
MET CB  HB2  sing N N 237 
MET CB  HB3  sing N N 238 
MET CG  SD   sing N N 239 
MET CG  HG2  sing N N 240 
MET CG  HG3  sing N N 241 
MET SD  CE   sing N N 242 
MET CE  HE1  sing N N 243 
MET CE  HE2  sing N N 244 
MET CE  HE3  sing N N 245 
MET OXT HXT  sing N N 246 
PHE N   CA   sing N N 247 
PHE N   H    sing N N 248 
PHE N   H2   sing N N 249 
PHE CA  C    sing N N 250 
PHE CA  CB   sing N N 251 
PHE CA  HA   sing N N 252 
PHE C   O    doub N N 253 
PHE C   OXT  sing N N 254 
PHE CB  CG   sing N N 255 
PHE CB  HB2  sing N N 256 
PHE CB  HB3  sing N N 257 
PHE CG  CD1  doub Y N 258 
PHE CG  CD2  sing Y N 259 
PHE CD1 CE1  sing Y N 260 
PHE CD1 HD1  sing N N 261 
PHE CD2 CE2  doub Y N 262 
PHE CD2 HD2  sing N N 263 
PHE CE1 CZ   doub Y N 264 
PHE CE1 HE1  sing N N 265 
PHE CE2 CZ   sing Y N 266 
PHE CE2 HE2  sing N N 267 
PHE CZ  HZ   sing N N 268 
PHE OXT HXT  sing N N 269 
PRO N   CA   sing N N 270 
PRO N   CD   sing N N 271 
PRO N   H    sing N N 272 
PRO CA  C    sing N N 273 
PRO CA  CB   sing N N 274 
PRO CA  HA   sing N N 275 
PRO C   O    doub N N 276 
PRO C   OXT  sing N N 277 
PRO CB  CG   sing N N 278 
PRO CB  HB2  sing N N 279 
PRO CB  HB3  sing N N 280 
PRO CG  CD   sing N N 281 
PRO CG  HG2  sing N N 282 
PRO CG  HG3  sing N N 283 
PRO CD  HD2  sing N N 284 
PRO CD  HD3  sing N N 285 
PRO OXT HXT  sing N N 286 
SER N   CA   sing N N 287 
SER N   H    sing N N 288 
SER N   H2   sing N N 289 
SER CA  C    sing N N 290 
SER CA  CB   sing N N 291 
SER CA  HA   sing N N 292 
SER C   O    doub N N 293 
SER C   OXT  sing N N 294 
SER CB  OG   sing N N 295 
SER CB  HB2  sing N N 296 
SER CB  HB3  sing N N 297 
SER OG  HG   sing N N 298 
SER OXT HXT  sing N N 299 
THR N   CA   sing N N 300 
THR N   H    sing N N 301 
THR N   H2   sing N N 302 
THR CA  C    sing N N 303 
THR CA  CB   sing N N 304 
THR CA  HA   sing N N 305 
THR C   O    doub N N 306 
THR C   OXT  sing N N 307 
THR CB  OG1  sing N N 308 
THR CB  CG2  sing N N 309 
THR CB  HB   sing N N 310 
THR OG1 HG1  sing N N 311 
THR CG2 HG21 sing N N 312 
THR CG2 HG22 sing N N 313 
THR CG2 HG23 sing N N 314 
THR OXT HXT  sing N N 315 
TRP N   CA   sing N N 316 
TRP N   H    sing N N 317 
TRP N   H2   sing N N 318 
TRP CA  C    sing N N 319 
TRP CA  CB   sing N N 320 
TRP CA  HA   sing N N 321 
TRP C   O    doub N N 322 
TRP C   OXT  sing N N 323 
TRP CB  CG   sing N N 324 
TRP CB  HB2  sing N N 325 
TRP CB  HB3  sing N N 326 
TRP CG  CD1  doub Y N 327 
TRP CG  CD2  sing Y N 328 
TRP CD1 NE1  sing Y N 329 
TRP CD1 HD1  sing N N 330 
TRP CD2 CE2  doub Y N 331 
TRP CD2 CE3  sing Y N 332 
TRP NE1 CE2  sing Y N 333 
TRP NE1 HE1  sing N N 334 
TRP CE2 CZ2  sing Y N 335 
TRP CE3 CZ3  doub Y N 336 
TRP CE3 HE3  sing N N 337 
TRP CZ2 CH2  doub Y N 338 
TRP CZ2 HZ2  sing N N 339 
TRP CZ3 CH2  sing Y N 340 
TRP CZ3 HZ3  sing N N 341 
TRP CH2 HH2  sing N N 342 
TRP OXT HXT  sing N N 343 
TYR N   CA   sing N N 344 
TYR N   H    sing N N 345 
TYR N   H2   sing N N 346 
TYR CA  C    sing N N 347 
TYR CA  CB   sing N N 348 
TYR CA  HA   sing N N 349 
TYR C   O    doub N N 350 
TYR C   OXT  sing N N 351 
TYR CB  CG   sing N N 352 
TYR CB  HB2  sing N N 353 
TYR CB  HB3  sing N N 354 
TYR CG  CD1  doub Y N 355 
TYR CG  CD2  sing Y N 356 
TYR CD1 CE1  sing Y N 357 
TYR CD1 HD1  sing N N 358 
TYR CD2 CE2  doub Y N 359 
TYR CD2 HD2  sing N N 360 
TYR CE1 CZ   doub Y N 361 
TYR CE1 HE1  sing N N 362 
TYR CE2 CZ   sing Y N 363 
TYR CE2 HE2  sing N N 364 
TYR CZ  OH   sing N N 365 
TYR OH  HH   sing N N 366 
TYR OXT HXT  sing N N 367 
VAL N   CA   sing N N 368 
VAL N   H    sing N N 369 
VAL N   H2   sing N N 370 
VAL CA  C    sing N N 371 
VAL CA  CB   sing N N 372 
VAL CA  HA   sing N N 373 
VAL C   O    doub N N 374 
VAL C   OXT  sing N N 375 
VAL CB  CG1  sing N N 376 
VAL CB  CG2  sing N N 377 
VAL CB  HB   sing N N 378 
VAL CG1 HG11 sing N N 379 
VAL CG1 HG12 sing N N 380 
VAL CG1 HG13 sing N N 381 
VAL CG2 HG21 sing N N 382 
VAL CG2 HG22 sing N N 383 
VAL CG2 HG23 sing N N 384 
VAL OXT HXT  sing N N 385 
# 
_pdbx_audit_support.funding_organization   'National Science Foundation (NSF, United States)' 
_pdbx_audit_support.country                'United States' 
_pdbx_audit_support.grant_number           IOS-1917270 
_pdbx_audit_support.ordinal                1 
# 
_pdbx_entity_instance_feature.ordinal        1 
_pdbx_entity_instance_feature.comp_id        IAC 
_pdbx_entity_instance_feature.asym_id        ? 
_pdbx_entity_instance_feature.seq_num        ? 
_pdbx_entity_instance_feature.auth_comp_id   IAC 
_pdbx_entity_instance_feature.auth_asym_id   ? 
_pdbx_entity_instance_feature.auth_seq_num   ? 
_pdbx_entity_instance_feature.feature_type   'SUBJECT OF INVESTIGATION' 
_pdbx_entity_instance_feature.details        ? 
# 
loop_
_pdbx_entity_nonpoly.entity_id 
_pdbx_entity_nonpoly.name 
_pdbx_entity_nonpoly.comp_id 
2 '1H-INDOL-3-YLACETIC ACID' IAC 
3 water                      HOH 
# 
_pdbx_initial_refinement_model.id               1 
_pdbx_initial_refinement_model.entity_id_list   ? 
_pdbx_initial_refinement_model.type             'experimental model' 
_pdbx_initial_refinement_model.source_name      PDB 
_pdbx_initial_refinement_model.accession_code   3CJN 
_pdbx_initial_refinement_model.details          ? 
# 
_pdbx_struct_assembly_auth_evidence.id                     1 
_pdbx_struct_assembly_auth_evidence.assembly_id            1 
_pdbx_struct_assembly_auth_evidence.experimental_support   'gel filtration' 
_pdbx_struct_assembly_auth_evidence.details                ? 
# 
_space_group.name_H-M_alt     'P 31 2 1' 
_space_group.name_Hall        
;P 31 2"
;
_space_group.IT_number        152 
_space_group.crystal_system   trigonal 
_space_group.id               1 
# 
